data_2KW1
#
_entry.id   2KW1
#
_entity_poly.entity_id   1
_entity_poly.type   'polypeptide(L)'
_entity_poly.pdbx_seq_one_letter_code
;EDRSKTTNTWVLHMDGENFRIVLEKDAMDVWCNGKKLETAGEFVDDGTETHFSIGNHDCYIKAVSSGKRKEGIIHTLIVD
NREIPEIAS
;
_entity_poly.pdbx_strand_id   A
#
# COMPACT_ATOMS: atom_id res chain seq x y z
N GLU A 1 14.64 -10.23 -9.69
CA GLU A 1 15.86 -10.75 -9.04
C GLU A 1 16.56 -9.62 -8.27
N ASP A 2 17.12 -9.92 -7.10
CA ASP A 2 17.72 -9.01 -6.11
C ASP A 2 16.77 -7.89 -5.65
N ARG A 3 16.52 -6.89 -6.50
CA ARG A 3 15.49 -5.87 -6.30
C ARG A 3 14.14 -6.47 -6.73
N SER A 4 13.69 -7.48 -5.98
CA SER A 4 12.37 -8.09 -6.15
C SER A 4 11.37 -7.52 -5.13
N LYS A 5 11.82 -7.30 -3.88
CA LYS A 5 10.98 -6.74 -2.80
C LYS A 5 10.94 -5.21 -2.79
N THR A 6 11.26 -4.59 -3.92
CA THR A 6 11.33 -3.15 -4.09
C THR A 6 10.03 -2.51 -3.58
N THR A 7 10.17 -1.57 -2.64
CA THR A 7 9.07 -0.91 -1.97
C THR A 7 8.29 0.00 -2.93
N ASN A 8 7.03 0.27 -2.59
CA ASN A 8 6.17 1.22 -3.30
C ASN A 8 5.92 2.39 -2.36
N THR A 9 5.96 3.61 -2.90
CA THR A 9 5.68 4.83 -2.16
C THR A 9 4.48 5.50 -2.83
N TRP A 10 3.63 6.11 -2.03
CA TRP A 10 2.47 6.87 -2.47
C TRP A 10 2.46 8.19 -1.70
N VAL A 11 1.89 9.23 -2.29
CA VAL A 11 1.61 10.48 -1.60
C VAL A 11 0.09 10.62 -1.48
N LEU A 12 -0.37 11.13 -0.33
CA LEU A 12 -1.77 11.42 -0.07
C LEU A 12 -1.86 12.88 0.32
N HIS A 13 -2.60 13.68 -0.44
CA HIS A 13 -2.94 15.04 -0.05
C HIS A 13 -4.28 14.95 0.67
N MET A 14 -4.31 15.24 1.98
CA MET A 14 -5.49 15.13 2.83
C MET A 14 -5.45 16.24 3.88
N ASP A 15 -6.59 16.89 4.14
CA ASP A 15 -6.76 17.92 5.16
C ASP A 15 -5.70 19.03 5.09
N GLY A 16 -5.30 19.40 3.86
CA GLY A 16 -4.31 20.44 3.60
C GLY A 16 -2.86 19.99 3.80
N GLU A 17 -2.62 18.76 4.27
CA GLU A 17 -1.30 18.17 4.46
C GLU A 17 -0.99 17.21 3.31
N ASN A 18 0.28 16.83 3.17
CA ASN A 18 0.75 15.78 2.27
C ASN A 18 1.44 14.73 3.13
N PHE A 19 0.99 13.48 3.01
CA PHE A 19 1.51 12.32 3.72
C PHE A 19 2.21 11.43 2.71
N ARG A 20 3.43 10.97 3.01
CA ARG A 20 4.11 9.93 2.24
C ARG A 20 3.77 8.60 2.89
N ILE A 21 3.36 7.62 2.10
CA ILE A 21 3.15 6.25 2.52
C ILE A 21 4.26 5.47 1.85
N VAL A 22 4.94 4.57 2.56
CA VAL A 22 5.86 3.62 1.97
C VAL A 22 5.46 2.27 2.55
N LEU A 23 5.13 1.31 1.69
CA LEU A 23 4.95 -0.08 2.10
C LEU A 23 6.32 -0.76 2.04
N GLU A 24 6.78 -1.33 3.14
CA GLU A 24 7.91 -2.21 3.20
C GLU A 24 7.39 -3.63 2.95
N LYS A 25 7.77 -4.22 1.81
CA LYS A 25 7.32 -5.57 1.46
C LYS A 25 8.07 -6.61 2.27
N ASP A 26 9.22 -6.25 2.87
CA ASP A 26 10.04 -7.19 3.61
C ASP A 26 9.29 -7.77 4.82
N ALA A 27 8.45 -6.94 5.45
CA ALA A 27 7.64 -7.29 6.61
C ALA A 27 6.13 -7.05 6.40
N MET A 28 5.71 -6.56 5.22
CA MET A 28 4.34 -6.09 4.98
C MET A 28 3.96 -5.07 6.07
N ASP A 29 4.86 -4.10 6.28
CA ASP A 29 4.74 -3.04 7.27
C ASP A 29 4.68 -1.71 6.53
N VAL A 30 3.89 -0.75 6.99
CA VAL A 30 3.62 0.46 6.23
C VAL A 30 4.01 1.67 7.06
N TRP A 31 4.95 2.43 6.52
CA TRP A 31 5.43 3.70 7.03
C TRP A 31 4.51 4.82 6.52
N CYS A 32 4.02 5.69 7.41
CA CYS A 32 3.34 6.93 7.04
C CYS A 32 4.21 8.03 7.65
N ASN A 33 4.74 8.92 6.82
CA ASN A 33 5.72 9.96 7.19
C ASN A 33 6.86 9.37 8.03
N GLY A 34 7.35 8.19 7.66
CA GLY A 34 8.53 7.55 8.27
C GLY A 34 8.27 6.81 9.58
N LYS A 35 7.06 6.90 10.16
CA LYS A 35 6.67 6.13 11.35
C LYS A 35 5.80 4.97 10.88
N LYS A 36 5.98 3.75 11.40
CA LYS A 36 5.05 2.68 11.01
C LYS A 36 3.70 2.90 11.67
N LEU A 37 2.62 2.49 10.98
CA LEU A 37 1.25 2.49 11.49
C LEU A 37 0.72 1.07 11.55
N GLU A 38 -0.44 0.92 12.21
CA GLU A 38 -1.11 -0.36 12.40
C GLU A 38 -1.71 -0.84 11.09
N THR A 39 -1.71 -2.15 10.87
CA THR A 39 -2.20 -2.79 9.65
C THR A 39 -2.91 -4.11 10.00
N ALA A 40 -3.88 -4.50 9.17
CA ALA A 40 -4.51 -5.81 9.19
C ALA A 40 -4.49 -6.33 7.75
N GLY A 41 -4.14 -7.60 7.55
CA GLY A 41 -3.97 -8.19 6.23
C GLY A 41 -5.20 -9.05 5.98
N GLU A 42 -6.19 -8.51 5.28
CA GLU A 42 -7.39 -9.23 4.92
C GLU A 42 -7.13 -9.96 3.60
N PHE A 43 -7.72 -11.14 3.44
CA PHE A 43 -7.61 -11.95 2.23
C PHE A 43 -8.96 -11.97 1.53
N VAL A 44 -8.95 -11.76 0.22
CA VAL A 44 -10.13 -11.59 -0.61
C VAL A 44 -10.00 -12.43 -1.88
N ASP A 45 -11.11 -12.56 -2.60
CA ASP A 45 -11.21 -13.27 -3.89
C ASP A 45 -10.66 -12.38 -5.02
N ASP A 46 -9.47 -11.83 -4.78
CA ASP A 46 -8.79 -10.81 -5.56
C ASP A 46 -7.28 -10.84 -5.24
N GLY A 47 -6.91 -11.10 -3.98
CA GLY A 47 -5.54 -11.02 -3.50
C GLY A 47 -5.59 -10.71 -2.01
N THR A 48 -4.81 -9.73 -1.57
CA THR A 48 -4.76 -9.31 -0.18
C THR A 48 -5.13 -7.83 -0.15
N GLU A 49 -5.71 -7.38 0.96
CA GLU A 49 -6.00 -5.98 1.22
C GLU A 49 -5.45 -5.68 2.61
N THR A 50 -4.34 -4.93 2.66
CA THR A 50 -3.74 -4.51 3.92
C THR A 50 -4.45 -3.23 4.33
N HIS A 51 -5.41 -3.31 5.26
CA HIS A 51 -6.23 -2.20 5.70
C HIS A 51 -5.52 -1.39 6.78
N PHE A 52 -5.73 -0.08 6.79
CA PHE A 52 -5.32 0.85 7.84
C PHE A 52 -6.19 2.12 7.75
N SER A 53 -5.96 3.11 8.61
CA SER A 53 -6.64 4.40 8.59
C SER A 53 -5.68 5.49 9.03
N ILE A 54 -5.87 6.71 8.52
CA ILE A 54 -5.09 7.90 8.83
C ILE A 54 -6.15 8.99 9.08
N GLY A 55 -6.26 9.45 10.32
CA GLY A 55 -7.36 10.31 10.73
C GLY A 55 -8.68 9.60 10.47
N ASN A 56 -9.62 10.29 9.82
CA ASN A 56 -10.93 9.74 9.45
C ASN A 56 -10.88 8.90 8.18
N HIS A 57 -9.77 8.92 7.43
CA HIS A 57 -9.67 8.32 6.10
C HIS A 57 -9.23 6.87 6.27
N ASP A 58 -10.04 5.90 5.83
CA ASP A 58 -9.60 4.51 5.74
C ASP A 58 -8.85 4.29 4.43
N CYS A 59 -7.87 3.39 4.48
CA CYS A 59 -6.93 3.10 3.41
C CYS A 59 -6.73 1.60 3.33
N TYR A 60 -6.40 1.07 2.16
CA TYR A 60 -5.95 -0.30 2.07
C TYR A 60 -4.96 -0.43 0.93
N ILE A 61 -3.91 -1.22 1.09
CA ILE A 61 -3.05 -1.57 -0.04
C ILE A 61 -3.68 -2.81 -0.64
N LYS A 62 -4.18 -2.71 -1.86
CA LYS A 62 -4.63 -3.84 -2.65
C LYS A 62 -3.34 -4.49 -3.14
N ALA A 63 -3.19 -5.78 -2.89
CA ALA A 63 -2.08 -6.57 -3.38
C ALA A 63 -2.72 -7.68 -4.18
N VAL A 64 -2.93 -7.42 -5.47
CA VAL A 64 -3.71 -8.25 -6.37
C VAL A 64 -2.83 -9.36 -6.89
N SER A 65 -3.19 -10.63 -6.71
CA SER A 65 -2.47 -11.77 -7.26
C SER A 65 -2.83 -11.94 -8.76
N SER A 66 -2.55 -10.90 -9.56
CA SER A 66 -2.90 -10.83 -10.97
C SER A 66 -1.99 -11.76 -11.81
N GLY A 67 -0.75 -11.99 -11.39
CA GLY A 67 0.14 -12.95 -12.02
C GLY A 67 -0.40 -14.37 -11.89
N LYS A 68 -0.19 -15.19 -12.94
CA LYS A 68 -0.63 -16.60 -12.93
C LYS A 68 0.28 -17.46 -12.05
N ARG A 69 1.57 -17.09 -11.94
CA ARG A 69 2.53 -17.74 -11.03
C ARG A 69 2.17 -17.37 -9.58
N LYS A 70 2.90 -17.95 -8.62
CA LYS A 70 2.80 -17.60 -7.20
C LYS A 70 3.36 -16.22 -6.85
N GLU A 71 3.84 -15.47 -7.84
CA GLU A 71 4.39 -14.13 -7.71
C GLU A 71 3.85 -13.26 -8.85
N GLY A 72 4.19 -11.96 -8.85
CA GLY A 72 3.59 -11.00 -9.77
C GLY A 72 2.33 -10.39 -9.17
N ILE A 73 2.40 -9.97 -7.90
CA ILE A 73 1.31 -9.38 -7.16
C ILE A 73 1.38 -7.87 -7.45
N ILE A 74 0.28 -7.25 -7.88
CA ILE A 74 0.22 -5.83 -8.21
C ILE A 74 -0.13 -5.11 -6.91
N HIS A 75 0.71 -4.20 -6.46
CA HIS A 75 0.47 -3.43 -5.24
C HIS A 75 -0.04 -2.05 -5.61
N THR A 76 -1.18 -1.65 -5.03
CA THR A 76 -1.77 -0.33 -5.21
C THR A 76 -2.30 0.16 -3.88
N LEU A 77 -2.14 1.45 -3.56
CA LEU A 77 -2.80 2.03 -2.40
C LEU A 77 -4.18 2.50 -2.83
N ILE A 78 -5.20 2.16 -2.07
CA ILE A 78 -6.55 2.68 -2.19
C ILE A 78 -6.79 3.50 -0.91
N VAL A 79 -7.49 4.62 -1.01
CA VAL A 79 -7.92 5.44 0.12
C VAL A 79 -9.34 5.90 -0.16
N ASP A 80 -10.25 5.79 0.82
CA ASP A 80 -11.67 6.11 0.67
C ASP A 80 -12.28 5.42 -0.56
N ASN A 81 -11.85 4.20 -0.85
CA ASN A 81 -12.19 3.38 -2.03
C ASN A 81 -11.76 3.98 -3.39
N ARG A 82 -10.96 5.05 -3.42
CA ARG A 82 -10.33 5.60 -4.61
C ARG A 82 -8.93 5.03 -4.75
N GLU A 83 -8.46 4.92 -5.98
CA GLU A 83 -7.16 4.32 -6.28
C GLU A 83 -6.09 5.42 -6.34
N ILE A 84 -4.94 5.14 -5.71
CA ILE A 84 -3.80 6.05 -5.56
C ILE A 84 -2.61 5.39 -6.27
N PRO A 85 -2.08 5.97 -7.38
CA PRO A 85 -0.91 5.44 -8.07
C PRO A 85 0.37 5.73 -7.27
N GLU A 86 1.39 4.87 -7.41
CA GLU A 86 2.70 5.08 -6.78
C GLU A 86 3.37 6.33 -7.37
N ILE A 87 4.37 6.85 -6.65
CA ILE A 87 5.07 8.09 -7.01
C ILE A 87 5.77 7.99 -8.38
N ALA A 88 5.93 9.15 -9.02
CA ALA A 88 6.57 9.30 -10.33
C ALA A 88 7.68 10.36 -10.30
N SER A 89 8.25 10.55 -9.11
CA SER A 89 9.35 11.48 -8.83
C SER A 89 10.59 11.09 -9.65
N GLU A 1 25.53 -5.36 4.88
CA GLU A 1 24.74 -6.50 4.33
C GLU A 1 23.86 -6.00 3.18
N ASP A 2 23.85 -6.71 2.04
CA ASP A 2 23.01 -6.36 0.89
C ASP A 2 21.60 -6.91 1.10
N ARG A 3 20.58 -6.09 0.81
CA ARG A 3 19.17 -6.47 0.87
C ARG A 3 18.47 -5.88 -0.36
N SER A 4 17.41 -6.54 -0.82
CA SER A 4 16.58 -6.07 -1.92
C SER A 4 15.80 -4.82 -1.50
N LYS A 5 15.21 -4.85 -0.29
CA LYS A 5 14.52 -3.72 0.35
C LYS A 5 13.48 -3.08 -0.59
N THR A 6 12.77 -3.90 -1.37
CA THR A 6 11.87 -3.43 -2.41
C THR A 6 10.64 -2.81 -1.75
N THR A 7 10.30 -1.58 -2.14
CA THR A 7 9.23 -0.81 -1.52
C THR A 7 8.45 -0.02 -2.58
N ASN A 8 7.19 0.27 -2.26
CA ASN A 8 6.33 1.19 -3.01
C ASN A 8 5.92 2.27 -2.02
N THR A 9 5.94 3.53 -2.44
CA THR A 9 5.73 4.67 -1.57
C THR A 9 4.65 5.56 -2.17
N TRP A 10 3.82 6.10 -1.30
CA TRP A 10 2.76 7.04 -1.61
C TRP A 10 2.81 8.15 -0.57
N VAL A 11 2.23 9.30 -0.89
CA VAL A 11 1.98 10.37 0.05
C VAL A 11 0.49 10.71 0.02
N LEU A 12 -0.09 10.98 1.19
CA LEU A 12 -1.49 11.35 1.35
C LEU A 12 -1.54 12.64 2.15
N HIS A 13 -2.21 13.66 1.63
CA HIS A 13 -2.52 14.86 2.38
C HIS A 13 -3.81 14.60 3.17
N MET A 14 -3.76 14.70 4.49
CA MET A 14 -4.85 14.35 5.38
C MET A 14 -4.65 15.09 6.70
N ASP A 15 -5.75 15.60 7.28
CA ASP A 15 -5.79 16.26 8.60
C ASP A 15 -4.76 17.39 8.73
N GLY A 16 -4.55 18.13 7.63
CA GLY A 16 -3.65 19.29 7.58
C GLY A 16 -2.17 18.89 7.55
N GLU A 17 -1.85 17.61 7.38
CA GLU A 17 -0.51 17.05 7.30
C GLU A 17 -0.35 16.27 5.99
N ASN A 18 0.86 15.80 5.71
CA ASN A 18 1.15 14.87 4.63
C ASN A 18 1.79 13.65 5.25
N PHE A 19 1.19 12.48 5.04
CA PHE A 19 1.67 11.21 5.57
C PHE A 19 2.28 10.40 4.44
N ARG A 20 3.52 9.93 4.60
CA ARG A 20 4.11 8.96 3.67
C ARG A 20 3.57 7.59 4.05
N ILE A 21 3.25 6.78 3.05
CA ILE A 21 2.93 5.37 3.19
C ILE A 21 4.06 4.67 2.46
N VAL A 22 4.70 3.67 3.07
CA VAL A 22 5.65 2.82 2.39
C VAL A 22 5.20 1.38 2.65
N LEU A 23 4.86 0.66 1.60
CA LEU A 23 4.62 -0.78 1.66
C LEU A 23 5.99 -1.43 1.49
N GLU A 24 6.41 -2.24 2.44
CA GLU A 24 7.56 -3.11 2.32
C GLU A 24 7.10 -4.32 1.52
N LYS A 25 7.61 -4.49 0.29
CA LYS A 25 7.06 -5.48 -0.63
C LYS A 25 7.37 -6.91 -0.20
N ASP A 26 8.52 -7.13 0.45
CA ASP A 26 8.94 -8.48 0.83
C ASP A 26 8.08 -9.01 1.97
N ALA A 27 7.88 -8.18 3.01
CA ALA A 27 7.14 -8.55 4.21
C ALA A 27 5.63 -8.28 4.09
N MET A 28 5.22 -7.45 3.13
CA MET A 28 3.87 -6.89 3.01
C MET A 28 3.43 -6.17 4.29
N ASP A 29 4.40 -5.60 5.03
CA ASP A 29 4.16 -4.70 6.14
C ASP A 29 4.05 -3.29 5.57
N VAL A 30 3.33 -2.39 6.22
CA VAL A 30 3.09 -1.05 5.71
C VAL A 30 3.44 -0.05 6.81
N TRP A 31 4.46 0.75 6.52
CA TRP A 31 4.90 1.85 7.33
C TRP A 31 4.05 3.07 6.96
N CYS A 32 3.36 3.70 7.90
CA CYS A 32 2.71 4.98 7.72
C CYS A 32 3.42 5.96 8.65
N ASN A 33 3.91 7.08 8.10
CA ASN A 33 4.69 8.09 8.83
C ASN A 33 5.85 7.44 9.63
N GLY A 34 6.47 6.40 9.05
CA GLY A 34 7.61 5.69 9.63
C GLY A 34 7.26 4.67 10.72
N LYS A 35 5.98 4.48 11.08
CA LYS A 35 5.53 3.52 12.09
C LYS A 35 4.72 2.42 11.42
N LYS A 36 4.77 1.18 11.90
CA LYS A 36 3.90 0.12 11.40
C LYS A 36 2.45 0.45 11.79
N LEU A 37 1.51 0.07 10.94
CA LEU A 37 0.07 0.09 11.24
C LEU A 37 -0.52 -1.30 11.05
N GLU A 38 -1.76 -1.46 11.52
CA GLU A 38 -2.50 -2.71 11.45
C GLU A 38 -2.98 -2.96 10.03
N THR A 39 -3.02 -4.23 9.62
CA THR A 39 -3.42 -4.64 8.27
C THR A 39 -4.27 -5.92 8.34
N ALA A 40 -5.18 -6.07 7.39
CA ALA A 40 -5.94 -7.29 7.12
C ALA A 40 -5.85 -7.51 5.61
N GLY A 41 -5.71 -8.75 5.16
CA GLY A 41 -5.52 -9.08 3.76
C GLY A 41 -6.71 -9.91 3.33
N GLU A 42 -7.58 -9.34 2.50
CA GLU A 42 -8.70 -10.04 1.89
C GLU A 42 -8.37 -10.37 0.44
N PHE A 43 -8.92 -11.49 -0.05
CA PHE A 43 -8.70 -11.94 -1.42
C PHE A 43 -9.96 -11.69 -2.24
N VAL A 44 -9.77 -11.29 -3.50
CA VAL A 44 -10.83 -11.03 -4.46
C VAL A 44 -10.52 -11.73 -5.78
N ASP A 45 -11.51 -11.80 -6.66
CA ASP A 45 -11.41 -12.36 -8.01
C ASP A 45 -10.72 -11.36 -8.96
N ASP A 46 -9.59 -10.83 -8.50
CA ASP A 46 -8.82 -9.74 -9.06
C ASP A 46 -7.39 -9.73 -8.52
N GLY A 47 -7.19 -10.17 -7.26
CA GLY A 47 -5.92 -10.11 -6.57
C GLY A 47 -6.18 -10.08 -5.08
N THR A 48 -5.49 -9.20 -4.36
CA THR A 48 -5.58 -9.10 -2.90
C THR A 48 -5.80 -7.63 -2.55
N GLU A 49 -6.45 -7.37 -1.44
CA GLU A 49 -6.69 -6.06 -0.90
C GLU A 49 -6.23 -6.05 0.55
N THR A 50 -5.14 -5.34 0.85
CA THR A 50 -4.62 -5.18 2.20
C THR A 50 -5.26 -3.90 2.76
N HIS A 51 -6.24 -4.02 3.64
CA HIS A 51 -7.01 -2.92 4.19
C HIS A 51 -6.34 -2.37 5.45
N PHE A 52 -6.47 -1.06 5.67
CA PHE A 52 -6.10 -0.35 6.90
C PHE A 52 -6.90 0.97 6.97
N SER A 53 -6.67 1.79 7.99
CA SER A 53 -7.40 3.03 8.23
C SER A 53 -6.46 4.06 8.86
N ILE A 54 -6.67 5.35 8.55
CA ILE A 54 -5.87 6.47 9.01
C ILE A 54 -6.87 7.61 9.23
N GLY A 55 -6.82 8.27 10.39
CA GLY A 55 -7.79 9.31 10.73
C GLY A 55 -9.21 8.74 10.67
N ASN A 56 -10.11 9.45 9.98
CA ASN A 56 -11.48 9.01 9.71
C ASN A 56 -11.63 8.47 8.28
N HIS A 57 -10.56 7.92 7.70
CA HIS A 57 -10.52 7.41 6.32
C HIS A 57 -10.07 5.95 6.34
N ASP A 58 -10.55 5.15 5.38
CA ASP A 58 -10.05 3.81 5.14
C ASP A 58 -9.16 3.83 3.90
N CYS A 59 -8.20 2.92 3.87
CA CYS A 59 -7.22 2.75 2.82
C CYS A 59 -7.09 1.27 2.49
N TYR A 60 -6.72 0.92 1.26
CA TYR A 60 -6.35 -0.44 0.97
C TYR A 60 -5.28 -0.46 -0.11
N ILE A 61 -4.33 -1.38 -0.02
CA ILE A 61 -3.40 -1.63 -1.11
C ILE A 61 -4.09 -2.66 -1.97
N LYS A 62 -4.40 -2.32 -3.22
CA LYS A 62 -4.86 -3.26 -4.23
C LYS A 62 -3.60 -3.90 -4.79
N ALA A 63 -3.43 -5.20 -4.58
CA ALA A 63 -2.38 -5.97 -5.18
C ALA A 63 -3.04 -6.82 -6.24
N VAL A 64 -3.09 -6.27 -7.45
CA VAL A 64 -3.86 -6.78 -8.57
C VAL A 64 -3.03 -7.82 -9.30
N SER A 65 -3.49 -9.05 -9.44
CA SER A 65 -2.80 -10.10 -10.18
C SER A 65 -3.13 -9.97 -11.66
N SER A 66 -2.64 -8.91 -12.31
CA SER A 66 -2.99 -8.58 -13.69
C SER A 66 -2.32 -9.56 -14.67
N GLY A 67 -1.05 -9.86 -14.45
CA GLY A 67 -0.25 -10.72 -15.32
C GLY A 67 -0.53 -12.20 -15.07
N LYS A 68 -0.28 -13.02 -16.10
CA LYS A 68 -0.37 -14.48 -16.00
C LYS A 68 0.90 -15.07 -15.37
N ARG A 69 2.03 -14.38 -15.47
CA ARG A 69 3.27 -14.77 -14.79
C ARG A 69 3.08 -14.61 -13.29
N LYS A 70 3.79 -15.43 -12.50
CA LYS A 70 3.67 -15.49 -11.04
C LYS A 70 3.81 -14.10 -10.41
N GLU A 71 4.86 -13.37 -10.78
CA GLU A 71 5.23 -12.12 -10.13
C GLU A 71 4.45 -10.91 -10.69
N GLY A 72 3.45 -11.15 -11.55
CA GLY A 72 2.74 -10.14 -12.33
C GLY A 72 1.70 -9.34 -11.54
N ILE A 73 2.01 -8.93 -10.31
CA ILE A 73 1.12 -8.18 -9.44
C ILE A 73 1.39 -6.68 -9.64
N ILE A 74 0.33 -5.85 -9.71
CA ILE A 74 0.41 -4.39 -9.68
C ILE A 74 0.00 -3.99 -8.26
N HIS A 75 0.87 -3.31 -7.51
CA HIS A 75 0.52 -2.78 -6.20
C HIS A 75 0.11 -1.31 -6.36
N THR A 76 -1.07 -0.96 -5.87
CA THR A 76 -1.58 0.42 -5.87
C THR A 76 -2.14 0.72 -4.49
N LEU A 77 -2.01 1.95 -3.99
CA LEU A 77 -2.70 2.38 -2.79
C LEU A 77 -4.01 3.01 -3.22
N ILE A 78 -5.11 2.62 -2.58
CA ILE A 78 -6.40 3.26 -2.69
C ILE A 78 -6.66 3.89 -1.31
N VAL A 79 -7.27 5.07 -1.26
CA VAL A 79 -7.70 5.75 -0.04
C VAL A 79 -9.07 6.35 -0.31
N ASP A 80 -10.03 6.12 0.58
CA ASP A 80 -11.42 6.57 0.42
C ASP A 80 -11.98 6.22 -0.97
N ASN A 81 -11.65 5.01 -1.46
CA ASN A 81 -11.99 4.47 -2.78
C ASN A 81 -11.32 5.18 -3.97
N ARG A 82 -10.48 6.20 -3.76
CA ARG A 82 -9.72 6.87 -4.82
C ARG A 82 -8.39 6.18 -4.98
N GLU A 83 -7.87 6.18 -6.20
CA GLU A 83 -6.62 5.53 -6.54
C GLU A 83 -5.47 6.53 -6.38
N ILE A 84 -4.38 6.09 -5.74
CA ILE A 84 -3.21 6.88 -5.39
C ILE A 84 -1.99 6.26 -6.13
N PRO A 85 -1.38 6.96 -7.10
CA PRO A 85 -0.18 6.48 -7.79
C PRO A 85 1.07 6.66 -6.91
N GLU A 86 2.10 5.85 -7.14
CA GLU A 86 3.38 5.92 -6.42
C GLU A 86 4.03 7.31 -6.58
N ILE A 87 4.96 7.64 -5.69
CA ILE A 87 5.66 8.91 -5.66
C ILE A 87 6.48 9.15 -6.94
N ALA A 88 6.64 10.43 -7.29
CA ALA A 88 7.54 10.90 -8.33
C ALA A 88 8.22 12.16 -7.82
N SER A 89 9.48 12.05 -7.43
CA SER A 89 10.30 13.17 -6.98
C SER A 89 10.53 14.13 -8.16
N GLU A 1 20.86 -6.28 -7.83
CA GLU A 1 21.95 -6.97 -7.10
C GLU A 1 21.70 -6.88 -5.59
N ASP A 2 21.91 -5.70 -4.98
CA ASP A 2 21.65 -5.42 -3.57
C ASP A 2 21.17 -3.96 -3.43
N ARG A 3 20.92 -3.51 -2.20
CA ARG A 3 20.37 -2.19 -1.86
C ARG A 3 19.01 -1.92 -2.52
N SER A 4 18.23 -2.99 -2.76
CA SER A 4 16.94 -2.92 -3.42
C SER A 4 15.93 -2.12 -2.57
N LYS A 5 15.03 -1.38 -3.23
CA LYS A 5 13.95 -0.65 -2.55
C LYS A 5 12.97 -1.65 -1.94
N THR A 6 12.44 -2.57 -2.77
CA THR A 6 11.42 -3.56 -2.44
C THR A 6 10.06 -2.97 -2.07
N THR A 7 10.00 -2.01 -1.15
CA THR A 7 8.78 -1.44 -0.60
C THR A 7 8.05 -0.57 -1.62
N ASN A 8 6.82 -0.20 -1.29
CA ASN A 8 6.04 0.81 -2.02
C ASN A 8 5.73 1.89 -1.02
N THR A 9 5.96 3.15 -1.40
CA THR A 9 5.72 4.30 -0.55
C THR A 9 4.68 5.17 -1.23
N TRP A 10 3.79 5.78 -0.45
CA TRP A 10 2.78 6.71 -0.90
C TRP A 10 2.74 7.88 0.06
N VAL A 11 2.26 9.01 -0.43
CA VAL A 11 1.96 10.19 0.36
C VAL A 11 0.46 10.42 0.26
N LEU A 12 -0.19 10.70 1.39
CA LEU A 12 -1.60 11.01 1.47
C LEU A 12 -1.75 12.37 2.09
N HIS A 13 -2.17 13.35 1.29
CA HIS A 13 -2.55 14.65 1.80
C HIS A 13 -3.99 14.53 2.30
N MET A 14 -4.22 14.61 3.62
CA MET A 14 -5.52 14.43 4.24
C MET A 14 -5.59 15.32 5.49
N ASP A 15 -6.74 15.95 5.73
CA ASP A 15 -7.01 16.80 6.90
C ASP A 15 -5.92 17.87 7.13
N GLY A 16 -5.36 18.40 6.03
CA GLY A 16 -4.31 19.41 6.04
C GLY A 16 -2.92 18.85 6.35
N GLU A 17 -2.81 17.57 6.73
CA GLU A 17 -1.56 16.86 6.96
C GLU A 17 -1.09 16.16 5.69
N ASN A 18 0.13 15.63 5.73
CA ASN A 18 0.71 14.76 4.72
C ASN A 18 1.23 13.53 5.45
N PHE A 19 0.59 12.39 5.22
CA PHE A 19 0.94 11.11 5.83
C PHE A 19 1.77 10.31 4.84
N ARG A 20 2.93 9.81 5.26
CA ARG A 20 3.69 8.86 4.47
C ARG A 20 3.21 7.47 4.83
N ILE A 21 3.02 6.66 3.82
CA ILE A 21 2.65 5.27 3.91
C ILE A 21 3.80 4.50 3.31
N VAL A 22 4.28 3.43 3.95
CA VAL A 22 5.23 2.51 3.37
C VAL A 22 4.67 1.11 3.63
N LEU A 23 4.45 0.33 2.57
CA LEU A 23 4.13 -1.08 2.66
C LEU A 23 5.45 -1.84 2.68
N GLU A 24 5.65 -2.71 3.66
CA GLU A 24 6.74 -3.68 3.70
C GLU A 24 6.19 -5.01 3.18
N LYS A 25 6.69 -5.45 2.02
CA LYS A 25 6.14 -6.63 1.33
C LYS A 25 6.43 -7.93 2.08
N ASP A 26 7.50 -7.97 2.88
CA ASP A 26 7.94 -9.20 3.55
C ASP A 26 6.86 -9.74 4.50
N ALA A 27 6.15 -8.83 5.18
CA ALA A 27 5.09 -9.14 6.12
C ALA A 27 3.72 -8.58 5.68
N MET A 28 3.66 -7.79 4.60
CA MET A 28 2.50 -7.00 4.20
C MET A 28 2.06 -6.08 5.35
N ASP A 29 3.02 -5.66 6.18
CA ASP A 29 2.82 -4.64 7.20
C ASP A 29 2.84 -3.29 6.52
N VAL A 30 2.08 -2.33 7.02
CA VAL A 30 2.06 -0.98 6.47
C VAL A 30 2.38 -0.01 7.60
N TRP A 31 3.48 0.72 7.43
CA TRP A 31 3.90 1.79 8.28
C TRP A 31 3.19 3.07 7.83
N CYS A 32 2.51 3.77 8.73
CA CYS A 32 1.99 5.12 8.49
C CYS A 32 2.79 6.05 9.40
N ASN A 33 3.47 7.04 8.82
CA ASN A 33 4.43 7.92 9.50
C ASN A 33 5.40 7.13 10.41
N GLY A 34 5.85 5.96 9.93
CA GLY A 34 6.81 5.10 10.63
C GLY A 34 6.21 4.24 11.76
N LYS A 35 4.92 4.39 12.10
CA LYS A 35 4.24 3.56 13.09
C LYS A 35 3.46 2.48 12.37
N LYS A 36 3.42 1.26 12.90
CA LYS A 36 2.62 0.19 12.28
C LYS A 36 1.14 0.52 12.46
N LEU A 37 0.31 0.21 11.47
CA LEU A 37 -1.15 0.25 11.59
C LEU A 37 -1.74 -1.13 11.29
N GLU A 38 -3.00 -1.31 11.66
CA GLU A 38 -3.73 -2.55 11.53
C GLU A 38 -4.10 -2.80 10.06
N THR A 39 -4.12 -4.07 9.66
CA THR A 39 -4.42 -4.49 8.29
C THR A 39 -5.29 -5.76 8.31
N ALA A 40 -6.13 -5.92 7.30
CA ALA A 40 -6.88 -7.13 7.02
C ALA A 40 -6.69 -7.41 5.52
N GLY A 41 -6.54 -8.66 5.12
CA GLY A 41 -6.21 -9.03 3.75
C GLY A 41 -7.36 -9.85 3.22
N GLU A 42 -8.16 -9.25 2.33
CA GLU A 42 -9.19 -9.96 1.60
C GLU A 42 -8.62 -10.38 0.24
N PHE A 43 -9.14 -11.47 -0.30
CA PHE A 43 -8.69 -12.02 -1.58
C PHE A 43 -9.87 -12.11 -2.52
N VAL A 44 -9.65 -11.77 -3.78
CA VAL A 44 -10.62 -11.84 -4.86
C VAL A 44 -10.03 -12.54 -6.08
N ASP A 45 -10.89 -12.88 -7.03
CA ASP A 45 -10.52 -13.49 -8.32
C ASP A 45 -9.95 -12.42 -9.28
N ASP A 46 -9.01 -11.64 -8.75
CA ASP A 46 -8.38 -10.47 -9.37
C ASP A 46 -7.04 -10.19 -8.69
N GLY A 47 -6.93 -10.43 -7.38
CA GLY A 47 -5.76 -10.10 -6.60
C GLY A 47 -6.12 -10.06 -5.12
N THR A 48 -5.37 -9.29 -4.34
CA THR A 48 -5.57 -9.14 -2.91
C THR A 48 -5.90 -7.68 -2.63
N GLU A 49 -6.67 -7.44 -1.58
CA GLU A 49 -7.02 -6.13 -1.07
C GLU A 49 -6.63 -6.10 0.41
N THR A 50 -5.56 -5.39 0.76
CA THR A 50 -5.14 -5.19 2.14
C THR A 50 -5.80 -3.90 2.63
N HIS A 51 -6.86 -4.00 3.42
CA HIS A 51 -7.65 -2.86 3.89
C HIS A 51 -7.07 -2.32 5.19
N PHE A 52 -7.19 -1.00 5.39
CA PHE A 52 -6.90 -0.29 6.64
C PHE A 52 -7.66 1.04 6.63
N SER A 53 -7.54 1.85 7.68
CA SER A 53 -8.14 3.17 7.79
C SER A 53 -7.21 4.09 8.58
N ILE A 54 -7.25 5.39 8.28
CA ILE A 54 -6.48 6.45 8.93
C ILE A 54 -7.51 7.53 9.22
N GLY A 55 -7.82 7.76 10.49
CA GLY A 55 -8.93 8.61 10.88
C GLY A 55 -10.22 8.07 10.25
N ASN A 56 -11.00 8.94 9.61
CA ASN A 56 -12.24 8.58 8.93
C ASN A 56 -11.99 7.99 7.53
N HIS A 57 -10.77 8.06 7.00
CA HIS A 57 -10.46 7.70 5.63
C HIS A 57 -10.14 6.21 5.58
N ASP A 58 -10.90 5.42 4.82
CA ASP A 58 -10.54 4.02 4.57
C ASP A 58 -9.62 3.95 3.36
N CYS A 59 -8.72 2.97 3.41
CA CYS A 59 -7.65 2.76 2.46
C CYS A 59 -7.54 1.27 2.16
N TYR A 60 -7.06 0.90 0.98
CA TYR A 60 -6.70 -0.47 0.72
C TYR A 60 -5.57 -0.54 -0.28
N ILE A 61 -4.62 -1.44 -0.09
CA ILE A 61 -3.61 -1.72 -1.10
C ILE A 61 -4.23 -2.78 -1.98
N LYS A 62 -4.38 -2.48 -3.27
CA LYS A 62 -4.78 -3.44 -4.28
C LYS A 62 -3.48 -4.07 -4.75
N ALA A 63 -3.37 -5.39 -4.66
CA ALA A 63 -2.22 -6.16 -5.09
C ALA A 63 -2.75 -7.08 -6.19
N VAL A 64 -2.64 -6.65 -7.44
CA VAL A 64 -3.27 -7.29 -8.57
C VAL A 64 -2.32 -8.33 -9.15
N SER A 65 -2.74 -9.58 -9.30
CA SER A 65 -1.91 -10.66 -9.84
C SER A 65 -1.85 -10.62 -11.38
N SER A 66 -1.63 -9.43 -11.95
CA SER A 66 -1.65 -9.19 -13.39
C SER A 66 -0.44 -9.87 -14.06
N GLY A 67 0.78 -9.58 -13.58
CA GLY A 67 1.99 -10.27 -14.00
C GLY A 67 2.15 -11.55 -13.19
N LYS A 68 2.74 -12.59 -13.78
CA LYS A 68 2.85 -13.92 -13.16
C LYS A 68 4.24 -14.18 -12.56
N ARG A 69 5.22 -13.28 -12.80
CA ARG A 69 6.52 -13.33 -12.12
C ARG A 69 6.33 -12.94 -10.65
N LYS A 70 7.35 -13.13 -9.81
CA LYS A 70 7.31 -12.83 -8.38
C LYS A 70 6.83 -11.41 -8.12
N GLU A 71 7.50 -10.41 -8.71
CA GLU A 71 7.12 -9.01 -8.55
C GLU A 71 6.11 -8.56 -9.62
N GLY A 72 5.46 -9.53 -10.29
CA GLY A 72 4.44 -9.28 -11.30
C GLY A 72 3.13 -8.77 -10.72
N ILE A 73 2.94 -8.96 -9.42
CA ILE A 73 1.80 -8.44 -8.67
C ILE A 73 1.94 -6.91 -8.67
N ILE A 74 0.92 -6.19 -9.15
CA ILE A 74 0.92 -4.74 -9.23
C ILE A 74 0.38 -4.25 -7.90
N HIS A 75 1.20 -3.55 -7.10
CA HIS A 75 0.75 -2.97 -5.84
C HIS A 75 0.36 -1.51 -6.09
N THR A 76 -0.85 -1.14 -5.67
CA THR A 76 -1.37 0.22 -5.74
C THR A 76 -2.02 0.54 -4.40
N LEU A 77 -1.93 1.76 -3.90
CA LEU A 77 -2.71 2.19 -2.76
C LEU A 77 -3.96 2.87 -3.30
N ILE A 78 -5.12 2.49 -2.79
CA ILE A 78 -6.39 3.14 -3.01
C ILE A 78 -6.76 3.78 -1.66
N VAL A 79 -7.36 4.96 -1.68
CA VAL A 79 -7.92 5.64 -0.51
C VAL A 79 -9.23 6.28 -0.93
N ASP A 80 -10.29 6.09 -0.14
CA ASP A 80 -11.64 6.58 -0.46
C ASP A 80 -12.07 6.19 -1.90
N ASN A 81 -11.68 4.99 -2.32
CA ASN A 81 -11.87 4.41 -3.67
C ASN A 81 -11.16 5.18 -4.82
N ARG A 82 -10.27 6.14 -4.51
CA ARG A 82 -9.40 6.81 -5.47
C ARG A 82 -8.04 6.14 -5.47
N GLU A 83 -7.36 6.19 -6.61
CA GLU A 83 -6.07 5.55 -6.81
C GLU A 83 -4.93 6.52 -6.47
N ILE A 84 -3.91 6.03 -5.76
CA ILE A 84 -2.78 6.80 -5.23
C ILE A 84 -1.50 6.19 -5.85
N PRO A 85 -0.73 6.93 -6.67
CA PRO A 85 0.49 6.43 -7.29
C PRO A 85 1.66 6.44 -6.29
N GLU A 86 2.56 5.44 -6.38
CA GLU A 86 3.70 5.32 -5.48
C GLU A 86 4.77 6.38 -5.79
N ILE A 87 5.70 6.56 -4.85
CA ILE A 87 6.91 7.34 -4.99
C ILE A 87 8.14 6.43 -4.84
N ALA A 88 9.27 6.90 -5.38
CA ALA A 88 10.58 6.26 -5.27
C ALA A 88 11.68 7.29 -5.00
N SER A 89 11.29 8.39 -4.38
CA SER A 89 12.17 9.51 -4.01
C SER A 89 13.25 9.04 -3.05
N GLU A 1 15.96 -16.59 0.96
CA GLU A 1 14.90 -15.80 0.29
C GLU A 1 14.57 -14.57 1.15
N ASP A 2 14.52 -13.39 0.53
CA ASP A 2 14.14 -12.12 1.16
C ASP A 2 13.70 -11.15 0.06
N ARG A 3 12.96 -10.11 0.44
CA ARG A 3 12.61 -9.01 -0.46
C ARG A 3 12.65 -7.66 0.28
N SER A 4 13.56 -7.53 1.24
CA SER A 4 13.68 -6.33 2.07
C SER A 4 14.09 -5.13 1.22
N LYS A 5 13.70 -3.93 1.68
CA LYS A 5 13.92 -2.66 1.00
C LYS A 5 13.37 -2.65 -0.44
N THR A 6 12.38 -3.50 -0.73
CA THR A 6 11.62 -3.46 -1.96
C THR A 6 10.31 -2.83 -1.52
N THR A 7 10.15 -1.54 -1.78
CA THR A 7 9.08 -0.74 -1.21
C THR A 7 8.32 0.07 -2.26
N ASN A 8 7.06 0.35 -1.94
CA ASN A 8 6.18 1.29 -2.63
C ASN A 8 5.86 2.33 -1.57
N THR A 9 6.03 3.61 -1.89
CA THR A 9 5.69 4.70 -0.98
C THR A 9 4.50 5.46 -1.58
N TRP A 10 3.62 5.95 -0.72
CA TRP A 10 2.53 6.84 -1.06
C TRP A 10 2.51 7.97 -0.04
N VAL A 11 1.84 9.06 -0.42
CA VAL A 11 1.55 10.17 0.45
C VAL A 11 0.03 10.31 0.53
N LEU A 12 -0.50 10.57 1.73
CA LEU A 12 -1.92 10.82 1.95
C LEU A 12 -2.05 12.18 2.59
N HIS A 13 -2.65 13.13 1.87
CA HIS A 13 -3.04 14.38 2.47
C HIS A 13 -4.38 14.10 3.17
N MET A 14 -4.43 14.35 4.47
CA MET A 14 -5.60 14.24 5.32
C MET A 14 -5.72 15.53 6.12
N ASP A 15 -6.67 15.58 7.07
CA ASP A 15 -7.08 16.78 7.79
C ASP A 15 -5.92 17.57 8.40
N GLY A 16 -5.40 18.51 7.61
CA GLY A 16 -4.31 19.41 7.98
C GLY A 16 -2.94 18.73 8.03
N GLU A 17 -2.78 17.51 7.51
CA GLU A 17 -1.56 16.72 7.61
C GLU A 17 -1.27 15.97 6.31
N ASN A 18 -0.02 15.52 6.15
CA ASN A 18 0.44 14.68 5.05
C ASN A 18 1.15 13.49 5.69
N PHE A 19 0.65 12.28 5.42
CA PHE A 19 1.17 11.04 5.99
C PHE A 19 1.90 10.25 4.91
N ARG A 20 3.12 9.77 5.19
CA ARG A 20 3.78 8.83 4.30
C ARG A 20 3.22 7.45 4.60
N ILE A 21 3.11 6.62 3.57
CA ILE A 21 2.81 5.20 3.65
C ILE A 21 4.00 4.55 2.96
N VAL A 22 4.59 3.52 3.53
CA VAL A 22 5.59 2.71 2.87
C VAL A 22 5.20 1.26 3.11
N LEU A 23 4.94 0.52 2.04
CA LEU A 23 4.77 -0.93 2.10
C LEU A 23 6.13 -1.58 1.95
N GLU A 24 6.54 -2.40 2.92
CA GLU A 24 7.70 -3.28 2.83
C GLU A 24 7.19 -4.61 2.29
N LYS A 25 7.61 -4.97 1.07
CA LYS A 25 7.09 -6.17 0.40
C LYS A 25 7.59 -7.46 1.06
N ASP A 26 8.68 -7.41 1.83
CA ASP A 26 9.27 -8.61 2.43
C ASP A 26 8.28 -9.32 3.36
N ALA A 27 7.55 -8.52 4.16
CA ALA A 27 6.58 -8.98 5.13
C ALA A 27 5.15 -8.54 4.77
N MET A 28 4.98 -7.79 3.66
CA MET A 28 3.75 -7.10 3.31
C MET A 28 3.28 -6.22 4.47
N ASP A 29 4.23 -5.57 5.15
CA ASP A 29 4.01 -4.76 6.33
C ASP A 29 3.97 -3.29 5.92
N VAL A 30 3.09 -2.51 6.54
CA VAL A 30 2.87 -1.13 6.15
C VAL A 30 3.31 -0.18 7.27
N TRP A 31 4.32 0.63 6.97
CA TRP A 31 4.75 1.74 7.80
C TRP A 31 3.86 2.91 7.41
N CYS A 32 3.03 3.42 8.32
CA CYS A 32 2.20 4.60 8.10
C CYS A 32 2.63 5.66 9.11
N ASN A 33 2.97 6.86 8.64
CA ASN A 33 3.51 7.95 9.47
C ASN A 33 4.67 7.46 10.38
N GLY A 34 5.53 6.60 9.83
CA GLY A 34 6.75 6.13 10.50
C GLY A 34 6.56 5.04 11.56
N LYS A 35 5.33 4.54 11.77
CA LYS A 35 5.03 3.43 12.68
C LYS A 35 4.38 2.30 11.88
N LYS A 36 4.60 1.03 12.23
CA LYS A 36 3.83 -0.04 11.60
C LYS A 36 2.44 -0.12 12.24
N LEU A 37 1.43 -0.50 11.45
CA LEU A 37 0.08 -0.75 11.93
C LEU A 37 -0.48 -2.03 11.32
N GLU A 38 -1.60 -2.51 11.88
CA GLU A 38 -2.18 -3.79 11.54
C GLU A 38 -2.77 -3.80 10.12
N THR A 39 -2.73 -4.97 9.49
CA THR A 39 -3.19 -5.21 8.13
C THR A 39 -3.98 -6.51 8.09
N ALA A 40 -4.95 -6.59 7.17
CA ALA A 40 -5.69 -7.80 6.82
C ALA A 40 -5.47 -8.00 5.32
N GLY A 41 -5.28 -9.23 4.86
CA GLY A 41 -4.94 -9.51 3.47
C GLY A 41 -6.06 -10.38 2.90
N GLU A 42 -6.89 -9.81 2.05
CA GLU A 42 -7.89 -10.53 1.30
C GLU A 42 -7.38 -10.83 -0.10
N PHE A 43 -7.88 -11.89 -0.72
CA PHE A 43 -7.49 -12.31 -2.06
C PHE A 43 -8.73 -12.38 -2.94
N VAL A 44 -8.61 -11.89 -4.17
CA VAL A 44 -9.64 -11.92 -5.19
C VAL A 44 -9.08 -12.53 -6.48
N ASP A 45 -9.99 -12.83 -7.42
CA ASP A 45 -9.68 -13.37 -8.75
C ASP A 45 -9.17 -12.25 -9.68
N ASP A 46 -8.21 -11.48 -9.16
CA ASP A 46 -7.65 -10.26 -9.73
C ASP A 46 -6.29 -9.95 -9.11
N GLY A 47 -6.11 -10.24 -7.82
CA GLY A 47 -4.92 -9.90 -7.07
C GLY A 47 -5.21 -9.99 -5.57
N THR A 48 -4.47 -9.22 -4.77
CA THR A 48 -4.59 -9.19 -3.33
C THR A 48 -4.99 -7.78 -2.92
N GLU A 49 -5.68 -7.64 -1.80
CA GLU A 49 -6.09 -6.38 -1.23
C GLU A 49 -5.71 -6.39 0.26
N THR A 50 -4.72 -5.59 0.63
CA THR A 50 -4.26 -5.46 2.01
C THR A 50 -4.98 -4.26 2.63
N HIS A 51 -5.96 -4.49 3.50
CA HIS A 51 -6.81 -3.46 4.10
C HIS A 51 -6.22 -2.95 5.41
N PHE A 52 -6.41 -1.66 5.70
CA PHE A 52 -6.12 -1.00 6.98
C PHE A 52 -6.96 0.28 7.07
N SER A 53 -6.74 1.11 8.10
CA SER A 53 -7.49 2.33 8.35
C SER A 53 -6.57 3.39 8.97
N ILE A 54 -6.81 4.66 8.66
CA ILE A 54 -6.03 5.82 9.12
C ILE A 54 -7.05 6.93 9.37
N GLY A 55 -7.01 7.58 10.53
CA GLY A 55 -7.99 8.59 10.89
C GLY A 55 -9.39 8.01 10.83
N ASN A 56 -10.31 8.70 10.15
CA ASN A 56 -11.68 8.25 9.91
C ASN A 56 -11.86 7.68 8.50
N HIS A 57 -10.79 7.12 7.92
CA HIS A 57 -10.75 6.65 6.53
C HIS A 57 -10.23 5.21 6.51
N ASP A 58 -10.76 4.38 5.60
CA ASP A 58 -10.21 3.06 5.32
C ASP A 58 -9.31 3.15 4.09
N CYS A 59 -8.30 2.29 4.05
CA CYS A 59 -7.29 2.23 3.03
C CYS A 59 -7.10 0.78 2.62
N TYR A 60 -6.72 0.52 1.38
CA TYR A 60 -6.28 -0.81 1.00
C TYR A 60 -5.21 -0.71 -0.06
N ILE A 61 -4.18 -1.55 0.01
CA ILE A 61 -3.21 -1.66 -1.08
C ILE A 61 -3.75 -2.76 -1.98
N LYS A 62 -4.09 -2.41 -3.21
CA LYS A 62 -4.41 -3.34 -4.27
C LYS A 62 -3.06 -3.83 -4.79
N ALA A 63 -2.91 -5.13 -4.98
CA ALA A 63 -1.70 -5.73 -5.50
C ALA A 63 -2.17 -6.67 -6.61
N VAL A 64 -2.17 -6.18 -7.85
CA VAL A 64 -2.78 -6.82 -9.01
C VAL A 64 -1.73 -7.67 -9.72
N SER A 65 -2.00 -8.95 -10.00
CA SER A 65 -1.05 -9.86 -10.63
C SER A 65 -0.96 -9.66 -12.16
N SER A 66 -0.83 -8.41 -12.61
CA SER A 66 -0.93 -8.01 -14.01
C SER A 66 0.31 -8.41 -14.84
N GLY A 67 1.47 -8.63 -14.22
CA GLY A 67 2.66 -9.16 -14.88
C GLY A 67 3.32 -8.12 -15.80
N LYS A 68 3.44 -6.88 -15.36
CA LYS A 68 4.10 -5.81 -16.13
C LYS A 68 5.62 -5.86 -15.95
N ARG A 69 6.34 -4.99 -16.65
CA ARG A 69 7.81 -5.03 -16.78
C ARG A 69 8.52 -4.97 -15.43
N LYS A 70 8.44 -3.84 -14.71
CA LYS A 70 9.17 -3.68 -13.45
C LYS A 70 8.33 -4.22 -12.30
N GLU A 71 7.25 -3.52 -11.95
CA GLU A 71 6.36 -3.98 -10.91
C GLU A 71 5.62 -5.17 -11.52
N GLY A 72 5.93 -6.40 -11.10
CA GLY A 72 5.29 -7.59 -11.64
C GLY A 72 3.84 -7.58 -11.19
N ILE A 73 3.63 -7.56 -9.88
CA ILE A 73 2.34 -7.32 -9.26
C ILE A 73 2.25 -5.79 -9.17
N ILE A 74 1.20 -5.18 -9.71
CA ILE A 74 1.02 -3.73 -9.69
C ILE A 74 0.49 -3.40 -8.31
N HIS A 75 1.25 -2.63 -7.54
CA HIS A 75 0.83 -2.18 -6.22
C HIS A 75 0.25 -0.78 -6.35
N THR A 76 -0.93 -0.56 -5.77
CA THR A 76 -1.61 0.73 -5.74
C THR A 76 -2.20 0.91 -4.35
N LEU A 77 -2.15 2.11 -3.79
CA LEU A 77 -2.88 2.40 -2.56
C LEU A 77 -4.21 2.99 -2.97
N ILE A 78 -5.29 2.47 -2.42
CA ILE A 78 -6.63 3.01 -2.51
C ILE A 78 -6.94 3.54 -1.10
N VAL A 79 -7.60 4.70 -1.00
CA VAL A 79 -8.12 5.24 0.24
C VAL A 79 -9.52 5.77 -0.02
N ASP A 80 -10.48 5.40 0.85
CA ASP A 80 -11.89 5.75 0.75
C ASP A 80 -12.44 5.53 -0.68
N ASN A 81 -12.02 4.40 -1.28
CA ASN A 81 -12.36 3.93 -2.62
C ASN A 81 -11.85 4.81 -3.79
N ARG A 82 -10.87 5.69 -3.57
CA ARG A 82 -10.16 6.42 -4.63
C ARG A 82 -8.70 6.03 -4.66
N GLU A 83 -8.09 6.16 -5.83
CA GLU A 83 -6.76 5.66 -6.13
C GLU A 83 -5.69 6.70 -5.79
N ILE A 84 -4.58 6.26 -5.20
CA ILE A 84 -3.45 7.06 -4.74
C ILE A 84 -2.20 6.53 -5.48
N PRO A 85 -1.51 7.34 -6.31
CA PRO A 85 -0.34 6.90 -7.07
C PRO A 85 0.90 6.83 -6.18
N GLU A 86 1.77 5.83 -6.41
CA GLU A 86 3.03 5.67 -5.67
C GLU A 86 4.01 6.79 -6.06
N ILE A 87 5.00 7.01 -5.19
CA ILE A 87 6.16 7.83 -5.41
C ILE A 87 7.42 6.95 -5.35
N ALA A 88 8.52 7.47 -5.90
CA ALA A 88 9.80 6.76 -6.02
C ALA A 88 9.63 5.36 -6.66
N SER A 89 8.81 5.35 -7.71
CA SER A 89 8.41 4.18 -8.46
C SER A 89 9.61 3.36 -8.93
N GLU A 1 12.10 -5.35 -11.23
CA GLU A 1 13.26 -4.57 -10.73
C GLU A 1 14.39 -5.53 -10.31
N ASP A 2 15.65 -5.11 -10.42
CA ASP A 2 16.82 -5.93 -10.10
C ASP A 2 16.99 -6.06 -8.58
N ARG A 3 16.81 -4.95 -7.85
CA ARG A 3 16.76 -4.95 -6.39
C ARG A 3 15.42 -5.51 -5.93
N SER A 4 15.40 -6.14 -4.76
CA SER A 4 14.21 -6.79 -4.22
C SER A 4 13.14 -5.77 -3.76
N LYS A 5 13.56 -4.55 -3.40
CA LYS A 5 12.73 -3.45 -2.90
C LYS A 5 11.85 -3.92 -1.74
N THR A 6 12.40 -3.91 -0.53
CA THR A 6 11.76 -4.42 0.69
C THR A 6 10.46 -3.68 1.03
N THR A 7 10.37 -2.40 0.71
CA THR A 7 9.29 -1.54 1.17
C THR A 7 8.69 -0.77 0.01
N ASN A 8 7.41 -0.40 0.14
CA ASN A 8 6.76 0.52 -0.78
C ASN A 8 6.40 1.74 0.03
N THR A 9 6.76 2.93 -0.43
CA THR A 9 6.50 4.18 0.27
C THR A 9 5.59 5.06 -0.58
N TRP A 10 4.65 5.71 0.08
CA TRP A 10 3.72 6.66 -0.50
C TRP A 10 3.65 7.86 0.43
N VAL A 11 3.27 9.01 -0.09
CA VAL A 11 2.95 10.18 0.69
C VAL A 11 1.54 10.62 0.29
N LEU A 12 0.72 10.99 1.29
CA LEU A 12 -0.67 11.39 1.11
C LEU A 12 -0.81 12.78 1.67
N HIS A 13 -1.32 13.72 0.87
CA HIS A 13 -1.71 15.03 1.36
C HIS A 13 -3.20 14.94 1.70
N MET A 14 -3.55 15.15 2.97
CA MET A 14 -4.92 15.05 3.47
C MET A 14 -5.09 16.08 4.60
N ASP A 15 -6.20 16.82 4.58
CA ASP A 15 -6.59 17.79 5.62
C ASP A 15 -5.46 18.77 5.99
N GLY A 16 -4.68 19.19 4.98
CA GLY A 16 -3.60 20.16 5.14
C GLY A 16 -2.31 19.58 5.75
N GLU A 17 -2.22 18.27 5.93
CA GLU A 17 -1.04 17.56 6.41
C GLU A 17 -0.55 16.58 5.34
N ASN A 18 0.75 16.25 5.39
CA ASN A 18 1.34 15.20 4.57
C ASN A 18 1.66 14.02 5.49
N PHE A 19 1.13 12.85 5.15
CA PHE A 19 1.32 11.59 5.87
C PHE A 19 2.16 10.67 5.00
N ARG A 20 3.30 10.19 5.49
CA ARG A 20 4.04 9.12 4.82
C ARG A 20 3.39 7.80 5.18
N ILE A 21 3.33 6.90 4.21
CA ILE A 21 2.93 5.52 4.37
C ILE A 21 4.12 4.70 3.92
N VAL A 22 4.50 3.67 4.67
CA VAL A 22 5.48 2.70 4.24
C VAL A 22 4.89 1.32 4.54
N LEU A 23 4.69 0.52 3.51
CA LEU A 23 4.35 -0.89 3.65
C LEU A 23 5.67 -1.65 3.76
N GLU A 24 5.83 -2.45 4.81
CA GLU A 24 6.91 -3.41 4.96
C GLU A 24 6.45 -4.70 4.30
N LYS A 25 7.08 -5.12 3.19
CA LYS A 25 6.56 -6.27 2.44
C LYS A 25 6.76 -7.58 3.20
N ASP A 26 7.80 -7.67 4.03
CA ASP A 26 8.16 -8.93 4.70
C ASP A 26 7.05 -9.39 5.66
N ALA A 27 6.50 -8.44 6.43
CA ALA A 27 5.45 -8.68 7.41
C ALA A 27 4.06 -8.27 6.91
N MET A 28 3.98 -7.53 5.79
CA MET A 28 2.77 -6.87 5.29
C MET A 28 2.19 -5.96 6.38
N ASP A 29 3.07 -5.35 7.19
CA ASP A 29 2.72 -4.34 8.19
C ASP A 29 2.88 -2.97 7.53
N VAL A 30 2.11 -1.98 7.97
CA VAL A 30 2.06 -0.68 7.30
C VAL A 30 2.26 0.40 8.37
N TRP A 31 3.35 1.13 8.20
CA TRP A 31 3.72 2.28 9.00
C TRP A 31 3.05 3.52 8.37
N CYS A 32 2.22 4.25 9.11
CA CYS A 32 1.72 5.55 8.71
C CYS A 32 2.32 6.55 9.69
N ASN A 33 2.92 7.64 9.19
CA ASN A 33 3.56 8.67 10.02
C ASN A 33 4.59 8.04 10.98
N GLY A 34 5.28 6.99 10.54
CA GLY A 34 6.31 6.28 11.31
C GLY A 34 5.75 5.38 12.43
N LYS A 35 4.42 5.14 12.48
CA LYS A 35 3.74 4.38 13.53
C LYS A 35 2.97 3.26 12.85
N LYS A 36 2.98 2.02 13.34
CA LYS A 36 2.21 0.96 12.68
C LYS A 36 0.71 1.20 12.92
N LEU A 37 -0.12 0.93 11.91
CA LEU A 37 -1.58 0.99 12.01
C LEU A 37 -2.20 -0.38 11.80
N GLU A 38 -3.49 -0.47 12.12
CA GLU A 38 -4.28 -1.68 12.01
C GLU A 38 -4.61 -1.99 10.55
N THR A 39 -4.68 -3.27 10.20
CA THR A 39 -4.91 -3.74 8.84
C THR A 39 -5.87 -4.94 8.88
N ALA A 40 -6.65 -5.10 7.81
CA ALA A 40 -7.47 -6.28 7.52
C ALA A 40 -7.13 -6.67 6.09
N GLY A 41 -7.04 -7.97 5.78
CA GLY A 41 -6.59 -8.45 4.48
C GLY A 41 -7.73 -9.26 3.87
N GLU A 42 -8.40 -8.69 2.88
CA GLU A 42 -9.39 -9.40 2.08
C GLU A 42 -8.73 -9.92 0.82
N PHE A 43 -9.27 -11.00 0.26
CA PHE A 43 -8.74 -11.63 -0.95
C PHE A 43 -9.85 -11.68 -2.01
N VAL A 44 -9.47 -11.41 -3.26
CA VAL A 44 -10.32 -11.42 -4.42
C VAL A 44 -9.67 -12.22 -5.55
N ASP A 45 -10.46 -12.52 -6.58
CA ASP A 45 -10.01 -13.20 -7.81
C ASP A 45 -9.25 -12.23 -8.72
N ASP A 46 -8.31 -11.51 -8.12
CA ASP A 46 -7.55 -10.39 -8.67
C ASP A 46 -6.26 -10.17 -7.87
N GLY A 47 -6.29 -10.42 -6.55
CA GLY A 47 -5.17 -10.22 -5.66
C GLY A 47 -5.68 -10.08 -4.23
N THR A 48 -4.94 -9.35 -3.41
CA THR A 48 -5.28 -9.11 -2.01
C THR A 48 -5.51 -7.62 -1.86
N GLU A 49 -6.38 -7.24 -0.94
CA GLU A 49 -6.69 -5.86 -0.60
C GLU A 49 -6.50 -5.72 0.91
N THR A 50 -5.43 -5.06 1.32
CA THR A 50 -5.14 -4.81 2.72
C THR A 50 -5.75 -3.44 3.07
N HIS A 51 -6.89 -3.43 3.75
CA HIS A 51 -7.65 -2.23 4.07
C HIS A 51 -7.17 -1.63 5.40
N PHE A 52 -7.22 -0.29 5.49
CA PHE A 52 -7.01 0.47 6.72
C PHE A 52 -7.70 1.84 6.55
N SER A 53 -7.65 2.70 7.56
CA SER A 53 -8.22 4.04 7.52
C SER A 53 -7.32 4.99 8.33
N ILE A 54 -7.30 6.25 7.94
CA ILE A 54 -6.53 7.33 8.56
C ILE A 54 -7.53 8.47 8.68
N GLY A 55 -7.94 8.79 9.91
CA GLY A 55 -9.05 9.72 10.13
C GLY A 55 -10.30 9.16 9.44
N ASN A 56 -10.99 10.03 8.67
CA ASN A 56 -12.18 9.64 7.91
C ASN A 56 -11.84 8.96 6.58
N HIS A 57 -10.57 8.95 6.16
CA HIS A 57 -10.16 8.49 4.85
C HIS A 57 -9.88 6.98 4.93
N ASP A 58 -10.58 6.16 4.14
CA ASP A 58 -10.24 4.75 4.00
C ASP A 58 -9.19 4.57 2.90
N CYS A 59 -8.33 3.59 3.09
CA CYS A 59 -7.21 3.26 2.23
C CYS A 59 -7.14 1.76 2.07
N TYR A 60 -6.58 1.27 0.96
CA TYR A 60 -6.25 -0.13 0.85
C TYR A 60 -5.02 -0.31 -0.02
N ILE A 61 -4.16 -1.26 0.31
CA ILE A 61 -3.08 -1.66 -0.57
C ILE A 61 -3.67 -2.74 -1.45
N LYS A 62 -3.68 -2.52 -2.77
CA LYS A 62 -4.01 -3.52 -3.76
C LYS A 62 -2.71 -4.25 -4.00
N ALA A 63 -2.63 -5.50 -3.56
CA ALA A 63 -1.54 -6.40 -3.87
C ALA A 63 -2.07 -7.29 -4.98
N VAL A 64 -1.94 -6.79 -6.21
CA VAL A 64 -2.55 -7.34 -7.40
C VAL A 64 -1.68 -8.48 -7.92
N SER A 65 -2.24 -9.67 -8.16
CA SER A 65 -1.49 -10.81 -8.69
C SER A 65 -1.42 -10.74 -10.23
N SER A 66 -0.95 -9.60 -10.76
CA SER A 66 -1.01 -9.29 -12.19
C SER A 66 0.01 -10.08 -13.02
N GLY A 67 1.13 -10.50 -12.44
CA GLY A 67 2.18 -11.21 -13.16
C GLY A 67 1.71 -12.58 -13.65
N LYS A 68 2.13 -12.96 -14.87
CA LYS A 68 1.84 -14.28 -15.43
C LYS A 68 2.81 -15.34 -14.91
N ARG A 69 4.04 -14.94 -14.56
CA ARG A 69 5.00 -15.81 -13.89
C ARG A 69 4.55 -16.05 -12.45
N LYS A 70 5.18 -17.01 -11.76
CA LYS A 70 4.93 -17.25 -10.34
C LYS A 70 5.28 -15.99 -9.54
N GLU A 71 4.67 -15.85 -8.35
CA GLU A 71 4.69 -14.62 -7.56
C GLU A 71 4.14 -13.49 -8.45
N GLY A 72 4.89 -12.40 -8.65
CA GLY A 72 4.50 -11.38 -9.63
C GLY A 72 3.38 -10.46 -9.13
N ILE A 73 3.33 -10.21 -7.81
CA ILE A 73 2.37 -9.30 -7.21
C ILE A 73 2.87 -7.87 -7.48
N ILE A 74 1.94 -6.96 -7.79
CA ILE A 74 2.15 -5.52 -7.87
C ILE A 74 1.54 -4.95 -6.59
N HIS A 75 2.25 -4.12 -5.84
CA HIS A 75 1.69 -3.46 -4.66
C HIS A 75 1.42 -2.00 -5.02
N THR A 76 0.18 -1.54 -4.81
CA THR A 76 -0.23 -0.15 -5.01
C THR A 76 -1.04 0.29 -3.80
N LEU A 77 -0.92 1.54 -3.40
CA LEU A 77 -1.80 2.13 -2.39
C LEU A 77 -2.97 2.78 -3.12
N ILE A 78 -4.19 2.49 -2.69
CA ILE A 78 -5.40 3.17 -3.10
C ILE A 78 -5.88 3.93 -1.86
N VAL A 79 -6.42 5.13 -2.04
CA VAL A 79 -7.04 5.93 -0.99
C VAL A 79 -8.33 6.53 -1.56
N ASP A 80 -9.42 6.41 -0.81
CA ASP A 80 -10.77 6.86 -1.20
C ASP A 80 -11.11 6.44 -2.64
N ASN A 81 -10.74 5.19 -2.98
CA ASN A 81 -10.91 4.52 -4.27
C ASN A 81 -10.15 5.13 -5.47
N ARG A 82 -9.14 5.97 -5.23
CA ARG A 82 -8.19 6.45 -6.26
C ARG A 82 -6.79 5.94 -5.97
N GLU A 83 -6.00 5.78 -7.03
CA GLU A 83 -4.72 5.12 -7.00
C GLU A 83 -3.60 6.11 -6.67
N ILE A 84 -2.67 5.69 -5.80
CA ILE A 84 -1.55 6.46 -5.29
C ILE A 84 -0.26 5.76 -5.75
N PRO A 85 0.55 6.35 -6.65
CA PRO A 85 1.80 5.76 -7.12
C PRO A 85 2.90 5.90 -6.05
N GLU A 86 3.85 4.95 -6.03
CA GLU A 86 5.00 4.99 -5.12
C GLU A 86 5.81 6.28 -5.31
N ILE A 87 6.57 6.65 -4.28
CA ILE A 87 7.49 7.78 -4.31
C ILE A 87 8.55 7.61 -5.42
N ALA A 88 9.07 8.75 -5.90
CA ALA A 88 10.08 8.83 -6.97
C ALA A 88 11.27 9.69 -6.54
N SER A 89 11.50 9.76 -5.23
CA SER A 89 12.60 10.48 -4.61
C SER A 89 13.94 9.93 -5.08
N GLU A 1 11.69 2.28 -12.89
CA GLU A 1 13.01 1.82 -12.40
C GLU A 1 12.93 1.49 -10.90
N ASP A 2 13.81 0.62 -10.41
CA ASP A 2 13.95 0.23 -9.00
C ASP A 2 15.42 -0.05 -8.72
N ARG A 3 15.85 0.09 -7.46
CA ARG A 3 17.18 -0.26 -6.99
C ARG A 3 17.09 -1.46 -6.04
N SER A 4 16.29 -2.46 -6.44
CA SER A 4 15.98 -3.65 -5.66
C SER A 4 15.45 -3.32 -4.26
N LYS A 5 14.60 -2.27 -4.14
CA LYS A 5 14.09 -1.85 -2.84
C LYS A 5 13.15 -2.92 -2.23
N THR A 6 12.47 -3.70 -3.07
CA THR A 6 11.46 -4.70 -2.69
C THR A 6 10.21 -4.06 -2.12
N THR A 7 10.29 -3.22 -1.10
CA THR A 7 9.14 -2.59 -0.49
C THR A 7 8.47 -1.63 -1.47
N ASN A 8 7.14 -1.54 -1.36
CA ASN A 8 6.34 -0.57 -2.13
C ASN A 8 6.30 0.66 -1.27
N THR A 9 6.71 1.80 -1.84
CA THR A 9 6.56 3.09 -1.21
C THR A 9 5.47 3.84 -1.98
N TRP A 10 4.72 4.69 -1.29
CA TRP A 10 3.79 5.65 -1.85
C TRP A 10 4.00 6.96 -1.09
N VAL A 11 3.58 8.08 -1.67
CA VAL A 11 3.51 9.36 -0.98
C VAL A 11 2.07 9.87 -1.09
N LEU A 12 1.56 10.47 -0.01
CA LEU A 12 0.22 11.02 0.08
C LEU A 12 0.33 12.47 0.49
N HIS A 13 -0.20 13.37 -0.31
CA HIS A 13 -0.35 14.76 0.08
C HIS A 13 -1.74 14.89 0.71
N MET A 14 -1.83 15.25 1.98
CA MET A 14 -3.06 15.37 2.74
C MET A 14 -2.90 16.50 3.75
N ASP A 15 -3.91 17.36 3.86
CA ASP A 15 -3.98 18.46 4.85
C ASP A 15 -2.70 19.32 4.89
N GLY A 16 -2.10 19.56 3.73
CA GLY A 16 -0.92 20.40 3.58
C GLY A 16 0.40 19.73 4.01
N GLU A 17 0.39 18.43 4.30
CA GLU A 17 1.55 17.63 4.62
C GLU A 17 1.73 16.51 3.59
N ASN A 18 2.96 16.02 3.44
CA ASN A 18 3.28 14.84 2.64
C ASN A 18 3.66 13.72 3.58
N PHE A 19 2.95 12.59 3.47
CA PHE A 19 3.16 11.38 4.27
C PHE A 19 3.73 10.31 3.34
N ARG A 20 4.89 9.73 3.67
CA ARG A 20 5.39 8.55 2.98
C ARG A 20 4.76 7.33 3.62
N ILE A 21 4.41 6.37 2.78
CA ILE A 21 3.92 5.05 3.15
C ILE A 21 4.96 4.08 2.62
N VAL A 22 5.36 3.08 3.39
CA VAL A 22 6.16 1.98 2.92
C VAL A 22 5.51 0.71 3.44
N LEU A 23 5.10 -0.18 2.54
CA LEU A 23 4.65 -1.52 2.90
C LEU A 23 5.87 -2.43 2.94
N GLU A 24 6.11 -3.10 4.06
CA GLU A 24 7.08 -4.15 4.18
C GLU A 24 6.42 -5.44 3.71
N LYS A 25 6.86 -6.01 2.59
CA LYS A 25 6.15 -7.11 1.94
C LYS A 25 6.28 -8.42 2.73
N ASP A 26 7.36 -8.58 3.51
CA ASP A 26 7.61 -9.82 4.22
C ASP A 26 6.59 -10.06 5.33
N ALA A 27 6.27 -9.00 6.10
CA ALA A 27 5.35 -9.05 7.22
C ALA A 27 3.97 -8.43 6.91
N MET A 28 3.84 -7.74 5.78
CA MET A 28 2.69 -6.91 5.43
C MET A 28 2.41 -5.84 6.51
N ASP A 29 3.47 -5.39 7.19
CA ASP A 29 3.41 -4.24 8.09
C ASP A 29 3.54 -3.00 7.20
N VAL A 30 2.96 -1.88 7.59
CA VAL A 30 2.97 -0.66 6.79
C VAL A 30 3.47 0.46 7.70
N TRP A 31 4.60 1.03 7.32
CA TRP A 31 5.22 2.18 7.93
C TRP A 31 4.57 3.42 7.29
N CYS A 32 3.90 4.27 8.08
CA CYS A 32 3.46 5.59 7.64
C CYS A 32 4.31 6.59 8.39
N ASN A 33 4.93 7.56 7.68
CA ASN A 33 5.81 8.57 8.28
C ASN A 33 6.92 7.92 9.14
N GLY A 34 7.41 6.74 8.72
CA GLY A 34 8.44 5.98 9.42
C GLY A 34 7.97 5.28 10.71
N LYS A 35 6.66 5.20 10.96
CA LYS A 35 6.07 4.66 12.20
C LYS A 35 5.08 3.57 11.81
N LYS A 36 4.97 2.48 12.58
CA LYS A 36 4.00 1.43 12.26
C LYS A 36 2.60 1.97 12.51
N LEU A 37 1.62 1.56 11.70
CA LEU A 37 0.20 1.80 11.93
C LEU A 37 -0.56 0.48 11.96
N GLU A 38 -1.81 0.54 12.42
CA GLU A 38 -2.68 -0.62 12.56
C GLU A 38 -3.18 -1.06 11.18
N THR A 39 -3.34 -2.37 10.99
CA THR A 39 -3.76 -2.97 9.74
C THR A 39 -4.72 -4.13 10.00
N ALA A 40 -5.63 -4.36 9.05
CA ALA A 40 -6.51 -5.53 8.99
C ALA A 40 -6.38 -6.05 7.56
N GLY A 41 -6.30 -7.36 7.35
CA GLY A 41 -6.10 -7.96 6.04
C GLY A 41 -7.33 -8.80 5.76
N GLU A 42 -8.13 -8.37 4.78
CA GLU A 42 -9.31 -9.08 4.34
C GLU A 42 -9.08 -9.65 2.93
N PHE A 43 -9.66 -10.81 2.68
CA PHE A 43 -9.57 -11.47 1.37
C PHE A 43 -10.83 -11.18 0.58
N VAL A 44 -10.67 -10.99 -0.73
CA VAL A 44 -11.73 -10.69 -1.68
C VAL A 44 -11.61 -11.59 -2.90
N ASP A 45 -12.66 -11.63 -3.72
CA ASP A 45 -12.71 -12.33 -5.00
C ASP A 45 -11.96 -11.53 -6.08
N ASP A 46 -10.75 -11.13 -5.72
CA ASP A 46 -9.88 -10.18 -6.43
C ASP A 46 -8.42 -10.36 -5.97
N GLY A 47 -8.20 -10.69 -4.69
CA GLY A 47 -6.89 -10.72 -4.08
C GLY A 47 -7.07 -10.45 -2.59
N THR A 48 -6.30 -9.52 -2.04
CA THR A 48 -6.33 -9.17 -0.63
C THR A 48 -6.41 -7.64 -0.54
N GLU A 49 -7.00 -7.13 0.54
CA GLU A 49 -7.05 -5.72 0.85
C GLU A 49 -6.59 -5.55 2.29
N THR A 50 -5.48 -4.82 2.48
CA THR A 50 -4.96 -4.47 3.80
C THR A 50 -5.48 -3.07 4.11
N HIS A 51 -6.46 -2.95 5.00
CA HIS A 51 -7.13 -1.70 5.33
C HIS A 51 -6.40 -1.00 6.48
N PHE A 52 -6.37 0.33 6.46
CA PHE A 52 -5.92 1.19 7.56
C PHE A 52 -6.54 2.59 7.39
N SER A 53 -6.21 3.53 8.28
CA SER A 53 -6.64 4.92 8.22
C SER A 53 -5.51 5.80 8.76
N ILE A 54 -5.43 7.04 8.27
CA ILE A 54 -4.46 8.05 8.66
C ILE A 54 -5.32 9.29 8.89
N GLY A 55 -5.47 9.70 10.15
CA GLY A 55 -6.42 10.73 10.51
C GLY A 55 -7.83 10.30 10.09
N ASN A 56 -8.55 11.18 9.40
CA ASN A 56 -9.89 10.91 8.88
C ASN A 56 -9.87 10.06 7.61
N HIS A 57 -8.72 9.94 6.93
CA HIS A 57 -8.63 9.34 5.61
C HIS A 57 -8.48 7.83 5.77
N ASP A 58 -9.41 7.04 5.22
CA ASP A 58 -9.25 5.58 5.16
C ASP A 58 -8.46 5.21 3.89
N CYS A 59 -7.68 4.14 4.01
CA CYS A 59 -6.75 3.67 3.01
C CYS A 59 -6.81 2.15 2.95
N TYR A 60 -6.48 1.56 1.81
CA TYR A 60 -6.27 0.13 1.74
C TYR A 60 -5.22 -0.18 0.70
N ILE A 61 -4.34 -1.14 0.96
CA ILE A 61 -3.45 -1.65 -0.08
C ILE A 61 -4.24 -2.77 -0.74
N LYS A 62 -4.52 -2.64 -2.03
CA LYS A 62 -5.07 -3.69 -2.87
C LYS A 62 -3.87 -4.53 -3.27
N ALA A 63 -3.95 -5.83 -3.06
CA ALA A 63 -2.93 -6.78 -3.45
C ALA A 63 -3.63 -7.77 -4.37
N VAL A 64 -3.62 -7.49 -5.65
CA VAL A 64 -4.41 -8.19 -6.65
C VAL A 64 -3.62 -9.40 -7.14
N SER A 65 -4.14 -10.62 -7.00
CA SER A 65 -3.52 -11.79 -7.59
C SER A 65 -3.81 -11.76 -9.10
N SER A 66 -2.77 -11.55 -9.91
CA SER A 66 -2.89 -11.27 -11.34
C SER A 66 -1.74 -11.93 -12.11
N GLY A 67 -1.73 -11.78 -13.43
CA GLY A 67 -0.67 -12.29 -14.30
C GLY A 67 -0.88 -13.76 -14.67
N LYS A 68 0.21 -14.44 -15.04
CA LYS A 68 0.22 -15.86 -15.39
C LYS A 68 0.04 -16.71 -14.13
N ARG A 69 -0.02 -18.04 -14.27
CA ARG A 69 -0.29 -18.98 -13.17
C ARG A 69 0.75 -18.93 -12.04
N LYS A 70 1.93 -18.33 -12.25
CA LYS A 70 2.89 -18.05 -11.19
C LYS A 70 2.34 -17.07 -10.14
N GLU A 71 1.36 -16.24 -10.54
CA GLU A 71 0.72 -15.15 -9.84
C GLU A 71 1.71 -14.06 -9.39
N GLY A 72 1.69 -12.94 -10.12
CA GLY A 72 2.38 -11.71 -9.74
C GLY A 72 1.36 -10.85 -9.04
N ILE A 73 1.49 -10.65 -7.72
CA ILE A 73 0.52 -9.89 -6.96
C ILE A 73 0.81 -8.40 -7.23
N ILE A 74 -0.18 -7.65 -7.70
CA ILE A 74 -0.06 -6.23 -7.99
C ILE A 74 -0.41 -5.50 -6.70
N HIS A 75 0.54 -4.82 -6.08
CA HIS A 75 0.29 -4.03 -4.88
C HIS A 75 0.00 -2.58 -5.32
N THR A 76 -1.14 -2.05 -4.89
CA THR A 76 -1.55 -0.67 -5.12
C THR A 76 -2.04 -0.09 -3.81
N LEU A 77 -1.76 1.18 -3.53
CA LEU A 77 -2.37 1.86 -2.39
C LEU A 77 -3.59 2.59 -2.92
N ILE A 78 -4.73 2.41 -2.26
CA ILE A 78 -5.95 3.16 -2.47
C ILE A 78 -6.12 4.03 -1.22
N VAL A 79 -6.59 5.27 -1.38
CA VAL A 79 -6.95 6.17 -0.30
C VAL A 79 -8.23 6.87 -0.70
N ASP A 80 -9.21 6.93 0.20
CA ASP A 80 -10.54 7.50 -0.08
C ASP A 80 -11.16 6.93 -1.37
N ASN A 81 -10.92 5.64 -1.63
CA ASN A 81 -11.31 4.89 -2.83
C ASN A 81 -10.66 5.38 -4.15
N ARG A 82 -9.66 6.27 -4.10
CA ARG A 82 -8.85 6.69 -5.23
C ARG A 82 -7.55 5.90 -5.25
N GLU A 83 -7.00 5.68 -6.43
CA GLU A 83 -5.79 4.91 -6.64
C GLU A 83 -4.55 5.82 -6.52
N ILE A 84 -3.51 5.33 -5.84
CA ILE A 84 -2.26 6.03 -5.57
C ILE A 84 -1.10 5.24 -6.23
N PRO A 85 -0.36 5.82 -7.19
CA PRO A 85 0.80 5.18 -7.82
C PRO A 85 1.97 5.00 -6.84
N GLU A 86 2.67 3.86 -6.93
CA GLU A 86 3.88 3.60 -6.15
C GLU A 86 5.03 4.50 -6.63
N ILE A 87 6.07 4.59 -5.80
CA ILE A 87 7.34 5.23 -6.04
C ILE A 87 8.45 4.27 -5.57
N ALA A 88 9.67 4.52 -6.08
CA ALA A 88 10.86 3.74 -5.73
C ALA A 88 11.99 4.63 -5.16
N SER A 89 11.58 5.77 -4.61
CA SER A 89 12.46 6.73 -3.96
C SER A 89 13.09 6.10 -2.71
N GLU A 1 20.07 -6.37 -5.80
CA GLU A 1 20.92 -7.15 -4.86
C GLU A 1 20.05 -7.68 -3.70
N ASP A 2 20.52 -8.68 -2.97
CA ASP A 2 19.79 -9.24 -1.82
C ASP A 2 19.49 -8.20 -0.74
N ARG A 3 20.40 -7.23 -0.56
CA ARG A 3 20.26 -6.17 0.45
C ARG A 3 19.38 -5.00 -0.03
N SER A 4 18.97 -4.98 -1.29
CA SER A 4 18.16 -3.89 -1.84
C SER A 4 16.77 -3.86 -1.17
N LYS A 5 16.21 -2.66 -0.97
CA LYS A 5 14.82 -2.51 -0.55
C LYS A 5 13.90 -2.75 -1.74
N THR A 6 12.68 -3.21 -1.45
CA THR A 6 11.61 -3.39 -2.41
C THR A 6 10.40 -2.69 -1.77
N THR A 7 10.24 -1.39 -2.06
CA THR A 7 9.27 -0.54 -1.37
C THR A 7 8.42 0.24 -2.38
N ASN A 8 7.15 0.46 -2.01
CA ASN A 8 6.21 1.37 -2.69
C ASN A 8 5.97 2.50 -1.71
N THR A 9 6.07 3.76 -2.14
CA THR A 9 5.70 4.90 -1.30
C THR A 9 4.53 5.62 -1.96
N TRP A 10 3.60 6.09 -1.14
CA TRP A 10 2.47 6.92 -1.52
C TRP A 10 2.42 8.10 -0.56
N VAL A 11 1.87 9.22 -1.00
CA VAL A 11 1.55 10.35 -0.14
C VAL A 11 0.03 10.53 -0.11
N LEU A 12 -0.50 10.83 1.08
CA LEU A 12 -1.91 11.01 1.37
C LEU A 12 -2.05 12.41 1.93
N HIS A 13 -2.71 13.28 1.17
CA HIS A 13 -3.11 14.59 1.66
C HIS A 13 -4.51 14.44 2.23
N MET A 14 -4.68 14.61 3.55
CA MET A 14 -5.94 14.41 4.25
C MET A 14 -5.99 15.39 5.43
N ASP A 15 -7.14 16.03 5.65
CA ASP A 15 -7.41 16.96 6.76
C ASP A 15 -6.31 18.03 6.92
N GLY A 16 -5.80 18.52 5.79
CA GLY A 16 -4.77 19.55 5.73
C GLY A 16 -3.35 19.05 6.01
N GLU A 17 -3.18 17.78 6.42
CA GLU A 17 -1.91 17.13 6.66
C GLU A 17 -1.48 16.34 5.42
N ASN A 18 -0.20 15.95 5.39
CA ASN A 18 0.36 15.05 4.40
C ASN A 18 0.99 13.88 5.15
N PHE A 19 0.56 12.67 4.81
CA PHE A 19 1.00 11.41 5.40
C PHE A 19 1.80 10.66 4.34
N ARG A 20 2.98 10.14 4.68
CA ARG A 20 3.71 9.22 3.82
C ARG A 20 3.27 7.81 4.21
N ILE A 21 3.06 6.97 3.21
CA ILE A 21 2.80 5.55 3.35
C ILE A 21 3.98 4.88 2.68
N VAL A 22 4.63 3.91 3.30
CA VAL A 22 5.63 3.09 2.66
C VAL A 22 5.27 1.63 2.96
N LEU A 23 4.99 0.86 1.91
CA LEU A 23 4.85 -0.59 2.02
C LEU A 23 6.23 -1.21 1.81
N GLU A 24 6.70 -1.99 2.77
CA GLU A 24 7.86 -2.84 2.66
C GLU A 24 7.33 -4.15 2.07
N LYS A 25 7.68 -4.45 0.81
CA LYS A 25 7.07 -5.58 0.09
C LYS A 25 7.65 -6.91 0.55
N ASP A 26 8.87 -6.91 1.11
CA ASP A 26 9.50 -8.14 1.60
C ASP A 26 8.71 -8.70 2.78
N ALA A 27 8.28 -7.81 3.68
CA ALA A 27 7.54 -8.16 4.89
C ALA A 27 6.02 -8.00 4.73
N MET A 28 5.57 -7.33 3.66
CA MET A 28 4.18 -6.90 3.46
C MET A 28 3.71 -6.12 4.71
N ASP A 29 4.53 -5.15 5.13
CA ASP A 29 4.35 -4.36 6.34
C ASP A 29 4.32 -2.89 5.96
N VAL A 30 3.47 -2.09 6.63
CA VAL A 30 3.22 -0.71 6.25
C VAL A 30 3.76 0.24 7.32
N TRP A 31 4.64 1.14 6.91
CA TRP A 31 5.11 2.26 7.69
C TRP A 31 4.24 3.43 7.25
N CYS A 32 3.40 3.98 8.14
CA CYS A 32 2.66 5.20 7.88
C CYS A 32 3.30 6.27 8.77
N ASN A 33 3.82 7.35 8.16
CA ASN A 33 4.66 8.36 8.83
C ASN A 33 5.79 7.69 9.64
N GLY A 34 6.39 6.64 9.07
CA GLY A 34 7.55 5.94 9.65
C GLY A 34 7.22 4.97 10.79
N LYS A 35 5.96 4.89 11.24
CA LYS A 35 5.53 3.99 12.32
C LYS A 35 4.63 2.90 11.75
N LYS A 36 4.71 1.68 12.28
CA LYS A 36 3.74 0.66 11.91
C LYS A 36 2.37 0.99 12.49
N LEU A 37 1.33 0.57 11.79
CA LEU A 37 -0.06 0.55 12.22
C LEU A 37 -0.70 -0.75 11.74
N GLU A 38 -1.88 -1.06 12.27
CA GLU A 38 -2.52 -2.36 12.05
C GLU A 38 -2.98 -2.52 10.60
N THR A 39 -2.86 -3.74 10.09
CA THR A 39 -3.20 -4.15 8.74
C THR A 39 -3.90 -5.52 8.80
N ALA A 40 -4.78 -5.78 7.84
CA ALA A 40 -5.38 -7.09 7.60
C ALA A 40 -5.26 -7.36 6.10
N GLY A 41 -4.83 -8.56 5.72
CA GLY A 41 -4.58 -8.92 4.34
C GLY A 41 -5.75 -9.74 3.86
N GLU A 42 -6.77 -9.08 3.30
CA GLU A 42 -7.94 -9.74 2.79
C GLU A 42 -7.59 -10.32 1.41
N PHE A 43 -8.10 -11.51 1.12
CA PHE A 43 -7.88 -12.17 -0.16
C PHE A 43 -9.17 -12.11 -0.97
N VAL A 44 -9.05 -11.78 -2.25
CA VAL A 44 -10.18 -11.59 -3.14
C VAL A 44 -9.93 -12.31 -4.47
N ASP A 45 -10.99 -12.44 -5.26
CA ASP A 45 -10.97 -13.05 -6.60
C ASP A 45 -10.39 -12.06 -7.62
N ASP A 46 -9.25 -11.48 -7.27
CA ASP A 46 -8.57 -10.37 -7.90
C ASP A 46 -7.09 -10.31 -7.49
N GLY A 47 -6.77 -10.72 -6.24
CA GLY A 47 -5.47 -10.56 -5.64
C GLY A 47 -5.66 -10.40 -4.14
N THR A 48 -5.00 -9.41 -3.55
CA THR A 48 -5.05 -9.16 -2.11
C THR A 48 -5.42 -7.70 -1.90
N GLU A 49 -6.07 -7.38 -0.78
CA GLU A 49 -6.36 -6.02 -0.36
C GLU A 49 -5.91 -5.92 1.10
N THR A 50 -4.80 -5.22 1.34
CA THR A 50 -4.29 -4.97 2.68
C THR A 50 -5.03 -3.76 3.22
N HIS A 51 -6.04 -3.95 4.07
CA HIS A 51 -6.88 -2.90 4.62
C HIS A 51 -6.23 -2.29 5.86
N PHE A 52 -6.41 -0.98 6.05
CA PHE A 52 -6.07 -0.24 7.27
C PHE A 52 -6.91 1.05 7.29
N SER A 53 -6.72 1.89 8.31
CA SER A 53 -7.37 3.19 8.42
C SER A 53 -6.41 4.19 9.08
N ILE A 54 -6.55 5.47 8.74
CA ILE A 54 -5.78 6.59 9.27
C ILE A 54 -6.84 7.63 9.60
N GLY A 55 -7.00 7.96 10.89
CA GLY A 55 -8.11 8.78 11.34
C GLY A 55 -9.43 8.11 10.95
N ASN A 56 -10.35 8.88 10.36
CA ASN A 56 -11.64 8.38 9.88
C ASN A 56 -11.56 7.77 8.48
N HIS A 57 -10.40 7.82 7.81
CA HIS A 57 -10.25 7.43 6.42
C HIS A 57 -9.80 5.98 6.36
N ASP A 58 -10.57 5.11 5.71
CA ASP A 58 -10.12 3.75 5.43
C ASP A 58 -9.31 3.72 4.14
N CYS A 59 -8.30 2.87 4.12
CA CYS A 59 -7.34 2.72 3.05
C CYS A 59 -7.12 1.23 2.78
N TYR A 60 -6.76 0.87 1.56
CA TYR A 60 -6.32 -0.48 1.30
C TYR A 60 -5.28 -0.49 0.20
N ILE A 61 -4.24 -1.31 0.33
CA ILE A 61 -3.31 -1.53 -0.77
C ILE A 61 -3.91 -2.68 -1.54
N LYS A 62 -4.38 -2.40 -2.75
CA LYS A 62 -4.83 -3.39 -3.70
C LYS A 62 -3.57 -3.95 -4.35
N ALA A 63 -3.43 -5.28 -4.35
CA ALA A 63 -2.27 -5.99 -4.80
C ALA A 63 -2.79 -7.04 -5.79
N VAL A 64 -2.81 -6.71 -7.07
CA VAL A 64 -3.46 -7.47 -8.11
C VAL A 64 -2.47 -8.44 -8.75
N SER A 65 -2.78 -9.74 -8.82
CA SER A 65 -1.93 -10.75 -9.43
C SER A 65 -2.14 -10.83 -10.96
N SER A 66 -2.12 -9.68 -11.65
CA SER A 66 -2.38 -9.57 -13.08
C SER A 66 -1.10 -9.21 -13.85
N GLY A 67 -0.95 -9.80 -15.05
CA GLY A 67 0.12 -9.48 -15.99
C GLY A 67 1.50 -9.84 -15.44
N LYS A 68 2.55 -9.28 -16.06
CA LYS A 68 3.94 -9.29 -15.61
C LYS A 68 4.38 -10.66 -15.08
N ARG A 69 4.27 -11.69 -15.93
CA ARG A 69 4.68 -13.07 -15.65
C ARG A 69 4.11 -13.58 -14.32
N LYS A 70 2.82 -13.30 -14.06
CA LYS A 70 2.03 -13.58 -12.86
C LYS A 70 2.55 -12.87 -11.61
N GLU A 71 3.79 -13.13 -11.18
CA GLU A 71 4.29 -12.69 -9.89
C GLU A 71 4.59 -11.18 -9.82
N GLY A 72 4.49 -10.45 -10.94
CA GLY A 72 4.53 -9.00 -10.96
C GLY A 72 3.18 -8.43 -10.48
N ILE A 73 2.87 -8.62 -9.21
CA ILE A 73 1.65 -8.13 -8.56
C ILE A 73 1.64 -6.60 -8.70
N ILE A 74 0.51 -6.04 -9.12
CA ILE A 74 0.33 -4.61 -9.31
C ILE A 74 -0.05 -4.07 -7.94
N HIS A 75 0.79 -3.25 -7.31
CA HIS A 75 0.49 -2.64 -6.02
C HIS A 75 -0.06 -1.23 -6.25
N THR A 76 -1.21 -0.92 -5.64
CA THR A 76 -1.82 0.40 -5.68
C THR A 76 -2.39 0.69 -4.30
N LEU A 77 -2.24 1.91 -3.79
CA LEU A 77 -2.94 2.32 -2.58
C LEU A 77 -4.27 2.92 -3.02
N ILE A 78 -5.35 2.48 -2.39
CA ILE A 78 -6.66 3.04 -2.51
C ILE A 78 -6.99 3.68 -1.16
N VAL A 79 -7.76 4.78 -1.15
CA VAL A 79 -8.26 5.43 0.04
C VAL A 79 -9.68 5.85 -0.26
N ASP A 80 -10.64 5.52 0.62
CA ASP A 80 -12.07 5.79 0.42
C ASP A 80 -12.54 5.36 -0.99
N ASN A 81 -12.03 4.21 -1.45
CA ASN A 81 -12.25 3.63 -2.79
C ASN A 81 -11.67 4.44 -3.98
N ARG A 82 -10.97 5.56 -3.73
CA ARG A 82 -10.25 6.32 -4.75
C ARG A 82 -8.83 5.80 -4.86
N GLU A 83 -8.24 5.93 -6.03
CA GLU A 83 -6.92 5.38 -6.34
C GLU A 83 -5.83 6.43 -6.10
N ILE A 84 -4.72 6.01 -5.49
CA ILE A 84 -3.58 6.85 -5.11
C ILE A 84 -2.35 6.30 -5.86
N PRO A 85 -1.71 7.08 -6.76
CA PRO A 85 -0.50 6.65 -7.46
C PRO A 85 0.72 6.72 -6.55
N GLU A 86 1.74 5.88 -6.82
CA GLU A 86 3.02 5.93 -6.11
C GLU A 86 3.69 7.29 -6.37
N ILE A 87 4.66 7.65 -5.52
CA ILE A 87 5.33 8.95 -5.57
C ILE A 87 6.11 9.14 -6.88
N ALA A 88 6.27 10.41 -7.26
CA ALA A 88 7.15 10.85 -8.33
C ALA A 88 7.84 12.13 -7.86
N SER A 89 9.10 12.01 -7.49
CA SER A 89 9.92 13.15 -7.08
C SER A 89 10.16 14.07 -8.28
N GLU A 1 25.11 -12.06 4.70
CA GLU A 1 25.51 -11.21 3.54
C GLU A 1 24.48 -10.09 3.34
N ASP A 2 24.89 -8.97 2.74
CA ASP A 2 23.99 -7.86 2.41
C ASP A 2 23.07 -8.26 1.25
N ARG A 3 21.81 -7.81 1.28
CA ARG A 3 20.83 -8.04 0.22
C ARG A 3 19.92 -6.82 0.15
N SER A 4 19.50 -6.45 -1.06
CA SER A 4 18.58 -5.34 -1.30
C SER A 4 17.20 -5.63 -0.68
N LYS A 5 16.45 -4.57 -0.36
CA LYS A 5 15.08 -4.64 0.14
C LYS A 5 14.26 -3.53 -0.52
N THR A 6 12.96 -3.73 -0.67
CA THR A 6 12.07 -2.80 -1.35
C THR A 6 10.89 -2.45 -0.44
N THR A 7 10.50 -1.19 -0.43
CA THR A 7 9.36 -0.61 0.29
C THR A 7 8.58 0.26 -0.70
N ASN A 8 7.30 0.50 -0.43
CA ASN A 8 6.46 1.44 -1.20
C ASN A 8 5.95 2.46 -0.20
N THR A 9 6.09 3.75 -0.52
CA THR A 9 5.75 4.82 0.39
C THR A 9 4.73 5.74 -0.27
N TRP A 10 3.79 6.23 0.54
CA TRP A 10 2.75 7.17 0.17
C TRP A 10 2.60 8.17 1.31
N VAL A 11 2.06 9.33 1.01
CA VAL A 11 1.64 10.30 2.01
C VAL A 11 0.28 10.89 1.61
N LEU A 12 -0.54 11.21 2.61
CA LEU A 12 -1.77 11.98 2.45
C LEU A 12 -1.78 13.08 3.49
N HIS A 13 -2.52 14.15 3.22
CA HIS A 13 -2.83 15.20 4.17
C HIS A 13 -4.33 15.09 4.45
N MET A 14 -4.70 14.79 5.70
CA MET A 14 -6.09 14.60 6.14
C MET A 14 -6.22 15.14 7.55
N ASP A 15 -7.35 15.77 7.86
CA ASP A 15 -7.72 16.24 9.20
C ASP A 15 -6.60 17.04 9.91
N GLY A 16 -5.88 17.86 9.15
CA GLY A 16 -4.81 18.72 9.65
C GLY A 16 -3.50 17.98 9.94
N GLU A 17 -3.39 16.69 9.62
CA GLU A 17 -2.22 15.86 9.80
C GLU A 17 -1.70 15.35 8.46
N ASN A 18 -0.45 14.89 8.44
CA ASN A 18 0.15 14.17 7.32
C ASN A 18 0.33 12.74 7.78
N PHE A 19 -0.20 11.80 7.00
CA PHE A 19 -0.10 10.37 7.26
C PHE A 19 0.80 9.76 6.20
N ARG A 20 2.04 9.44 6.59
CA ARG A 20 2.93 8.64 5.77
C ARG A 20 2.51 7.20 5.93
N ILE A 21 2.59 6.46 4.84
CA ILE A 21 2.33 5.05 4.75
C ILE A 21 3.58 4.47 4.14
N VAL A 22 4.13 3.40 4.72
CA VAL A 22 5.20 2.64 4.13
C VAL A 22 4.79 1.17 4.22
N LEU A 23 4.69 0.49 3.09
CA LEU A 23 4.51 -0.96 3.02
C LEU A 23 5.92 -1.55 3.02
N GLU A 24 6.21 -2.45 3.96
CA GLU A 24 7.42 -3.26 4.04
C GLU A 24 7.20 -4.55 3.26
N LYS A 25 7.83 -4.71 2.09
CA LYS A 25 7.50 -5.82 1.20
C LYS A 25 7.98 -7.16 1.76
N ASP A 26 9.01 -7.15 2.59
CA ASP A 26 9.59 -8.38 3.15
C ASP A 26 8.58 -9.08 4.07
N ALA A 27 7.85 -8.31 4.87
CA ALA A 27 6.87 -8.79 5.82
C ALA A 27 5.42 -8.62 5.35
N MET A 28 5.19 -7.87 4.26
CA MET A 28 3.89 -7.40 3.81
C MET A 28 3.14 -6.72 4.96
N ASP A 29 3.87 -5.89 5.72
CA ASP A 29 3.36 -5.09 6.83
C ASP A 29 3.28 -3.64 6.37
N VAL A 30 2.50 -2.80 7.04
CA VAL A 30 2.28 -1.42 6.67
C VAL A 30 2.43 -0.56 7.93
N TRP A 31 3.40 0.35 7.89
CA TRP A 31 3.66 1.36 8.88
C TRP A 31 2.88 2.62 8.53
N CYS A 32 2.00 3.10 9.40
CA CYS A 32 1.37 4.41 9.29
C CYS A 32 2.08 5.33 10.30
N ASN A 33 2.78 6.37 9.82
CA ASN A 33 3.62 7.25 10.65
C ASN A 33 4.53 6.44 11.60
N GLY A 34 5.08 5.32 11.11
CA GLY A 34 6.01 4.45 11.83
C GLY A 34 5.36 3.42 12.77
N LYS A 35 4.04 3.47 13.00
CA LYS A 35 3.32 2.48 13.81
C LYS A 35 2.72 1.43 12.89
N LYS A 36 2.73 0.14 13.27
CA LYS A 36 2.05 -0.89 12.48
C LYS A 36 0.54 -0.67 12.58
N LEU A 37 -0.19 -0.88 11.49
CA LEU A 37 -1.65 -0.94 11.50
C LEU A 37 -2.13 -2.34 11.11
N GLU A 38 -3.41 -2.59 11.36
CA GLU A 38 -4.08 -3.84 11.05
C GLU A 38 -4.33 -3.94 9.54
N THR A 39 -4.28 -5.14 8.99
CA THR A 39 -4.45 -5.38 7.55
C THR A 39 -5.23 -6.68 7.32
N ALA A 40 -5.97 -6.73 6.21
CA ALA A 40 -6.60 -7.92 5.68
C ALA A 40 -6.29 -7.94 4.19
N GLY A 41 -5.88 -9.08 3.66
CA GLY A 41 -5.43 -9.23 2.29
C GLY A 41 -6.55 -9.87 1.51
N GLU A 42 -7.43 -9.07 0.93
CA GLU A 42 -8.52 -9.56 0.12
C GLU A 42 -7.95 -9.93 -1.25
N PHE A 43 -8.44 -11.02 -1.84
CA PHE A 43 -8.02 -11.45 -3.17
C PHE A 43 -9.15 -11.20 -4.14
N VAL A 44 -8.83 -10.66 -5.31
CA VAL A 44 -9.76 -10.28 -6.33
C VAL A 44 -9.30 -10.78 -7.69
N ASP A 45 -10.19 -10.72 -8.67
CA ASP A 45 -9.96 -11.12 -10.07
C ASP A 45 -9.18 -10.01 -10.81
N ASP A 46 -8.10 -9.58 -10.16
CA ASP A 46 -7.28 -8.41 -10.49
C ASP A 46 -5.91 -8.50 -9.81
N GLY A 47 -5.83 -9.09 -8.61
CA GLY A 47 -4.65 -9.10 -7.77
C GLY A 47 -5.10 -9.16 -6.32
N THR A 48 -4.51 -8.34 -5.47
CA THR A 48 -4.78 -8.32 -4.04
C THR A 48 -5.17 -6.90 -3.65
N GLU A 49 -6.00 -6.74 -2.64
CA GLU A 49 -6.37 -5.48 -2.05
C GLU A 49 -6.16 -5.62 -0.54
N THR A 50 -5.11 -5.00 -0.02
CA THR A 50 -4.77 -5.03 1.40
C THR A 50 -5.53 -3.88 2.05
N HIS A 51 -6.66 -4.18 2.71
CA HIS A 51 -7.57 -3.18 3.27
C HIS A 51 -7.13 -2.77 4.68
N PHE A 52 -7.33 -1.49 5.02
CA PHE A 52 -7.19 -0.93 6.37
C PHE A 52 -8.00 0.38 6.44
N SER A 53 -7.96 1.10 7.58
CA SER A 53 -8.72 2.32 7.81
C SER A 53 -7.89 3.29 8.66
N ILE A 54 -8.06 4.60 8.42
CA ILE A 54 -7.33 5.68 9.08
C ILE A 54 -8.35 6.80 9.29
N GLY A 55 -8.41 7.39 10.49
CA GLY A 55 -9.37 8.44 10.77
C GLY A 55 -10.79 7.90 10.56
N ASN A 56 -11.58 8.60 9.73
CA ASN A 56 -12.92 8.17 9.30
C ASN A 56 -12.91 7.78 7.82
N HIS A 57 -11.80 7.21 7.34
CA HIS A 57 -11.56 6.88 5.94
C HIS A 57 -11.08 5.43 5.84
N ASP A 58 -11.48 4.71 4.79
CA ASP A 58 -10.93 3.40 4.47
C ASP A 58 -9.87 3.55 3.39
N CYS A 59 -8.90 2.65 3.41
CA CYS A 59 -7.75 2.63 2.52
C CYS A 59 -7.53 1.19 2.06
N TYR A 60 -6.94 1.00 0.88
CA TYR A 60 -6.48 -0.30 0.50
C TYR A 60 -5.27 -0.17 -0.40
N ILE A 61 -4.28 -1.04 -0.24
CA ILE A 61 -3.18 -1.11 -1.19
C ILE A 61 -3.65 -2.11 -2.25
N LYS A 62 -3.86 -1.63 -3.47
CA LYS A 62 -4.17 -2.45 -4.63
C LYS A 62 -2.83 -2.96 -5.12
N ALA A 63 -2.70 -4.28 -5.29
CA ALA A 63 -1.48 -4.95 -5.69
C ALA A 63 -1.87 -5.80 -6.89
N VAL A 64 -1.71 -5.22 -8.08
CA VAL A 64 -2.21 -5.79 -9.33
C VAL A 64 -1.17 -6.76 -9.86
N SER A 65 -1.50 -8.03 -10.06
CA SER A 65 -0.62 -8.95 -10.76
C SER A 65 -0.67 -8.59 -12.25
N SER A 66 0.43 -8.03 -12.77
CA SER A 66 0.51 -7.45 -14.11
C SER A 66 1.81 -7.92 -14.81
N GLY A 67 1.96 -7.56 -16.10
CA GLY A 67 3.01 -8.07 -16.97
C GLY A 67 2.59 -9.40 -17.61
N LYS A 68 3.52 -10.03 -18.34
CA LYS A 68 3.35 -11.32 -18.98
C LYS A 68 4.58 -12.17 -18.69
N ARG A 69 4.41 -13.49 -18.55
CA ARG A 69 5.40 -14.46 -18.05
C ARG A 69 5.90 -14.08 -16.66
N LYS A 70 6.75 -13.05 -16.53
CA LYS A 70 7.10 -12.46 -15.24
C LYS A 70 5.86 -11.74 -14.73
N GLU A 71 5.48 -11.99 -13.49
CA GLU A 71 4.46 -11.20 -12.81
C GLU A 71 5.17 -10.08 -12.06
N GLY A 72 4.95 -8.84 -12.50
CA GLY A 72 5.35 -7.64 -11.80
C GLY A 72 4.11 -7.10 -11.10
N ILE A 73 4.09 -7.17 -9.76
CA ILE A 73 2.89 -6.75 -9.02
C ILE A 73 2.98 -5.22 -8.87
N ILE A 74 1.97 -4.50 -9.35
CA ILE A 74 1.91 -3.04 -9.28
C ILE A 74 1.22 -2.70 -7.97
N HIS A 75 1.96 -2.11 -7.02
CA HIS A 75 1.40 -1.69 -5.75
C HIS A 75 0.98 -0.22 -5.87
N THR A 76 -0.25 0.10 -5.47
CA THR A 76 -0.79 1.45 -5.40
C THR A 76 -1.58 1.58 -4.11
N LEU A 77 -1.51 2.72 -3.42
CA LEU A 77 -2.40 2.98 -2.31
C LEU A 77 -3.65 3.64 -2.86
N ILE A 78 -4.82 3.17 -2.45
CA ILE A 78 -6.10 3.79 -2.68
C ILE A 78 -6.58 4.26 -1.30
N VAL A 79 -7.22 5.43 -1.21
CA VAL A 79 -7.86 5.93 -0.01
C VAL A 79 -9.19 6.55 -0.43
N ASP A 80 -10.27 6.25 0.30
CA ASP A 80 -11.64 6.71 -0.02
C ASP A 80 -12.00 6.45 -1.49
N ASN A 81 -11.54 5.30 -2.01
CA ASN A 81 -11.65 4.86 -3.42
C ASN A 81 -10.93 5.75 -4.45
N ARG A 82 -10.10 6.73 -4.03
CA ARG A 82 -9.24 7.52 -4.89
C ARG A 82 -7.85 6.92 -4.89
N GLU A 83 -7.16 7.07 -6.01
CA GLU A 83 -5.84 6.48 -6.22
C GLU A 83 -4.76 7.47 -5.78
N ILE A 84 -3.77 6.97 -5.03
CA ILE A 84 -2.66 7.72 -4.44
C ILE A 84 -1.37 7.17 -5.07
N PRO A 85 -0.64 7.93 -5.89
CA PRO A 85 0.62 7.50 -6.48
C PRO A 85 1.73 7.49 -5.41
N GLU A 86 2.73 6.61 -5.60
CA GLU A 86 3.93 6.53 -4.76
C GLU A 86 4.62 7.89 -4.68
N ILE A 87 5.39 8.09 -3.61
CA ILE A 87 6.23 9.28 -3.47
C ILE A 87 7.23 9.40 -4.63
N ALA A 88 7.61 10.65 -4.93
CA ALA A 88 8.57 11.03 -5.98
C ALA A 88 8.25 10.48 -7.38
N SER A 89 6.97 10.22 -7.64
CA SER A 89 6.46 9.91 -8.96
C SER A 89 6.55 11.17 -9.84
N GLU A 1 26.65 -8.71 2.40
CA GLU A 1 25.20 -8.71 2.73
C GLU A 1 24.37 -8.55 1.44
N ASP A 2 23.18 -9.17 1.39
CA ASP A 2 22.26 -9.00 0.27
C ASP A 2 21.47 -7.70 0.43
N ARG A 3 20.72 -7.59 1.56
CA ARG A 3 19.97 -6.40 1.97
C ARG A 3 19.13 -5.78 0.84
N SER A 4 18.47 -6.62 0.04
CA SER A 4 17.50 -6.16 -0.95
C SER A 4 16.30 -5.47 -0.27
N LYS A 5 15.63 -4.58 -1.00
CA LYS A 5 14.40 -3.91 -0.59
C LYS A 5 13.48 -3.82 -1.81
N THR A 6 12.18 -3.96 -1.61
CA THR A 6 11.18 -3.83 -2.68
C THR A 6 10.03 -3.03 -2.08
N THR A 7 9.80 -1.83 -2.58
CA THR A 7 8.88 -0.86 -1.98
C THR A 7 8.09 -0.09 -3.05
N ASN A 8 6.83 0.23 -2.73
CA ASN A 8 5.96 1.15 -3.46
C ASN A 8 5.68 2.26 -2.48
N THR A 9 5.75 3.50 -2.96
CA THR A 9 5.46 4.68 -2.17
C THR A 9 4.22 5.34 -2.78
N TRP A 10 3.40 5.97 -1.96
CA TRP A 10 2.28 6.81 -2.36
C TRP A 10 2.33 8.08 -1.51
N VAL A 11 1.66 9.14 -1.95
CA VAL A 11 1.44 10.33 -1.16
C VAL A 11 -0.05 10.68 -1.22
N LEU A 12 -0.60 11.15 -0.10
CA LEU A 12 -1.99 11.57 0.04
C LEU A 12 -2.01 12.95 0.67
N HIS A 13 -2.67 13.91 0.02
CA HIS A 13 -2.93 15.21 0.59
C HIS A 13 -4.24 15.12 1.36
N MET A 14 -4.25 15.50 2.64
CA MET A 14 -5.38 15.36 3.54
C MET A 14 -5.24 16.39 4.66
N ASP A 15 -6.32 17.13 4.95
CA ASP A 15 -6.41 18.07 6.08
C ASP A 15 -5.23 19.06 6.14
N GLY A 16 -4.78 19.52 4.97
CA GLY A 16 -3.69 20.49 4.83
C GLY A 16 -2.29 19.89 4.98
N GLU A 17 -2.18 18.58 5.24
CA GLU A 17 -0.94 17.83 5.35
C GLU A 17 -0.76 16.94 4.13
N ASN A 18 0.44 16.39 3.97
CA ASN A 18 0.76 15.35 3.00
C ASN A 18 1.28 14.15 3.77
N PHE A 19 0.65 13.00 3.58
CA PHE A 19 1.01 11.74 4.22
C PHE A 19 1.70 10.88 3.17
N ARG A 20 2.96 10.52 3.38
CA ARG A 20 3.66 9.53 2.58
C ARG A 20 3.37 8.16 3.14
N ILE A 21 3.22 7.21 2.23
CA ILE A 21 2.93 5.81 2.50
C ILE A 21 4.05 5.06 1.82
N VAL A 22 4.67 4.08 2.47
CA VAL A 22 5.59 3.17 1.84
C VAL A 22 5.20 1.77 2.29
N LEU A 23 4.84 0.91 1.35
CA LEU A 23 4.65 -0.51 1.63
C LEU A 23 5.99 -1.21 1.46
N GLU A 24 6.49 -1.85 2.52
CA GLU A 24 7.62 -2.75 2.46
C GLU A 24 7.04 -4.09 2.02
N LYS A 25 7.36 -4.54 0.80
CA LYS A 25 6.73 -5.72 0.21
C LYS A 25 7.22 -7.01 0.87
N ASP A 26 8.45 -7.01 1.40
CA ASP A 26 9.03 -8.19 2.02
C ASP A 26 8.25 -8.56 3.30
N ALA A 27 7.91 -7.56 4.11
CA ALA A 27 7.22 -7.72 5.38
C ALA A 27 5.69 -7.51 5.24
N MET A 28 5.23 -6.96 4.12
CA MET A 28 3.86 -6.49 3.93
C MET A 28 3.47 -5.54 5.06
N ASP A 29 4.38 -4.61 5.39
CA ASP A 29 4.25 -3.64 6.48
C ASP A 29 4.19 -2.25 5.88
N VAL A 30 3.35 -1.37 6.42
CA VAL A 30 3.14 -0.04 5.87
C VAL A 30 3.76 1.01 6.81
N TRP A 31 4.74 1.73 6.28
CA TRP A 31 5.31 2.90 6.89
C TRP A 31 4.42 4.06 6.45
N CYS A 32 3.66 4.67 7.36
CA CYS A 32 2.90 5.88 7.07
C CYS A 32 3.61 7.01 7.83
N ASN A 33 4.13 8.01 7.10
CA ASN A 33 5.04 9.05 7.60
C ASN A 33 6.18 8.44 8.43
N GLY A 34 6.72 7.30 7.96
CA GLY A 34 7.84 6.59 8.57
C GLY A 34 7.48 5.75 9.79
N LYS A 35 6.25 5.84 10.33
CA LYS A 35 5.82 5.05 11.48
C LYS A 35 5.08 3.82 10.98
N LYS A 36 5.29 2.66 11.59
CA LYS A 36 4.47 1.49 11.31
C LYS A 36 3.10 1.73 11.93
N LEU A 37 2.02 1.32 11.26
CA LEU A 37 0.67 1.30 11.82
C LEU A 37 -0.02 -0.01 11.45
N GLU A 38 -1.14 -0.30 12.13
CA GLU A 38 -1.82 -1.58 12.03
C GLU A 38 -2.47 -1.76 10.65
N THR A 39 -2.46 -3.01 10.17
CA THR A 39 -3.01 -3.44 8.89
C THR A 39 -3.83 -4.71 9.12
N ALA A 40 -4.89 -4.88 8.33
CA ALA A 40 -5.66 -6.12 8.23
C ALA A 40 -5.50 -6.60 6.79
N GLY A 41 -5.40 -7.91 6.56
CA GLY A 41 -5.19 -8.47 5.23
C GLY A 41 -6.38 -9.34 4.91
N GLU A 42 -7.21 -8.89 3.98
CA GLU A 42 -8.30 -9.68 3.42
C GLU A 42 -7.88 -10.22 2.06
N PHE A 43 -8.39 -11.39 1.71
CA PHE A 43 -8.04 -12.09 0.48
C PHE A 43 -9.31 -12.31 -0.34
N VAL A 44 -9.24 -12.03 -1.63
CA VAL A 44 -10.31 -12.21 -2.60
C VAL A 44 -9.82 -13.04 -3.78
N ASP A 45 -10.77 -13.49 -4.61
CA ASP A 45 -10.51 -14.24 -5.84
C ASP A 45 -10.07 -13.29 -6.97
N ASP A 46 -9.11 -12.43 -6.64
CA ASP A 46 -8.62 -11.31 -7.42
C ASP A 46 -7.23 -10.88 -6.94
N GLY A 47 -6.96 -10.98 -5.63
CA GLY A 47 -5.74 -10.53 -5.02
C GLY A 47 -5.92 -10.38 -3.51
N THR A 48 -5.18 -9.45 -2.91
CA THR A 48 -5.22 -9.15 -1.49
C THR A 48 -5.60 -7.69 -1.32
N GLU A 49 -6.22 -7.36 -0.20
CA GLU A 49 -6.56 -6.01 0.22
C GLU A 49 -6.00 -5.82 1.63
N THR A 50 -4.97 -4.98 1.76
CA THR A 50 -4.38 -4.62 3.05
C THR A 50 -5.09 -3.35 3.51
N HIS A 51 -6.03 -3.43 4.45
CA HIS A 51 -6.83 -2.31 4.92
C HIS A 51 -6.15 -1.60 6.10
N PHE A 52 -6.32 -0.28 6.19
CA PHE A 52 -5.95 0.58 7.31
C PHE A 52 -6.79 1.87 7.22
N SER A 53 -6.53 2.86 8.08
CA SER A 53 -7.22 4.15 8.08
C SER A 53 -6.24 5.26 8.51
N ILE A 54 -6.45 6.47 8.00
CA ILE A 54 -5.65 7.66 8.28
C ILE A 54 -6.66 8.78 8.44
N GLY A 55 -6.66 9.45 9.60
CA GLY A 55 -7.71 10.39 9.95
C GLY A 55 -9.06 9.67 9.90
N ASN A 56 -10.06 10.30 9.29
CA ASN A 56 -11.39 9.74 9.10
C ASN A 56 -11.47 8.83 7.87
N HIS A 57 -10.42 8.76 7.04
CA HIS A 57 -10.45 8.09 5.74
C HIS A 57 -9.93 6.67 5.88
N ASP A 58 -10.63 5.68 5.31
CA ASP A 58 -10.09 4.33 5.20
C ASP A 58 -9.22 4.26 3.94
N CYS A 59 -8.22 3.40 3.99
CA CYS A 59 -7.26 3.16 2.93
C CYS A 59 -7.10 1.65 2.77
N TYR A 60 -6.79 1.18 1.57
CA TYR A 60 -6.39 -0.20 1.40
C TYR A 60 -5.38 -0.31 0.28
N ILE A 61 -4.34 -1.13 0.44
CA ILE A 61 -3.47 -1.45 -0.68
C ILE A 61 -4.11 -2.65 -1.35
N LYS A 62 -4.51 -2.50 -2.61
CA LYS A 62 -4.97 -3.59 -3.45
C LYS A 62 -3.70 -4.20 -4.03
N ALA A 63 -3.50 -5.48 -3.84
CA ALA A 63 -2.37 -6.24 -4.37
C ALA A 63 -2.98 -7.28 -5.29
N VAL A 64 -3.11 -6.93 -6.57
CA VAL A 64 -3.85 -7.71 -7.55
C VAL A 64 -2.93 -8.76 -8.14
N SER A 65 -3.30 -10.04 -8.12
CA SER A 65 -2.52 -11.11 -8.73
C SER A 65 -2.79 -11.16 -10.24
N SER A 66 -2.53 -10.04 -10.93
CA SER A 66 -2.81 -9.88 -12.35
C SER A 66 -1.86 -10.69 -13.22
N GLY A 67 -0.57 -10.80 -12.83
CA GLY A 67 0.37 -11.70 -13.47
C GLY A 67 -0.01 -13.15 -13.15
N LYS A 68 -0.03 -14.01 -14.18
CA LYS A 68 -0.45 -15.41 -14.04
C LYS A 68 0.77 -16.31 -13.85
N ARG A 69 1.63 -16.42 -14.86
CA ARG A 69 2.83 -17.27 -14.79
C ARG A 69 3.90 -16.54 -13.97
N LYS A 70 4.19 -15.28 -14.34
CA LYS A 70 5.02 -14.39 -13.54
C LYS A 70 4.20 -13.98 -12.31
N GLU A 71 4.87 -13.88 -11.15
CA GLU A 71 4.31 -13.30 -9.95
C GLU A 71 4.31 -11.77 -10.04
N GLY A 72 3.55 -11.23 -10.99
CA GLY A 72 3.35 -9.81 -11.22
C GLY A 72 2.14 -9.35 -10.42
N ILE A 73 2.27 -9.23 -9.10
CA ILE A 73 1.22 -8.71 -8.24
C ILE A 73 1.29 -7.18 -8.40
N ILE A 74 0.19 -6.54 -8.79
CA ILE A 74 0.12 -5.10 -9.01
C ILE A 74 -0.29 -4.49 -7.69
N HIS A 75 0.54 -3.65 -7.11
CA HIS A 75 0.25 -3.00 -5.84
C HIS A 75 -0.25 -1.58 -6.13
N THR A 76 -1.44 -1.25 -5.63
CA THR A 76 -2.04 0.08 -5.77
C THR A 76 -2.57 0.50 -4.40
N LEU A 77 -2.43 1.76 -4.01
CA LEU A 77 -3.09 2.28 -2.83
C LEU A 77 -4.45 2.80 -3.27
N ILE A 78 -5.49 2.44 -2.54
CA ILE A 78 -6.81 3.00 -2.64
C ILE A 78 -7.03 3.79 -1.34
N VAL A 79 -7.67 4.94 -1.40
CA VAL A 79 -8.07 5.74 -0.25
C VAL A 79 -9.48 6.25 -0.52
N ASP A 80 -10.39 6.10 0.45
CA ASP A 80 -11.80 6.46 0.32
C ASP A 80 -12.44 5.89 -0.96
N ASN A 81 -12.03 4.66 -1.31
CA ASN A 81 -12.40 3.92 -2.52
C ASN A 81 -11.93 4.56 -3.84
N ARG A 82 -11.08 5.60 -3.82
CA ARG A 82 -10.42 6.18 -4.99
C ARG A 82 -9.05 5.55 -5.13
N GLU A 83 -8.57 5.46 -6.37
CA GLU A 83 -7.33 4.79 -6.70
C GLU A 83 -6.18 5.80 -6.78
N ILE A 84 -5.04 5.46 -6.16
CA ILE A 84 -3.87 6.30 -5.97
C ILE A 84 -2.66 5.59 -6.62
N PRO A 85 -2.08 6.14 -7.71
CA PRO A 85 -0.88 5.58 -8.33
C PRO A 85 0.37 5.82 -7.47
N GLU A 86 1.33 4.91 -7.54
CA GLU A 86 2.59 4.97 -6.82
C GLU A 86 3.50 6.09 -7.35
N ILE A 87 4.54 6.42 -6.59
CA ILE A 87 5.55 7.39 -6.89
C ILE A 87 6.95 6.79 -6.67
N ALA A 88 7.94 7.43 -7.27
CA ALA A 88 9.36 7.20 -7.04
C ALA A 88 10.00 8.58 -6.94
N SER A 89 10.47 8.93 -5.74
CA SER A 89 11.23 10.14 -5.49
C SER A 89 12.39 10.29 -6.49
N GLU A 1 27.05 -6.98 2.33
CA GLU A 1 27.00 -5.59 1.80
C GLU A 1 26.06 -4.74 2.65
N ASP A 2 24.74 -4.88 2.49
CA ASP A 2 23.70 -4.18 3.26
C ASP A 2 22.46 -5.06 3.30
N ARG A 3 21.49 -4.74 4.16
CA ARG A 3 20.19 -5.39 4.15
C ARG A 3 19.37 -4.83 2.97
N SER A 4 18.57 -5.70 2.35
CA SER A 4 17.71 -5.33 1.24
C SER A 4 16.54 -4.47 1.73
N LYS A 5 15.97 -3.65 0.82
CA LYS A 5 14.74 -2.91 1.02
C LYS A 5 13.97 -2.93 -0.31
N THR A 6 12.67 -3.15 -0.25
CA THR A 6 11.82 -3.29 -1.43
C THR A 6 10.54 -2.55 -1.09
N THR A 7 10.45 -1.27 -1.45
CA THR A 7 9.38 -0.40 -0.97
C THR A 7 8.69 0.40 -2.07
N ASN A 8 7.39 0.62 -1.89
CA ASN A 8 6.53 1.54 -2.64
C ASN A 8 6.00 2.52 -1.61
N THR A 9 5.98 3.81 -1.93
CA THR A 9 5.71 4.88 -0.98
C THR A 9 4.65 5.79 -1.56
N TRP A 10 3.77 6.27 -0.67
CA TRP A 10 2.72 7.22 -0.94
C TRP A 10 2.70 8.23 0.20
N VAL A 11 2.12 9.40 -0.03
CA VAL A 11 1.82 10.38 0.99
C VAL A 11 0.36 10.80 0.87
N LEU A 12 -0.31 11.01 2.01
CA LEU A 12 -1.72 11.33 2.11
C LEU A 12 -1.90 12.50 3.05
N HIS A 13 -2.62 13.53 2.63
CA HIS A 13 -3.02 14.62 3.49
C HIS A 13 -4.30 14.22 4.23
N MET A 14 -4.31 14.36 5.56
CA MET A 14 -5.47 14.19 6.41
C MET A 14 -5.39 15.20 7.56
N ASP A 15 -6.48 15.95 7.77
CA ASP A 15 -6.69 16.82 8.93
C ASP A 15 -5.50 17.74 9.25
N GLY A 16 -4.93 18.35 8.20
CA GLY A 16 -3.85 19.33 8.33
C GLY A 16 -2.46 18.71 8.51
N GLU A 17 -2.34 17.38 8.42
CA GLU A 17 -1.09 16.65 8.45
C GLU A 17 -0.92 15.87 7.14
N ASN A 18 0.33 15.51 6.83
CA ASN A 18 0.67 14.61 5.72
C ASN A 18 1.30 13.36 6.33
N PHE A 19 0.71 12.21 6.01
CA PHE A 19 1.17 10.91 6.50
C PHE A 19 1.81 10.15 5.35
N ARG A 20 3.03 9.65 5.54
CA ARG A 20 3.63 8.73 4.60
C ARG A 20 3.10 7.33 4.83
N ILE A 21 2.99 6.59 3.74
CA ILE A 21 2.67 5.18 3.67
C ILE A 21 3.85 4.56 2.97
N VAL A 22 4.42 3.49 3.49
CA VAL A 22 5.41 2.70 2.81
C VAL A 22 4.97 1.24 2.92
N LEU A 23 4.73 0.61 1.78
CA LEU A 23 4.52 -0.82 1.71
C LEU A 23 5.88 -1.48 1.55
N GLU A 24 6.25 -2.37 2.46
CA GLU A 24 7.39 -3.24 2.31
C GLU A 24 6.87 -4.42 1.49
N LYS A 25 7.36 -4.55 0.26
CA LYS A 25 6.82 -5.47 -0.73
C LYS A 25 7.13 -6.93 -0.39
N ASP A 26 8.28 -7.19 0.25
CA ASP A 26 8.69 -8.55 0.56
C ASP A 26 7.79 -9.15 1.66
N ALA A 27 7.55 -8.38 2.71
CA ALA A 27 6.74 -8.79 3.84
C ALA A 27 5.24 -8.52 3.63
N MET A 28 4.90 -7.66 2.67
CA MET A 28 3.55 -7.11 2.47
C MET A 28 3.05 -6.48 3.77
N ASP A 29 3.94 -5.74 4.45
CA ASP A 29 3.66 -5.02 5.68
C ASP A 29 3.61 -3.54 5.36
N VAL A 30 2.76 -2.77 6.04
CA VAL A 30 2.57 -1.36 5.75
C VAL A 30 3.05 -0.52 6.94
N TRP A 31 4.08 0.29 6.70
CA TRP A 31 4.54 1.32 7.59
C TRP A 31 3.68 2.55 7.29
N CYS A 32 2.81 2.97 8.21
CA CYS A 32 2.03 4.20 8.05
C CYS A 32 2.48 5.15 9.16
N ASN A 33 2.87 6.38 8.80
CA ASN A 33 3.49 7.35 9.71
C ASN A 33 4.66 6.72 10.50
N GLY A 34 5.42 5.84 9.84
CA GLY A 34 6.61 5.19 10.39
C GLY A 34 6.33 4.04 11.38
N LYS A 35 5.07 3.62 11.58
CA LYS A 35 4.70 2.53 12.49
C LYS A 35 3.96 1.45 11.70
N LYS A 36 4.09 0.17 12.09
CA LYS A 36 3.25 -0.88 11.52
C LYS A 36 1.83 -0.68 12.05
N LEU A 37 0.82 -0.98 11.23
CA LEU A 37 -0.57 -1.06 11.65
C LEU A 37 -1.23 -2.29 11.04
N GLU A 38 -2.42 -2.63 11.54
CA GLU A 38 -3.12 -3.84 11.18
C GLU A 38 -3.59 -3.78 9.72
N THR A 39 -3.50 -4.92 9.03
CA THR A 39 -3.85 -5.12 7.64
C THR A 39 -4.61 -6.45 7.50
N ALA A 40 -5.48 -6.55 6.52
CA ALA A 40 -6.14 -7.79 6.11
C ALA A 40 -6.02 -7.88 4.60
N GLY A 41 -5.68 -9.04 4.06
CA GLY A 41 -5.43 -9.25 2.64
C GLY A 41 -6.65 -9.93 2.07
N GLU A 42 -7.55 -9.14 1.50
CA GLU A 42 -8.74 -9.66 0.85
C GLU A 42 -8.38 -10.05 -0.57
N PHE A 43 -8.99 -11.11 -1.10
CA PHE A 43 -8.76 -11.59 -2.46
C PHE A 43 -9.98 -11.25 -3.31
N VAL A 44 -9.73 -10.76 -4.52
CA VAL A 44 -10.74 -10.25 -5.43
C VAL A 44 -10.49 -10.77 -6.83
N ASP A 45 -11.48 -10.58 -7.71
CA ASP A 45 -11.43 -10.94 -9.14
C ASP A 45 -10.62 -9.90 -9.93
N ASP A 46 -9.43 -9.61 -9.41
CA ASP A 46 -8.52 -8.54 -9.81
C ASP A 46 -7.10 -8.84 -9.30
N GLY A 47 -6.99 -9.43 -8.10
CA GLY A 47 -5.73 -9.65 -7.41
C GLY A 47 -6.03 -9.63 -5.92
N THR A 48 -5.35 -8.77 -5.18
CA THR A 48 -5.48 -8.69 -3.73
C THR A 48 -5.78 -7.23 -3.37
N GLU A 49 -6.49 -7.01 -2.28
CA GLU A 49 -6.74 -5.70 -1.70
C GLU A 49 -6.37 -5.81 -0.23
N THR A 50 -5.24 -5.22 0.16
CA THR A 50 -4.80 -5.19 1.55
C THR A 50 -5.47 -3.99 2.20
N HIS A 51 -6.54 -4.21 2.97
CA HIS A 51 -7.35 -3.17 3.58
C HIS A 51 -6.75 -2.73 4.91
N PHE A 52 -6.88 -1.44 5.24
CA PHE A 52 -6.58 -0.83 6.54
C PHE A 52 -7.39 0.48 6.64
N SER A 53 -7.22 1.25 7.73
CA SER A 53 -7.85 2.55 7.93
C SER A 53 -6.90 3.45 8.72
N ILE A 54 -7.00 4.76 8.49
CA ILE A 54 -6.21 5.80 9.14
C ILE A 54 -7.22 6.90 9.46
N GLY A 55 -7.34 7.27 10.74
CA GLY A 55 -8.41 8.15 11.18
C GLY A 55 -9.76 7.51 10.83
N ASN A 56 -10.65 8.30 10.23
CA ASN A 56 -11.96 7.84 9.77
C ASN A 56 -11.92 7.25 8.34
N HIS A 57 -10.77 7.29 7.66
CA HIS A 57 -10.66 6.98 6.24
C HIS A 57 -10.18 5.54 6.08
N ASP A 58 -10.85 4.74 5.24
CA ASP A 58 -10.34 3.44 4.86
C ASP A 58 -9.33 3.61 3.73
N CYS A 59 -8.37 2.69 3.67
CA CYS A 59 -7.33 2.62 2.67
C CYS A 59 -7.21 1.17 2.22
N TYR A 60 -6.81 0.92 0.99
CA TYR A 60 -6.45 -0.42 0.58
C TYR A 60 -5.32 -0.37 -0.42
N ILE A 61 -4.36 -1.29 -0.32
CA ILE A 61 -3.36 -1.45 -1.36
C ILE A 61 -3.99 -2.43 -2.34
N LYS A 62 -4.28 -1.97 -3.56
CA LYS A 62 -4.69 -2.83 -4.66
C LYS A 62 -3.40 -3.45 -5.17
N ALA A 63 -3.34 -4.77 -5.24
CA ALA A 63 -2.22 -5.51 -5.78
C ALA A 63 -2.79 -6.35 -6.91
N VAL A 64 -2.78 -5.78 -8.11
CA VAL A 64 -3.43 -6.35 -9.27
C VAL A 64 -2.49 -7.41 -9.81
N SER A 65 -2.94 -8.67 -9.94
CA SER A 65 -2.13 -9.78 -10.43
C SER A 65 -2.01 -9.77 -11.96
N SER A 66 -1.75 -8.59 -12.53
CA SER A 66 -1.40 -8.40 -13.92
C SER A 66 -0.17 -9.25 -14.25
N GLY A 67 -0.12 -9.79 -15.47
CA GLY A 67 0.87 -10.79 -15.88
C GLY A 67 0.50 -12.22 -15.48
N LYS A 68 -0.52 -12.41 -14.61
CA LYS A 68 -1.04 -13.70 -14.15
C LYS A 68 0.06 -14.61 -13.62
N ARG A 69 0.58 -15.55 -14.44
CA ARG A 69 1.64 -16.46 -14.03
C ARG A 69 2.95 -15.70 -13.84
N LYS A 70 3.21 -14.66 -14.64
CA LYS A 70 4.36 -13.78 -14.45
C LYS A 70 4.01 -12.83 -13.29
N GLU A 71 4.98 -12.56 -12.42
CA GLU A 71 4.77 -11.78 -11.20
C GLU A 71 4.84 -10.28 -11.50
N GLY A 72 3.96 -9.79 -12.38
CA GLY A 72 3.85 -8.39 -12.78
C GLY A 72 2.83 -7.65 -11.92
N ILE A 73 2.75 -7.97 -10.62
CA ILE A 73 1.70 -7.50 -9.74
C ILE A 73 1.85 -5.97 -9.64
N ILE A 74 0.79 -5.22 -9.94
CA ILE A 74 0.79 -3.76 -9.89
C ILE A 74 0.29 -3.38 -8.50
N HIS A 75 1.12 -2.75 -7.69
CA HIS A 75 0.74 -2.27 -6.35
C HIS A 75 0.36 -0.79 -6.44
N THR A 76 -0.84 -0.45 -5.96
CA THR A 76 -1.34 0.92 -5.89
C THR A 76 -1.96 1.13 -4.53
N LEU A 77 -1.84 2.33 -3.94
CA LEU A 77 -2.59 2.68 -2.75
C LEU A 77 -3.88 3.33 -3.19
N ILE A 78 -5.00 2.90 -2.63
CA ILE A 78 -6.29 3.52 -2.75
C ILE A 78 -6.61 4.06 -1.34
N VAL A 79 -7.22 5.23 -1.22
CA VAL A 79 -7.70 5.81 0.02
C VAL A 79 -9.06 6.43 -0.26
N ASP A 80 -10.06 6.17 0.58
CA ASP A 80 -11.45 6.63 0.39
C ASP A 80 -11.98 6.31 -1.01
N ASN A 81 -11.59 5.14 -1.53
CA ASN A 81 -11.85 4.65 -2.90
C ASN A 81 -11.24 5.48 -4.04
N ARG A 82 -10.37 6.47 -3.75
CA ARG A 82 -9.60 7.21 -4.73
C ARG A 82 -8.24 6.57 -4.90
N GLU A 83 -7.69 6.64 -6.11
CA GLU A 83 -6.41 6.02 -6.44
C GLU A 83 -5.28 7.01 -6.20
N ILE A 84 -4.21 6.55 -5.55
CA ILE A 84 -3.06 7.33 -5.10
C ILE A 84 -1.80 6.75 -5.80
N PRO A 85 -1.15 7.51 -6.70
CA PRO A 85 0.09 7.08 -7.36
C PRO A 85 1.29 7.21 -6.40
N GLU A 86 2.35 6.41 -6.64
CA GLU A 86 3.58 6.45 -5.85
C GLU A 86 4.22 7.86 -5.88
N ILE A 87 5.11 8.12 -4.92
CA ILE A 87 5.78 9.40 -4.76
C ILE A 87 6.68 9.74 -5.96
N ALA A 88 6.83 11.04 -6.23
CA ALA A 88 7.80 11.53 -7.18
C ALA A 88 9.12 11.74 -6.44
N SER A 89 9.96 10.71 -6.47
CA SER A 89 11.30 10.76 -5.88
C SER A 89 12.17 11.77 -6.64
N GLU A 1 25.29 -2.62 -7.10
CA GLU A 1 24.66 -3.82 -7.69
C GLU A 1 23.12 -3.70 -7.60
N ASP A 2 22.40 -4.28 -8.56
CA ASP A 2 20.93 -4.24 -8.61
C ASP A 2 20.33 -5.06 -7.45
N ARG A 3 19.26 -4.56 -6.84
CA ARG A 3 18.51 -5.25 -5.79
C ARG A 3 17.04 -4.82 -5.88
N SER A 4 16.12 -5.72 -5.55
CA SER A 4 14.69 -5.44 -5.50
C SER A 4 14.40 -4.33 -4.48
N LYS A 5 13.38 -3.51 -4.72
CA LYS A 5 12.92 -2.52 -3.75
C LYS A 5 12.11 -3.25 -2.68
N THR A 6 12.56 -3.23 -1.43
CA THR A 6 11.95 -3.97 -0.34
C THR A 6 10.57 -3.43 0.03
N THR A 7 10.37 -2.11 -0.07
CA THR A 7 9.20 -1.45 0.44
C THR A 7 8.52 -0.61 -0.63
N ASN A 8 7.29 -0.19 -0.35
CA ASN A 8 6.56 0.80 -1.14
C ASN A 8 6.18 1.88 -0.15
N THR A 9 6.47 3.13 -0.48
CA THR A 9 6.12 4.26 0.36
C THR A 9 5.10 5.09 -0.40
N TRP A 10 4.17 5.70 0.32
CA TRP A 10 3.22 6.67 -0.19
C TRP A 10 3.14 7.80 0.82
N VAL A 11 2.61 8.95 0.42
CA VAL A 11 2.26 10.04 1.31
C VAL A 11 0.91 10.61 0.88
N LEU A 12 0.11 11.09 1.84
CA LEU A 12 -1.10 11.85 1.58
C LEU A 12 -1.14 13.04 2.53
N HIS A 13 -1.83 14.10 2.12
CA HIS A 13 -2.15 15.23 2.97
C HIS A 13 -3.65 15.10 3.28
N MET A 14 -4.00 14.97 4.56
CA MET A 14 -5.36 14.82 5.04
C MET A 14 -5.49 15.55 6.37
N ASP A 15 -6.59 16.27 6.57
CA ASP A 15 -6.94 16.96 7.83
C ASP A 15 -5.78 17.81 8.39
N GLY A 16 -5.02 18.46 7.51
CA GLY A 16 -3.93 19.36 7.87
C GLY A 16 -2.63 18.65 8.28
N GLU A 17 -2.52 17.33 8.08
CA GLU A 17 -1.33 16.54 8.36
C GLU A 17 -0.91 15.76 7.12
N ASN A 18 0.40 15.49 7.00
CA ASN A 18 0.94 14.59 6.00
C ASN A 18 1.15 13.24 6.67
N PHE A 19 0.54 12.19 6.13
CA PHE A 19 0.66 10.82 6.61
C PHE A 19 1.53 10.04 5.63
N ARG A 20 2.72 9.61 6.05
CA ARG A 20 3.52 8.68 5.28
C ARG A 20 3.00 7.28 5.54
N ILE A 21 3.01 6.46 4.51
CA ILE A 21 2.65 5.05 4.54
C ILE A 21 3.88 4.33 4.02
N VAL A 22 4.32 3.26 4.67
CA VAL A 22 5.33 2.39 4.14
C VAL A 22 4.81 0.96 4.31
N LEU A 23 4.65 0.23 3.22
CA LEU A 23 4.36 -1.19 3.25
C LEU A 23 5.70 -1.92 3.29
N GLU A 24 5.87 -2.81 4.26
CA GLU A 24 6.97 -3.75 4.32
C GLU A 24 6.50 -5.05 3.68
N LYS A 25 7.08 -5.41 2.53
CA LYS A 25 6.64 -6.59 1.77
C LYS A 25 6.97 -7.89 2.51
N ASP A 26 7.98 -7.88 3.39
CA ASP A 26 8.48 -9.08 4.05
C ASP A 26 7.42 -9.73 4.93
N ALA A 27 6.59 -8.90 5.59
CA ALA A 27 5.53 -9.32 6.50
C ALA A 27 4.14 -8.82 6.06
N MET A 28 4.05 -8.06 4.97
CA MET A 28 2.85 -7.33 4.55
C MET A 28 2.33 -6.43 5.69
N ASP A 29 3.24 -5.91 6.51
CA ASP A 29 2.94 -4.98 7.59
C ASP A 29 3.00 -3.57 7.00
N VAL A 30 2.16 -2.65 7.46
CA VAL A 30 2.10 -1.30 6.92
C VAL A 30 2.29 -0.34 8.09
N TRP A 31 3.37 0.43 8.01
CA TRP A 31 3.73 1.49 8.91
C TRP A 31 3.01 2.75 8.43
N CYS A 32 2.19 3.39 9.28
CA CYS A 32 1.64 4.71 9.03
C CYS A 32 2.34 5.65 10.01
N ASN A 33 3.08 6.62 9.48
CA ASN A 33 3.84 7.64 10.21
C ASN A 33 4.59 7.05 11.42
N GLY A 34 5.32 5.94 11.18
CA GLY A 34 6.20 5.30 12.14
C GLY A 34 5.52 4.29 13.08
N LYS A 35 4.19 4.12 13.03
CA LYS A 35 3.44 3.16 13.86
C LYS A 35 2.85 2.08 12.98
N LYS A 36 2.82 0.82 13.43
CA LYS A 36 2.09 -0.23 12.71
C LYS A 36 0.59 0.06 12.80
N LEU A 37 -0.18 -0.33 11.79
CA LEU A 37 -1.64 -0.33 11.82
C LEU A 37 -2.18 -1.70 11.44
N GLU A 38 -3.47 -1.91 11.71
CA GLU A 38 -4.17 -3.16 11.47
C GLU A 38 -4.46 -3.31 9.97
N THR A 39 -4.45 -4.55 9.48
CA THR A 39 -4.65 -4.88 8.07
C THR A 39 -5.50 -6.15 7.95
N ALA A 40 -6.25 -6.24 6.85
CA ALA A 40 -6.97 -7.44 6.42
C ALA A 40 -6.70 -7.58 4.92
N GLY A 41 -6.46 -8.80 4.44
CA GLY A 41 -6.09 -9.06 3.07
C GLY A 41 -7.31 -9.68 2.39
N GLU A 42 -8.09 -8.86 1.70
CA GLU A 42 -9.24 -9.32 0.96
C GLU A 42 -8.78 -9.75 -0.43
N PHE A 43 -9.37 -10.79 -0.99
CA PHE A 43 -9.00 -11.31 -2.31
C PHE A 43 -10.02 -10.81 -3.33
N VAL A 44 -9.53 -10.31 -4.47
CA VAL A 44 -10.31 -9.79 -5.56
C VAL A 44 -9.97 -10.60 -6.83
N ASP A 45 -10.58 -10.26 -7.96
CA ASP A 45 -10.54 -11.07 -9.18
C ASP A 45 -9.30 -10.92 -10.06
N ASP A 46 -8.30 -10.22 -9.56
CA ASP A 46 -6.99 -10.04 -10.20
C ASP A 46 -5.84 -9.80 -9.20
N GLY A 47 -6.05 -10.05 -7.90
CA GLY A 47 -5.05 -9.74 -6.89
C GLY A 47 -5.65 -9.70 -5.48
N THR A 48 -5.07 -8.86 -4.61
CA THR A 48 -5.46 -8.73 -3.21
C THR A 48 -5.64 -7.24 -2.91
N GLU A 49 -6.44 -6.91 -1.91
CA GLU A 49 -6.65 -5.57 -1.40
C GLU A 49 -6.39 -5.64 0.10
N THR A 50 -5.26 -5.09 0.54
CA THR A 50 -4.91 -5.01 1.95
C THR A 50 -5.62 -3.78 2.51
N HIS A 51 -6.75 -3.94 3.18
CA HIS A 51 -7.60 -2.85 3.66
C HIS A 51 -7.13 -2.35 5.02
N PHE A 52 -7.26 -1.04 5.26
CA PHE A 52 -7.09 -0.38 6.55
C PHE A 52 -7.83 0.97 6.52
N SER A 53 -7.77 1.75 7.60
CA SER A 53 -8.45 3.04 7.73
C SER A 53 -7.58 3.99 8.56
N ILE A 54 -7.65 5.29 8.24
CA ILE A 54 -6.88 6.37 8.86
C ILE A 54 -7.84 7.55 8.98
N GLY A 55 -7.90 8.22 10.13
CA GLY A 55 -8.81 9.34 10.34
C GLY A 55 -10.25 8.88 10.10
N ASN A 56 -10.95 9.54 9.19
CA ASN A 56 -12.30 9.17 8.73
C ASN A 56 -12.25 8.71 7.27
N HIS A 57 -11.19 8.02 6.86
CA HIS A 57 -10.92 7.60 5.48
C HIS A 57 -10.56 6.12 5.50
N ASP A 58 -11.00 5.35 4.50
CA ASP A 58 -10.55 3.98 4.28
C ASP A 58 -9.49 3.98 3.19
N CYS A 59 -8.56 3.03 3.30
CA CYS A 59 -7.42 2.87 2.43
C CYS A 59 -7.28 1.40 2.09
N TYR A 60 -6.71 1.08 0.94
CA TYR A 60 -6.33 -0.29 0.65
C TYR A 60 -5.12 -0.31 -0.26
N ILE A 61 -4.19 -1.25 -0.05
CA ILE A 61 -3.11 -1.47 -1.00
C ILE A 61 -3.67 -2.50 -1.99
N LYS A 62 -3.85 -2.09 -3.24
CA LYS A 62 -4.23 -2.97 -4.35
C LYS A 62 -2.95 -3.69 -4.74
N ALA A 63 -2.78 -4.91 -4.27
CA ALA A 63 -1.69 -5.78 -4.68
C ALA A 63 -2.20 -6.53 -5.91
N VAL A 64 -2.09 -5.87 -7.05
CA VAL A 64 -2.63 -6.34 -8.32
C VAL A 64 -1.59 -7.30 -8.91
N SER A 65 -1.98 -8.49 -9.33
CA SER A 65 -1.09 -9.49 -9.91
C SER A 65 -0.96 -9.29 -11.44
N SER A 66 -0.93 -8.05 -11.90
CA SER A 66 -0.96 -7.69 -13.32
C SER A 66 0.32 -8.14 -14.05
N GLY A 67 0.28 -8.24 -15.38
CA GLY A 67 1.40 -8.73 -16.17
C GLY A 67 1.63 -10.21 -15.91
N LYS A 68 2.91 -10.63 -15.83
CA LYS A 68 3.25 -12.00 -15.44
C LYS A 68 2.75 -12.22 -14.00
N ARG A 69 1.98 -13.28 -13.78
CA ARG A 69 1.27 -13.46 -12.50
C ARG A 69 2.25 -13.71 -11.35
N LYS A 70 3.33 -14.46 -11.60
CA LYS A 70 4.31 -14.76 -10.55
C LYS A 70 5.13 -13.51 -10.27
N GLU A 71 5.16 -13.07 -9.01
CA GLU A 71 5.98 -12.00 -8.42
C GLU A 71 5.81 -10.61 -9.06
N GLY A 72 5.12 -10.47 -10.18
CA GLY A 72 4.96 -9.23 -10.93
C GLY A 72 3.92 -8.28 -10.33
N ILE A 73 3.68 -8.38 -9.01
CA ILE A 73 2.61 -7.71 -8.31
C ILE A 73 2.93 -6.19 -8.29
N ILE A 74 1.95 -5.35 -8.60
CA ILE A 74 2.17 -3.92 -8.83
C ILE A 74 2.35 -3.17 -7.50
N HIS A 75 1.50 -3.47 -6.51
CA HIS A 75 1.33 -2.76 -5.23
C HIS A 75 1.06 -1.25 -5.44
N THR A 76 -0.20 -0.85 -5.29
CA THR A 76 -0.62 0.55 -5.33
C THR A 76 -1.41 0.86 -4.07
N LEU A 77 -1.25 2.04 -3.47
CA LEU A 77 -2.12 2.47 -2.39
C LEU A 77 -3.31 3.19 -3.02
N ILE A 78 -4.52 2.83 -2.60
CA ILE A 78 -5.75 3.52 -2.91
C ILE A 78 -6.21 4.10 -1.57
N VAL A 79 -6.79 5.30 -1.57
CA VAL A 79 -7.40 5.92 -0.40
C VAL A 79 -8.69 6.58 -0.87
N ASP A 80 -9.80 6.32 -0.16
CA ASP A 80 -11.13 6.79 -0.52
C ASP A 80 -11.43 6.56 -2.02
N ASN A 81 -11.06 5.37 -2.50
CA ASN A 81 -11.18 4.89 -3.88
C ASN A 81 -10.34 5.63 -4.94
N ARG A 82 -9.50 6.59 -4.55
CA ARG A 82 -8.57 7.29 -5.42
C ARG A 82 -7.20 6.63 -5.35
N GLU A 83 -6.49 6.57 -6.47
CA GLU A 83 -5.20 5.90 -6.59
C GLU A 83 -4.06 6.85 -6.20
N ILE A 84 -3.11 6.35 -5.41
CA ILE A 84 -1.98 7.08 -4.86
C ILE A 84 -0.70 6.40 -5.40
N PRO A 85 0.12 7.09 -6.22
CA PRO A 85 1.38 6.55 -6.74
C PRO A 85 2.46 6.52 -5.66
N GLU A 86 3.36 5.52 -5.70
CA GLU A 86 4.41 5.36 -4.72
C GLU A 86 5.53 6.40 -4.90
N ILE A 87 6.37 6.52 -3.87
CA ILE A 87 7.51 7.42 -3.79
C ILE A 87 8.77 6.65 -3.40
N ALA A 88 9.91 7.37 -3.40
CA ALA A 88 11.21 6.93 -2.88
C ALA A 88 11.77 5.67 -3.56
N SER A 89 11.40 5.49 -4.83
CA SER A 89 11.99 4.49 -5.71
C SER A 89 13.37 4.98 -6.15
N GLU A 1 26.86 -2.19 1.02
CA GLU A 1 25.84 -3.03 1.71
C GLU A 1 24.67 -3.33 0.75
N ASP A 2 23.94 -4.43 0.99
CA ASP A 2 22.79 -4.86 0.20
C ASP A 2 21.78 -5.55 1.12
N ARG A 3 20.48 -5.41 0.82
CA ARG A 3 19.39 -6.07 1.56
C ARG A 3 18.27 -6.37 0.58
N SER A 4 17.52 -7.45 0.82
CA SER A 4 16.45 -7.93 -0.06
C SER A 4 15.12 -7.17 0.13
N LYS A 5 15.05 -6.19 1.06
CA LYS A 5 13.82 -5.47 1.33
C LYS A 5 13.41 -4.70 0.06
N THR A 6 12.13 -4.81 -0.31
CA THR A 6 11.57 -4.16 -1.48
C THR A 6 10.26 -3.56 -1.00
N THR A 7 10.05 -2.27 -1.26
CA THR A 7 8.97 -1.49 -0.67
C THR A 7 8.29 -0.60 -1.71
N ASN A 8 7.05 -0.19 -1.41
CA ASN A 8 6.29 0.83 -2.14
C ASN A 8 5.87 1.84 -1.08
N THR A 9 6.02 3.12 -1.36
CA THR A 9 5.77 4.18 -0.39
C THR A 9 4.83 5.21 -1.00
N TRP A 10 3.91 5.71 -0.17
CA TRP A 10 2.94 6.73 -0.51
C TRP A 10 2.89 7.72 0.64
N VAL A 11 2.54 8.98 0.36
CA VAL A 11 2.25 9.97 1.37
C VAL A 11 0.81 10.46 1.19
N LEU A 12 0.12 10.70 2.32
CA LEU A 12 -1.26 11.16 2.36
C LEU A 12 -1.33 12.35 3.31
N HIS A 13 -1.88 13.47 2.84
CA HIS A 13 -2.20 14.60 3.68
C HIS A 13 -3.60 14.36 4.27
N MET A 14 -3.73 14.45 5.59
CA MET A 14 -4.96 14.18 6.32
C MET A 14 -4.89 14.90 7.67
N ASP A 15 -5.97 15.58 8.06
CA ASP A 15 -6.13 16.26 9.35
C ASP A 15 -4.95 17.20 9.70
N GLY A 16 -4.43 17.88 8.67
CA GLY A 16 -3.34 18.85 8.82
C GLY A 16 -1.96 18.23 9.02
N GLU A 17 -1.83 16.91 8.85
CA GLU A 17 -0.59 16.16 8.92
C GLU A 17 -0.35 15.44 7.59
N ASN A 18 0.89 14.98 7.37
CA ASN A 18 1.23 14.09 6.27
C ASN A 18 1.65 12.76 6.88
N PHE A 19 0.99 11.67 6.45
CA PHE A 19 1.29 10.32 6.90
C PHE A 19 1.94 9.57 5.75
N ARG A 20 3.10 8.93 5.98
CA ARG A 20 3.69 8.01 5.03
C ARG A 20 3.17 6.61 5.27
N ILE A 21 2.78 5.96 4.18
CA ILE A 21 2.43 4.56 4.10
C ILE A 21 3.63 3.93 3.43
N VAL A 22 4.11 2.82 3.96
CA VAL A 22 5.09 2.00 3.32
C VAL A 22 4.54 0.58 3.36
N LEU A 23 4.56 -0.11 2.23
CA LEU A 23 4.28 -1.54 2.16
C LEU A 23 5.62 -2.26 2.09
N GLU A 24 5.88 -3.22 2.98
CA GLU A 24 7.03 -4.11 2.83
C GLU A 24 6.50 -5.27 1.97
N LYS A 25 7.05 -5.43 0.77
CA LYS A 25 6.47 -6.35 -0.22
C LYS A 25 6.63 -7.80 0.21
N ASP A 26 7.74 -8.13 0.91
CA ASP A 26 8.03 -9.52 1.26
C ASP A 26 7.03 -10.04 2.29
N ALA A 27 6.72 -9.21 3.28
CA ALA A 27 5.81 -9.53 4.37
C ALA A 27 4.35 -9.15 4.08
N MET A 28 4.11 -8.31 3.06
CA MET A 28 2.83 -7.66 2.78
C MET A 28 2.31 -6.94 4.03
N ASP A 29 3.22 -6.30 4.78
CA ASP A 29 2.92 -5.58 6.01
C ASP A 29 2.96 -4.08 5.71
N VAL A 30 2.03 -3.31 6.29
CA VAL A 30 1.88 -1.91 6.00
C VAL A 30 2.23 -1.08 7.25
N TRP A 31 3.30 -0.28 7.10
CA TRP A 31 3.79 0.67 8.07
C TRP A 31 3.14 2.01 7.73
N CYS A 32 2.15 2.45 8.49
CA CYS A 32 1.49 3.73 8.30
C CYS A 32 1.93 4.62 9.47
N ASN A 33 2.52 5.78 9.17
CA ASN A 33 3.19 6.65 10.14
C ASN A 33 4.21 5.86 10.98
N GLY A 34 4.88 4.89 10.35
CA GLY A 34 5.92 4.06 10.96
C GLY A 34 5.40 2.93 11.86
N LYS A 35 4.08 2.81 12.08
CA LYS A 35 3.48 1.79 12.93
C LYS A 35 2.76 0.75 12.06
N LYS A 36 2.79 -0.52 12.43
CA LYS A 36 1.94 -1.52 11.77
C LYS A 36 0.48 -1.24 12.14
N LEU A 37 -0.44 -1.51 11.22
CA LEU A 37 -1.87 -1.52 11.46
C LEU A 37 -2.48 -2.74 10.75
N GLU A 38 -3.73 -3.06 11.10
CA GLU A 38 -4.40 -4.25 10.62
C GLU A 38 -4.75 -4.13 9.13
N THR A 39 -4.66 -5.25 8.42
CA THR A 39 -4.93 -5.36 6.98
C THR A 39 -5.78 -6.62 6.73
N ALA A 40 -6.61 -6.56 5.69
CA ALA A 40 -7.34 -7.71 5.16
C ALA A 40 -6.96 -7.80 3.68
N GLY A 41 -6.70 -9.00 3.18
CA GLY A 41 -6.26 -9.22 1.82
C GLY A 41 -7.46 -9.75 1.05
N GLU A 42 -8.19 -8.87 0.37
CA GLU A 42 -9.29 -9.28 -0.47
C GLU A 42 -8.73 -9.67 -1.83
N PHE A 43 -9.30 -10.70 -2.44
CA PHE A 43 -8.89 -11.19 -3.75
C PHE A 43 -10.03 -10.93 -4.74
N VAL A 44 -9.67 -10.36 -5.90
CA VAL A 44 -10.59 -9.89 -6.90
C VAL A 44 -10.17 -10.41 -8.28
N ASP A 45 -11.08 -10.27 -9.25
CA ASP A 45 -10.87 -10.63 -10.66
C ASP A 45 -10.02 -9.55 -11.36
N ASP A 46 -8.91 -9.21 -10.71
CA ASP A 46 -8.02 -8.09 -11.00
C ASP A 46 -6.65 -8.29 -10.32
N GLY A 47 -6.62 -8.95 -9.16
CA GLY A 47 -5.43 -9.14 -8.35
C GLY A 47 -5.86 -9.13 -6.89
N THR A 48 -5.24 -8.29 -6.06
CA THR A 48 -5.50 -8.24 -4.64
C THR A 48 -5.81 -6.79 -4.26
N GLU A 49 -6.60 -6.59 -3.21
CA GLU A 49 -6.86 -5.32 -2.59
C GLU A 49 -6.66 -5.50 -1.09
N THR A 50 -5.55 -4.97 -0.57
CA THR A 50 -5.23 -5.03 0.85
C THR A 50 -5.95 -3.85 1.50
N HIS A 51 -7.08 -4.09 2.19
CA HIS A 51 -7.92 -3.06 2.77
C HIS A 51 -7.45 -2.71 4.19
N PHE A 52 -7.54 -1.43 4.57
CA PHE A 52 -7.29 -0.89 5.90
C PHE A 52 -7.98 0.47 6.01
N SER A 53 -7.76 1.22 7.10
CA SER A 53 -8.28 2.57 7.31
C SER A 53 -7.24 3.37 8.09
N ILE A 54 -7.22 4.69 7.88
CA ILE A 54 -6.36 5.66 8.55
C ILE A 54 -7.30 6.83 8.87
N GLY A 55 -7.37 7.21 10.15
CA GLY A 55 -8.39 8.16 10.61
C GLY A 55 -9.77 7.61 10.26
N ASN A 56 -10.62 8.46 9.70
CA ASN A 56 -11.97 8.10 9.24
C ASN A 56 -11.97 7.54 7.80
N HIS A 57 -10.83 7.53 7.12
CA HIS A 57 -10.74 7.23 5.69
C HIS A 57 -10.35 5.77 5.50
N ASP A 58 -11.06 5.05 4.63
CA ASP A 58 -10.63 3.71 4.23
C ASP A 58 -9.55 3.84 3.14
N CYS A 59 -8.65 2.88 3.10
CA CYS A 59 -7.55 2.80 2.16
C CYS A 59 -7.44 1.37 1.68
N TYR A 60 -6.93 1.15 0.47
CA TYR A 60 -6.57 -0.18 0.05
C TYR A 60 -5.36 -0.13 -0.87
N ILE A 61 -4.42 -1.06 -0.73
CA ILE A 61 -3.36 -1.19 -1.72
C ILE A 61 -3.93 -2.14 -2.77
N LYS A 62 -4.15 -1.63 -3.97
CA LYS A 62 -4.52 -2.43 -5.12
C LYS A 62 -3.22 -3.02 -5.65
N ALA A 63 -3.19 -4.33 -5.85
CA ALA A 63 -2.05 -5.06 -6.36
C ALA A 63 -2.58 -5.82 -7.57
N VAL A 64 -2.43 -5.23 -8.74
CA VAL A 64 -3.05 -5.69 -9.97
C VAL A 64 -2.15 -6.73 -10.62
N SER A 65 -2.67 -7.91 -10.96
CA SER A 65 -1.91 -9.01 -11.56
C SER A 65 -1.54 -8.78 -13.04
N SER A 66 -1.29 -7.54 -13.45
CA SER A 66 -0.72 -7.21 -14.74
C SER A 66 0.72 -7.74 -14.83
N GLY A 67 1.20 -7.99 -16.05
CA GLY A 67 2.55 -8.50 -16.28
C GLY A 67 2.70 -9.92 -15.75
N LYS A 68 3.93 -10.30 -15.38
CA LYS A 68 4.20 -11.61 -14.78
C LYS A 68 3.56 -11.65 -13.40
N ARG A 69 2.89 -12.75 -13.06
CA ARG A 69 2.16 -12.87 -11.78
C ARG A 69 3.11 -12.99 -10.58
N LYS A 70 4.39 -13.34 -10.79
CA LYS A 70 5.33 -13.56 -9.69
C LYS A 70 5.63 -12.24 -8.96
N GLU A 71 6.08 -11.21 -9.69
CA GLU A 71 6.43 -9.90 -9.13
C GLU A 71 6.05 -8.72 -10.03
N GLY A 72 5.48 -8.95 -11.22
CA GLY A 72 5.09 -7.88 -12.15
C GLY A 72 3.86 -7.09 -11.70
N ILE A 73 3.15 -7.62 -10.70
CA ILE A 73 1.95 -7.10 -10.08
C ILE A 73 2.14 -5.61 -9.76
N ILE A 74 1.22 -4.76 -10.22
CA ILE A 74 1.33 -3.31 -10.09
C ILE A 74 0.71 -2.95 -8.75
N HIS A 75 1.48 -2.34 -7.85
CA HIS A 75 1.00 -1.93 -6.54
C HIS A 75 0.68 -0.43 -6.57
N THR A 76 -0.52 -0.06 -6.10
CA THR A 76 -0.98 1.31 -5.99
C THR A 76 -1.73 1.46 -4.68
N LEU A 77 -1.56 2.58 -3.97
CA LEU A 77 -2.41 2.88 -2.82
C LEU A 77 -3.64 3.61 -3.33
N ILE A 78 -4.80 3.21 -2.88
CA ILE A 78 -6.06 3.90 -3.08
C ILE A 78 -6.46 4.38 -1.67
N VAL A 79 -7.03 5.58 -1.55
CA VAL A 79 -7.58 6.14 -0.32
C VAL A 79 -8.88 6.81 -0.67
N ASP A 80 -9.96 6.56 0.10
CA ASP A 80 -11.30 7.08 -0.16
C ASP A 80 -11.74 6.82 -1.62
N ASN A 81 -11.36 5.66 -2.15
CA ASN A 81 -11.55 5.22 -3.54
C ASN A 81 -10.83 6.07 -4.61
N ARG A 82 -9.96 7.02 -4.23
CA ARG A 82 -9.09 7.77 -5.13
C ARG A 82 -7.74 7.09 -5.22
N GLU A 83 -7.10 7.19 -6.37
CA GLU A 83 -5.84 6.54 -6.64
C GLU A 83 -4.68 7.46 -6.26
N ILE A 84 -3.68 6.92 -5.55
CA ILE A 84 -2.53 7.62 -5.01
C ILE A 84 -1.25 7.04 -5.65
N PRO A 85 -0.51 7.82 -6.45
CA PRO A 85 0.77 7.42 -7.03
C PRO A 85 1.85 7.21 -5.94
N GLU A 86 2.79 6.28 -6.19
CA GLU A 86 3.99 6.11 -5.37
C GLU A 86 4.78 7.42 -5.31
N ILE A 87 5.60 7.55 -4.26
CA ILE A 87 6.48 8.70 -4.07
C ILE A 87 7.47 8.85 -5.24
N ALA A 88 7.91 10.10 -5.47
CA ALA A 88 9.00 10.39 -6.38
C ALA A 88 10.30 10.35 -5.58
N SER A 89 10.94 9.18 -5.58
CA SER A 89 12.23 8.97 -4.95
C SER A 89 13.29 9.81 -5.67
N GLU A 1 23.92 -4.43 3.18
CA GLU A 1 23.28 -5.77 3.05
C GLU A 1 23.32 -6.22 1.59
N ASP A 2 23.32 -7.55 1.35
CA ASP A 2 23.38 -8.11 0.00
C ASP A 2 22.07 -7.90 -0.76
N ARG A 3 20.94 -8.06 -0.08
CA ARG A 3 19.62 -7.90 -0.70
C ARG A 3 19.30 -6.42 -0.87
N SER A 4 18.66 -6.06 -1.98
CA SER A 4 18.22 -4.70 -2.26
C SER A 4 17.02 -4.33 -1.36
N LYS A 5 16.82 -3.03 -1.14
CA LYS A 5 15.61 -2.52 -0.50
C LYS A 5 14.45 -2.70 -1.49
N THR A 6 13.29 -3.15 -1.01
CA THR A 6 12.15 -3.48 -1.86
C THR A 6 10.91 -2.87 -1.20
N THR A 7 10.56 -1.65 -1.58
CA THR A 7 9.48 -0.87 -0.97
C THR A 7 8.62 -0.20 -2.04
N ASN A 8 7.33 -0.04 -1.76
CA ASN A 8 6.39 0.76 -2.54
C ASN A 8 6.02 1.93 -1.65
N THR A 9 6.18 3.16 -2.15
CA THR A 9 5.96 4.37 -1.36
C THR A 9 4.87 5.21 -2.02
N TRP A 10 4.06 5.86 -1.18
CA TRP A 10 3.03 6.80 -1.57
C TRP A 10 3.05 7.95 -0.56
N VAL A 11 2.49 9.09 -0.95
CA VAL A 11 2.22 10.20 -0.05
C VAL A 11 0.77 10.63 -0.27
N LEU A 12 0.05 10.90 0.82
CA LEU A 12 -1.32 11.37 0.81
C LEU A 12 -1.37 12.72 1.50
N HIS A 13 -1.87 13.74 0.82
CA HIS A 13 -2.16 15.02 1.41
C HIS A 13 -3.61 14.98 1.87
N MET A 14 -3.85 15.19 3.17
CA MET A 14 -5.16 15.28 3.79
C MET A 14 -5.42 16.74 4.15
N ASP A 15 -6.41 17.00 5.01
CA ASP A 15 -6.93 18.34 5.31
C ASP A 15 -5.86 19.32 5.80
N GLY A 16 -4.79 18.82 6.45
CA GLY A 16 -3.70 19.65 6.95
C GLY A 16 -2.43 18.87 7.29
N GLU A 17 -2.28 17.64 6.79
CA GLU A 17 -1.12 16.79 7.01
C GLU A 17 -0.78 16.05 5.72
N ASN A 18 0.48 15.63 5.59
CA ASN A 18 1.00 14.84 4.48
C ASN A 18 1.53 13.55 5.09
N PHE A 19 0.90 12.43 4.74
CA PHE A 19 1.20 11.13 5.31
C PHE A 19 1.99 10.33 4.28
N ARG A 20 3.25 9.99 4.58
CA ARG A 20 4.01 9.05 3.77
C ARG A 20 3.58 7.65 4.18
N ILE A 21 3.44 6.80 3.18
CA ILE A 21 3.10 5.40 3.30
C ILE A 21 4.27 4.68 2.65
N VAL A 22 4.81 3.65 3.29
CA VAL A 22 5.78 2.76 2.69
C VAL A 22 5.36 1.34 3.02
N LEU A 23 5.06 0.54 2.01
CA LEU A 23 4.84 -0.90 2.13
C LEU A 23 6.24 -1.53 1.99
N GLU A 24 6.67 -2.31 2.97
CA GLU A 24 7.85 -3.15 2.92
C GLU A 24 7.47 -4.46 2.24
N LYS A 25 7.90 -4.64 0.99
CA LYS A 25 7.40 -5.73 0.14
C LYS A 25 7.91 -7.09 0.59
N ASP A 26 9.08 -7.14 1.24
CA ASP A 26 9.64 -8.40 1.70
C ASP A 26 8.81 -8.96 2.86
N ALA A 27 8.42 -8.09 3.80
CA ALA A 27 7.69 -8.45 5.01
C ALA A 27 6.17 -8.35 4.85
N MET A 28 5.69 -7.66 3.80
CA MET A 28 4.30 -7.26 3.59
C MET A 28 3.77 -6.54 4.84
N ASP A 29 4.53 -5.55 5.30
CA ASP A 29 4.17 -4.65 6.41
C ASP A 29 4.07 -3.23 5.85
N VAL A 30 3.37 -2.32 6.53
CA VAL A 30 3.12 -0.97 6.04
C VAL A 30 3.45 0.02 7.15
N TRP A 31 4.42 0.88 6.86
CA TRP A 31 4.81 2.03 7.65
C TRP A 31 3.97 3.22 7.20
N CYS A 32 3.27 3.90 8.10
CA CYS A 32 2.63 5.18 7.86
C CYS A 32 3.33 6.18 8.78
N ASN A 33 3.80 7.29 8.22
CA ASN A 33 4.53 8.34 8.95
C ASN A 33 5.69 7.76 9.79
N GLY A 34 6.35 6.72 9.26
CA GLY A 34 7.50 6.08 9.88
C GLY A 34 7.19 5.05 10.98
N LYS A 35 5.91 4.82 11.32
CA LYS A 35 5.49 3.81 12.32
C LYS A 35 4.69 2.74 11.61
N LYS A 36 4.80 1.45 12.00
CA LYS A 36 3.96 0.43 11.39
C LYS A 36 2.53 0.59 11.90
N LEU A 37 1.55 0.38 11.03
CA LEU A 37 0.12 0.43 11.38
C LEU A 37 -0.53 -0.94 11.26
N GLU A 38 -1.76 -1.03 11.75
CA GLU A 38 -2.59 -2.22 11.73
C GLU A 38 -3.12 -2.45 10.31
N THR A 39 -3.26 -3.71 9.92
CA THR A 39 -3.71 -4.12 8.60
C THR A 39 -4.61 -5.34 8.71
N ALA A 40 -5.56 -5.47 7.78
CA ALA A 40 -6.40 -6.65 7.57
C ALA A 40 -6.34 -6.93 6.08
N GLY A 41 -6.25 -8.19 5.66
CA GLY A 41 -6.03 -8.56 4.28
C GLY A 41 -7.24 -9.36 3.82
N GLU A 42 -8.11 -8.75 3.03
CA GLU A 42 -9.19 -9.45 2.36
C GLU A 42 -8.69 -9.94 1.01
N PHE A 43 -9.24 -11.06 0.53
CA PHE A 43 -8.86 -11.66 -0.74
C PHE A 43 -10.06 -11.72 -1.66
N VAL A 44 -9.84 -11.42 -2.94
CA VAL A 44 -10.83 -11.44 -3.99
C VAL A 44 -10.29 -12.18 -5.22
N ASP A 45 -11.19 -12.48 -6.16
CA ASP A 45 -10.88 -13.10 -7.45
C ASP A 45 -10.28 -12.05 -8.41
N ASP A 46 -9.27 -11.34 -7.91
CA ASP A 46 -8.63 -10.16 -8.48
C ASP A 46 -7.25 -9.96 -7.84
N GLY A 47 -7.10 -10.26 -6.55
CA GLY A 47 -5.89 -10.05 -5.79
C GLY A 47 -6.23 -9.95 -4.31
N THR A 48 -5.41 -9.19 -3.58
CA THR A 48 -5.60 -8.96 -2.15
C THR A 48 -5.89 -7.47 -1.97
N GLU A 49 -6.68 -7.13 -0.97
CA GLU A 49 -6.95 -5.77 -0.55
C GLU A 49 -6.58 -5.68 0.93
N THR A 50 -5.46 -5.00 1.22
CA THR A 50 -4.95 -4.81 2.57
C THR A 50 -5.48 -3.48 3.09
N HIS A 51 -6.47 -3.50 3.99
CA HIS A 51 -7.19 -2.34 4.47
C HIS A 51 -6.52 -1.74 5.71
N PHE A 52 -6.58 -0.42 5.85
CA PHE A 52 -6.22 0.35 7.03
C PHE A 52 -6.96 1.71 6.97
N SER A 53 -6.76 2.59 7.95
CA SER A 53 -7.48 3.87 8.05
C SER A 53 -6.55 4.94 8.61
N ILE A 54 -6.72 6.19 8.17
CA ILE A 54 -5.90 7.36 8.52
C ILE A 54 -6.87 8.54 8.61
N GLY A 55 -6.81 9.32 9.68
CA GLY A 55 -7.75 10.41 9.89
C GLY A 55 -9.18 9.87 9.91
N ASN A 56 -10.06 10.49 9.12
CA ASN A 56 -11.45 10.05 8.92
C ASN A 56 -11.62 9.39 7.54
N HIS A 57 -10.57 8.73 7.04
CA HIS A 57 -10.54 8.11 5.71
C HIS A 57 -10.07 6.67 5.83
N ASP A 58 -10.58 5.78 4.97
CA ASP A 58 -10.07 4.42 4.82
C ASP A 58 -9.16 4.35 3.60
N CYS A 59 -8.19 3.44 3.68
CA CYS A 59 -7.19 3.19 2.67
C CYS A 59 -7.09 1.68 2.46
N TYR A 60 -6.71 1.24 1.26
CA TYR A 60 -6.35 -0.14 1.07
C TYR A 60 -5.30 -0.27 0.00
N ILE A 61 -4.35 -1.19 0.17
CA ILE A 61 -3.42 -1.54 -0.89
C ILE A 61 -4.12 -2.63 -1.69
N LYS A 62 -4.37 -2.38 -2.97
CA LYS A 62 -4.88 -3.36 -3.91
C LYS A 62 -3.65 -4.02 -4.50
N ALA A 63 -3.33 -5.21 -4.01
CA ALA A 63 -2.25 -6.04 -4.49
C ALA A 63 -2.88 -6.97 -5.53
N VAL A 64 -2.86 -6.54 -6.79
CA VAL A 64 -3.57 -7.14 -7.89
C VAL A 64 -2.71 -8.23 -8.52
N SER A 65 -3.22 -9.44 -8.73
CA SER A 65 -2.47 -10.55 -9.31
C SER A 65 -2.43 -10.48 -10.86
N SER A 66 -2.40 -9.27 -11.43
CA SER A 66 -2.59 -9.03 -12.86
C SER A 66 -1.54 -9.71 -13.76
N GLY A 67 -0.34 -10.00 -13.24
CA GLY A 67 0.70 -10.67 -14.01
C GLY A 67 0.42 -12.16 -14.24
N LYS A 68 -0.45 -12.77 -13.42
CA LYS A 68 -0.80 -14.21 -13.48
C LYS A 68 0.45 -15.11 -13.49
N ARG A 69 1.47 -14.74 -12.73
CA ARG A 69 2.73 -15.49 -12.56
C ARG A 69 3.16 -15.32 -11.11
N LYS A 70 4.11 -16.15 -10.65
CA LYS A 70 4.68 -16.07 -9.31
C LYS A 70 5.27 -14.66 -9.10
N GLU A 71 4.85 -14.00 -8.02
CA GLU A 71 5.22 -12.63 -7.66
C GLU A 71 4.86 -11.59 -8.75
N GLY A 72 3.92 -11.92 -9.65
CA GLY A 72 3.43 -11.03 -10.72
C GLY A 72 2.35 -10.06 -10.21
N ILE A 73 2.46 -9.63 -8.94
CA ILE A 73 1.45 -8.83 -8.27
C ILE A 73 1.81 -7.34 -8.51
N ILE A 74 0.83 -6.54 -8.92
CA ILE A 74 0.91 -5.09 -9.00
C ILE A 74 0.46 -4.58 -7.64
N HIS A 75 1.16 -3.62 -7.04
CA HIS A 75 0.74 -3.01 -5.77
C HIS A 75 0.30 -1.58 -6.06
N THR A 76 -0.91 -1.22 -5.63
CA THR A 76 -1.44 0.14 -5.75
C THR A 76 -2.03 0.53 -4.41
N LEU A 77 -1.88 1.78 -3.99
CA LEU A 77 -2.59 2.30 -2.83
C LEU A 77 -3.88 2.92 -3.34
N ILE A 78 -5.00 2.59 -2.72
CA ILE A 78 -6.28 3.22 -2.90
C ILE A 78 -6.57 3.95 -1.58
N VAL A 79 -7.18 5.13 -1.64
CA VAL A 79 -7.64 5.88 -0.48
C VAL A 79 -9.01 6.46 -0.83
N ASP A 80 -10.01 6.26 0.05
CA ASP A 80 -11.40 6.68 -0.20
C ASP A 80 -11.90 6.20 -1.57
N ASN A 81 -11.52 4.98 -1.95
CA ASN A 81 -11.80 4.32 -3.25
C ASN A 81 -11.14 5.00 -4.48
N ARG A 82 -10.33 6.05 -4.29
CA ARG A 82 -9.54 6.67 -5.36
C ARG A 82 -8.20 6.00 -5.44
N GLU A 83 -7.64 5.91 -6.64
CA GLU A 83 -6.40 5.22 -6.91
C GLU A 83 -5.22 6.19 -6.80
N ILE A 84 -4.16 5.77 -6.11
CA ILE A 84 -2.98 6.56 -5.79
C ILE A 84 -1.74 5.89 -6.44
N PRO A 85 -1.08 6.54 -7.41
CA PRO A 85 0.16 6.06 -8.01
C PRO A 85 1.33 6.10 -7.02
N GLU A 86 2.24 5.10 -7.09
CA GLU A 86 3.49 5.11 -6.33
C GLU A 86 4.37 6.29 -6.78
N ILE A 87 5.34 6.66 -5.94
CA ILE A 87 6.18 7.83 -6.16
C ILE A 87 7.14 7.62 -7.34
N ALA A 88 7.55 8.73 -7.96
CA ALA A 88 8.47 8.78 -9.11
C ALA A 88 9.65 9.73 -8.86
N SER A 89 9.96 9.93 -7.58
CA SER A 89 11.06 10.76 -7.10
C SER A 89 12.40 10.21 -7.61
N GLU A 1 22.01 6.44 -7.98
CA GLU A 1 22.17 5.08 -7.42
C GLU A 1 20.80 4.41 -7.26
N ASP A 2 20.80 3.08 -7.04
CA ASP A 2 19.62 2.25 -6.81
C ASP A 2 19.91 1.30 -5.64
N ARG A 3 18.88 0.86 -4.92
CA ARG A 3 18.99 -0.12 -3.84
C ARG A 3 17.83 -1.11 -3.95
N SER A 4 18.04 -2.36 -3.53
CA SER A 4 17.07 -3.45 -3.66
C SER A 4 16.01 -3.43 -2.54
N LYS A 5 15.44 -2.25 -2.25
CA LYS A 5 14.48 -2.07 -1.15
C LYS A 5 13.19 -2.86 -1.41
N THR A 6 12.77 -2.91 -2.68
CA THR A 6 11.51 -3.51 -3.12
C THR A 6 10.34 -2.96 -2.30
N THR A 7 10.03 -1.70 -2.56
CA THR A 7 9.02 -0.93 -1.83
C THR A 7 8.19 -0.09 -2.82
N ASN A 8 6.89 0.05 -2.52
CA ASN A 8 6.00 0.99 -3.20
C ASN A 8 5.67 2.06 -2.18
N THR A 9 5.78 3.31 -2.59
CA THR A 9 5.44 4.45 -1.76
C THR A 9 4.19 5.09 -2.36
N TRP A 10 3.35 5.68 -1.52
CA TRP A 10 2.23 6.53 -1.88
C TRP A 10 2.26 7.74 -0.98
N VAL A 11 1.53 8.79 -1.34
CA VAL A 11 1.30 9.94 -0.47
C VAL A 11 -0.20 10.25 -0.46
N LEU A 12 -0.74 10.62 0.71
CA LEU A 12 -2.13 10.95 0.91
C LEU A 12 -2.22 12.25 1.71
N HIS A 13 -3.06 13.19 1.31
CA HIS A 13 -3.26 14.45 2.01
C HIS A 13 -4.56 14.36 2.82
N MET A 14 -4.49 14.64 4.13
CA MET A 14 -5.66 14.79 4.99
C MET A 14 -5.38 15.85 6.05
N ASP A 15 -6.37 16.69 6.35
CA ASP A 15 -6.38 17.64 7.47
C ASP A 15 -5.06 18.43 7.64
N GLY A 16 -4.54 18.95 6.52
CA GLY A 16 -3.35 19.80 6.50
C GLY A 16 -2.03 19.03 6.57
N GLU A 17 -2.06 17.70 6.68
CA GLU A 17 -0.91 16.82 6.72
C GLU A 17 -0.80 16.01 5.43
N ASN A 18 0.40 15.51 5.15
CA ASN A 18 0.66 14.54 4.10
C ASN A 18 1.22 13.29 4.76
N PHE A 19 0.66 12.14 4.42
CA PHE A 19 1.02 10.84 4.96
C PHE A 19 1.69 10.06 3.84
N ARG A 20 3.01 9.89 3.94
CA ARG A 20 3.75 8.97 3.08
C ARG A 20 3.40 7.58 3.57
N ILE A 21 3.01 6.70 2.68
CA ILE A 21 2.81 5.28 2.95
C ILE A 21 3.94 4.59 2.24
N VAL A 22 4.60 3.60 2.85
CA VAL A 22 5.55 2.75 2.18
C VAL A 22 5.19 1.31 2.54
N LEU A 23 4.85 0.49 1.55
CA LEU A 23 4.70 -0.95 1.70
C LEU A 23 6.07 -1.56 1.46
N GLU A 24 6.53 -2.40 2.39
CA GLU A 24 7.71 -3.24 2.23
C GLU A 24 7.19 -4.49 1.53
N LYS A 25 7.54 -4.72 0.26
CA LYS A 25 6.87 -5.80 -0.49
C LYS A 25 7.34 -7.18 -0.02
N ASP A 26 8.58 -7.30 0.44
CA ASP A 26 9.12 -8.58 0.90
C ASP A 26 8.44 -9.01 2.21
N ALA A 27 8.26 -8.06 3.14
CA ALA A 27 7.76 -8.33 4.48
C ALA A 27 6.24 -8.15 4.61
N MET A 28 5.60 -7.46 3.65
CA MET A 28 4.21 -7.00 3.70
C MET A 28 3.92 -6.13 4.93
N ASP A 29 4.94 -5.43 5.45
CA ASP A 29 4.78 -4.41 6.47
C ASP A 29 4.42 -3.11 5.76
N VAL A 30 3.67 -2.23 6.39
CA VAL A 30 3.36 -0.91 5.84
C VAL A 30 3.74 0.12 6.89
N TRP A 31 4.58 1.06 6.47
CA TRP A 31 4.98 2.22 7.25
C TRP A 31 4.10 3.40 6.83
N CYS A 32 3.64 4.20 7.78
CA CYS A 32 2.99 5.48 7.52
C CYS A 32 3.81 6.55 8.24
N ASN A 33 4.34 7.52 7.48
CA ASN A 33 5.25 8.57 7.97
C ASN A 33 6.37 8.00 8.88
N GLY A 34 6.93 6.85 8.48
CA GLY A 34 8.04 6.20 9.19
C GLY A 34 7.64 5.51 10.51
N LYS A 35 6.34 5.43 10.83
CA LYS A 35 5.81 4.70 11.98
C LYS A 35 5.16 3.42 11.44
N LYS A 36 5.12 2.36 12.24
CA LYS A 36 4.44 1.13 11.86
C LYS A 36 2.94 1.29 12.14
N LEU A 37 2.10 0.65 11.32
CA LEU A 37 0.66 0.54 11.56
C LEU A 37 0.20 -0.91 11.42
N GLU A 38 -1.00 -1.18 11.92
CA GLU A 38 -1.63 -2.49 11.92
C GLU A 38 -2.19 -2.81 10.53
N THR A 39 -2.19 -4.09 10.18
CA THR A 39 -2.70 -4.58 8.89
C THR A 39 -3.48 -5.88 9.10
N ALA A 40 -4.48 -6.10 8.25
CA ALA A 40 -5.22 -7.35 8.12
C ALA A 40 -5.23 -7.67 6.62
N GLY A 41 -5.09 -8.94 6.24
CA GLY A 41 -4.95 -9.34 4.84
C GLY A 41 -6.12 -10.26 4.52
N GLU A 42 -7.07 -9.75 3.75
CA GLU A 42 -8.14 -10.57 3.18
C GLU A 42 -7.72 -11.03 1.78
N PHE A 43 -8.18 -12.21 1.38
CA PHE A 43 -7.85 -12.79 0.08
C PHE A 43 -9.13 -13.04 -0.70
N VAL A 44 -9.09 -12.74 -2.00
CA VAL A 44 -10.17 -12.94 -2.94
C VAL A 44 -9.67 -13.66 -4.19
N ASP A 45 -10.61 -14.12 -5.02
CA ASP A 45 -10.37 -14.77 -6.31
C ASP A 45 -10.02 -13.71 -7.38
N ASP A 46 -9.09 -12.84 -7.01
CA ASP A 46 -8.67 -11.62 -7.73
C ASP A 46 -7.29 -11.16 -7.24
N GLY A 47 -6.95 -11.40 -5.97
CA GLY A 47 -5.71 -10.93 -5.36
C GLY A 47 -5.90 -10.85 -3.85
N THR A 48 -5.16 -9.95 -3.21
CA THR A 48 -5.18 -9.76 -1.77
C THR A 48 -5.56 -8.30 -1.50
N GLU A 49 -6.19 -8.04 -0.37
CA GLU A 49 -6.56 -6.72 0.11
C GLU A 49 -5.99 -6.58 1.52
N THR A 50 -4.93 -5.79 1.67
CA THR A 50 -4.33 -5.50 2.97
C THR A 50 -4.99 -4.24 3.51
N HIS A 51 -5.90 -4.36 4.47
CA HIS A 51 -6.70 -3.26 5.00
C HIS A 51 -6.01 -2.60 6.19
N PHE A 52 -6.20 -1.28 6.34
CA PHE A 52 -5.83 -0.48 7.51
C PHE A 52 -6.69 0.80 7.52
N SER A 53 -6.49 1.70 8.49
CA SER A 53 -7.20 2.97 8.58
C SER A 53 -6.26 4.04 9.14
N ILE A 54 -6.47 5.29 8.74
CA ILE A 54 -5.70 6.46 9.13
C ILE A 54 -6.76 7.51 9.47
N GLY A 55 -6.86 7.87 10.76
CA GLY A 55 -7.96 8.68 11.24
C GLY A 55 -9.29 7.96 10.95
N ASN A 56 -10.27 8.69 10.41
CA ASN A 56 -11.57 8.14 10.03
C ASN A 56 -11.51 7.38 8.69
N HIS A 57 -10.44 7.54 7.91
CA HIS A 57 -10.37 7.05 6.53
C HIS A 57 -9.86 5.62 6.54
N ASP A 58 -10.58 4.69 5.92
CA ASP A 58 -10.06 3.35 5.68
C ASP A 58 -9.24 3.34 4.40
N CYS A 59 -8.25 2.46 4.36
CA CYS A 59 -7.31 2.29 3.28
C CYS A 59 -7.11 0.79 3.05
N TYR A 60 -6.80 0.38 1.84
CA TYR A 60 -6.36 -0.98 1.60
C TYR A 60 -5.37 -1.00 0.46
N ILE A 61 -4.35 -1.85 0.55
CA ILE A 61 -3.49 -2.10 -0.60
C ILE A 61 -4.16 -3.24 -1.34
N LYS A 62 -4.52 -3.01 -2.60
CA LYS A 62 -4.98 -4.06 -3.49
C LYS A 62 -3.70 -4.63 -4.09
N ALA A 63 -3.44 -5.91 -3.85
CA ALA A 63 -2.36 -6.65 -4.47
C ALA A 63 -3.05 -7.59 -5.46
N VAL A 64 -3.19 -7.15 -6.70
CA VAL A 64 -4.00 -7.77 -7.72
C VAL A 64 -3.19 -8.79 -8.51
N SER A 65 -3.68 -10.02 -8.66
CA SER A 65 -3.02 -11.10 -9.37
C SER A 65 -3.20 -11.01 -10.91
N SER A 66 -3.26 -9.80 -11.45
CA SER A 66 -3.48 -9.56 -12.87
C SER A 66 -2.25 -9.97 -13.69
N GLY A 67 -1.05 -9.65 -13.17
CA GLY A 67 0.21 -10.15 -13.70
C GLY A 67 0.48 -11.56 -13.20
N LYS A 68 1.70 -12.06 -13.41
CA LYS A 68 2.08 -13.42 -13.03
C LYS A 68 1.84 -13.63 -11.54
N ARG A 69 1.25 -14.76 -11.14
CA ARG A 69 0.86 -15.01 -9.74
C ARG A 69 2.08 -15.19 -8.83
N LYS A 70 3.26 -15.51 -9.37
CA LYS A 70 4.47 -15.74 -8.56
C LYS A 70 4.90 -14.44 -7.88
N GLU A 71 5.16 -13.38 -8.66
CA GLU A 71 5.63 -12.10 -8.14
C GLU A 71 5.17 -10.88 -8.95
N GLY A 72 4.34 -11.07 -9.99
CA GLY A 72 3.85 -10.00 -10.87
C GLY A 72 2.56 -9.36 -10.40
N ILE A 73 2.19 -9.60 -9.15
CA ILE A 73 1.01 -9.06 -8.49
C ILE A 73 1.15 -7.53 -8.44
N ILE A 74 0.14 -6.81 -8.92
CA ILE A 74 0.15 -5.36 -9.06
C ILE A 74 -0.23 -4.80 -7.69
N HIS A 75 0.57 -3.91 -7.11
CA HIS A 75 0.28 -3.35 -5.80
C HIS A 75 -0.18 -1.90 -5.97
N THR A 76 -1.38 -1.59 -5.48
CA THR A 76 -1.98 -0.27 -5.53
C THR A 76 -2.53 0.07 -4.16
N LEU A 77 -2.39 1.32 -3.70
CA LEU A 77 -3.07 1.77 -2.51
C LEU A 77 -4.43 2.29 -2.92
N ILE A 78 -5.47 1.88 -2.21
CA ILE A 78 -6.81 2.42 -2.29
C ILE A 78 -7.04 3.14 -0.95
N VAL A 79 -7.70 4.29 -0.96
CA VAL A 79 -8.11 5.03 0.23
C VAL A 79 -9.52 5.54 -0.01
N ASP A 80 -10.42 5.34 0.96
CA ASP A 80 -11.84 5.71 0.84
C ASP A 80 -12.47 5.17 -0.47
N ASN A 81 -12.06 3.97 -0.86
CA ASN A 81 -12.41 3.27 -2.10
C ASN A 81 -11.96 3.97 -3.40
N ARG A 82 -11.12 5.00 -3.33
CA ARG A 82 -10.48 5.63 -4.48
C ARG A 82 -9.10 5.04 -4.66
N GLU A 83 -8.63 4.98 -5.90
CA GLU A 83 -7.37 4.37 -6.26
C GLU A 83 -6.25 5.43 -6.28
N ILE A 84 -5.11 5.09 -5.68
CA ILE A 84 -3.96 5.95 -5.45
C ILE A 84 -2.74 5.30 -6.16
N PRO A 85 -2.19 5.92 -7.21
CA PRO A 85 -0.98 5.42 -7.89
C PRO A 85 0.27 5.64 -7.03
N GLU A 86 1.24 4.73 -7.13
CA GLU A 86 2.49 4.78 -6.41
C GLU A 86 3.38 5.94 -6.91
N ILE A 87 4.40 6.28 -6.12
CA ILE A 87 5.42 7.26 -6.38
C ILE A 87 6.79 6.62 -6.24
N ALA A 88 7.79 7.23 -6.86
CA ALA A 88 9.19 6.82 -6.83
C ALA A 88 10.13 8.00 -6.52
N SER A 89 9.59 9.00 -5.84
CA SER A 89 10.28 10.21 -5.42
C SER A 89 11.43 9.86 -4.47
N GLU A 1 21.79 -9.95 6.61
CA GLU A 1 22.05 -9.97 5.14
C GLU A 1 21.55 -8.66 4.52
N ASP A 2 22.38 -8.00 3.70
CA ASP A 2 22.00 -6.77 3.00
C ASP A 2 21.12 -7.10 1.79
N ARG A 3 20.02 -6.38 1.62
CA ARG A 3 19.12 -6.49 0.46
C ARG A 3 18.71 -5.08 0.02
N SER A 4 18.43 -4.91 -1.27
CA SER A 4 18.04 -3.63 -1.83
C SER A 4 16.67 -3.20 -1.29
N LYS A 5 16.45 -1.88 -1.14
CA LYS A 5 15.15 -1.33 -0.79
C LYS A 5 14.23 -1.49 -2.01
N THR A 6 12.97 -1.85 -1.77
CA THR A 6 11.93 -1.90 -2.80
C THR A 6 10.69 -1.30 -2.15
N THR A 7 10.10 -0.27 -2.78
CA THR A 7 9.05 0.54 -2.17
C THR A 7 8.00 0.93 -3.23
N ASN A 8 6.76 1.10 -2.80
CA ASN A 8 5.66 1.69 -3.58
C ASN A 8 5.23 2.93 -2.82
N THR A 9 5.14 4.07 -3.50
CA THR A 9 4.84 5.34 -2.86
C THR A 9 3.56 5.90 -3.49
N TRP A 10 2.75 6.54 -2.66
CA TRP A 10 1.54 7.26 -3.04
C TRP A 10 1.56 8.58 -2.28
N VAL A 11 0.88 9.59 -2.80
CA VAL A 11 0.61 10.82 -2.10
C VAL A 11 -0.91 10.98 -2.09
N LEU A 12 -1.48 11.08 -0.89
CA LEU A 12 -2.91 11.01 -0.65
C LEU A 12 -3.37 12.35 -0.12
N HIS A 13 -4.34 12.94 -0.81
CA HIS A 13 -4.88 14.24 -0.46
C HIS A 13 -6.08 14.04 0.46
N MET A 14 -6.18 14.83 1.54
CA MET A 14 -7.36 14.90 2.39
C MET A 14 -7.60 16.36 2.77
N ASP A 15 -8.63 16.96 2.18
CA ASP A 15 -9.21 18.30 2.43
C ASP A 15 -8.28 19.51 2.18
N GLY A 16 -6.99 19.37 2.44
CA GLY A 16 -5.97 20.40 2.34
C GLY A 16 -4.57 19.78 2.53
N GLU A 17 -4.47 18.72 3.36
CA GLU A 17 -3.23 18.00 3.58
C GLU A 17 -2.95 17.07 2.40
N ASN A 18 -1.67 16.71 2.25
CA ASN A 18 -1.18 15.69 1.34
C ASN A 18 -0.24 14.81 2.15
N PHE A 19 -0.59 13.54 2.32
CA PHE A 19 0.15 12.57 3.13
C PHE A 19 0.89 11.62 2.20
N ARG A 20 2.22 11.52 2.29
CA ARG A 20 2.94 10.47 1.59
C ARG A 20 2.70 9.16 2.30
N ILE A 21 2.50 8.11 1.52
CA ILE A 21 2.42 6.73 1.93
C ILE A 21 3.59 6.06 1.24
N VAL A 22 4.38 5.27 1.94
CA VAL A 22 5.39 4.42 1.36
C VAL A 22 5.20 3.04 1.97
N LEU A 23 4.89 2.05 1.14
CA LEU A 23 4.90 0.66 1.54
C LEU A 23 6.33 0.18 1.34
N GLU A 24 6.98 -0.29 2.40
CA GLU A 24 8.24 -0.98 2.36
C GLU A 24 7.93 -2.43 2.01
N LYS A 25 8.34 -2.89 0.83
CA LYS A 25 7.97 -4.21 0.34
C LYS A 25 8.75 -5.32 1.04
N ASP A 26 9.93 -5.02 1.58
CA ASP A 26 10.75 -6.03 2.25
C ASP A 26 10.10 -6.45 3.56
N ALA A 27 9.62 -5.47 4.33
CA ALA A 27 9.01 -5.68 5.63
C ALA A 27 7.47 -5.79 5.57
N MET A 28 6.86 -5.39 4.45
CA MET A 28 5.41 -5.22 4.32
C MET A 28 4.90 -4.31 5.44
N ASP A 29 5.64 -3.21 5.67
CA ASP A 29 5.33 -2.17 6.64
C ASP A 29 5.04 -0.90 5.88
N VAL A 30 4.14 -0.04 6.36
CA VAL A 30 3.68 1.12 5.64
C VAL A 30 3.98 2.35 6.49
N TRP A 31 4.83 3.21 5.93
CA TRP A 31 5.17 4.52 6.43
C TRP A 31 4.09 5.49 5.93
N CYS A 32 3.34 6.14 6.80
CA CYS A 32 2.46 7.24 6.46
C CYS A 32 3.03 8.49 7.12
N ASN A 33 3.26 9.55 6.34
CA ASN A 33 3.85 10.82 6.80
C ASN A 33 5.14 10.58 7.62
N GLY A 34 5.93 9.57 7.22
CA GLY A 34 7.21 9.24 7.85
C GLY A 34 7.11 8.43 9.15
N LYS A 35 5.91 8.03 9.59
CA LYS A 35 5.69 7.22 10.79
C LYS A 35 5.11 5.86 10.37
N LYS A 36 5.46 4.77 11.06
CA LYS A 36 4.82 3.48 10.81
C LYS A 36 3.37 3.57 11.25
N LEU A 37 2.45 2.95 10.52
CA LEU A 37 1.06 2.76 10.94
C LEU A 37 0.74 1.27 11.07
N GLU A 38 -0.35 1.00 11.77
CA GLU A 38 -0.86 -0.34 12.02
C GLU A 38 -1.44 -0.93 10.73
N THR A 39 -1.27 -2.23 10.53
CA THR A 39 -1.71 -2.96 9.36
C THR A 39 -2.32 -4.31 9.75
N ALA A 40 -3.30 -4.77 8.97
CA ALA A 40 -3.88 -6.10 9.02
C ALA A 40 -3.80 -6.63 7.59
N GLY A 41 -3.54 -7.92 7.40
CA GLY A 41 -3.35 -8.51 6.08
C GLY A 41 -4.40 -9.59 5.91
N GLU A 42 -5.39 -9.34 5.06
CA GLU A 42 -6.34 -10.35 4.64
C GLU A 42 -5.91 -10.91 3.30
N PHE A 43 -6.23 -12.19 3.07
CA PHE A 43 -5.82 -12.92 1.88
C PHE A 43 -7.08 -13.40 1.15
N VAL A 44 -7.08 -13.23 -0.17
CA VAL A 44 -8.15 -13.65 -1.07
C VAL A 44 -7.58 -14.49 -2.21
N ASP A 45 -8.47 -15.15 -2.96
CA ASP A 45 -8.15 -15.94 -4.15
C ASP A 45 -7.93 -15.02 -5.37
N ASP A 46 -7.10 -13.99 -5.14
CA ASP A 46 -6.84 -12.86 -6.02
C ASP A 46 -5.52 -12.19 -5.65
N GLY A 47 -5.18 -12.15 -4.35
CA GLY A 47 -4.01 -11.46 -3.84
C GLY A 47 -4.16 -11.22 -2.34
N THR A 48 -3.55 -10.15 -1.86
CA THR A 48 -3.60 -9.76 -0.46
C THR A 48 -4.20 -8.36 -0.39
N GLU A 49 -4.83 -8.04 0.73
CA GLU A 49 -5.37 -6.74 1.06
C GLU A 49 -4.78 -6.35 2.41
N THR A 50 -3.84 -5.40 2.42
CA THR A 50 -3.25 -4.86 3.64
C THR A 50 -4.09 -3.65 4.05
N HIS A 51 -4.96 -3.79 5.05
CA HIS A 51 -5.90 -2.75 5.48
C HIS A 51 -5.27 -1.85 6.54
N PHE A 52 -5.65 -0.57 6.54
CA PHE A 52 -5.35 0.42 7.56
C PHE A 52 -6.38 1.56 7.46
N SER A 53 -6.22 2.65 8.23
CA SER A 53 -7.14 3.79 8.26
C SER A 53 -6.34 5.07 8.46
N ILE A 54 -6.79 6.18 7.87
CA ILE A 54 -6.18 7.51 7.94
C ILE A 54 -7.35 8.49 8.03
N GLY A 55 -7.29 9.46 8.94
CA GLY A 55 -8.40 10.38 9.18
C GLY A 55 -9.65 9.57 9.55
N ASN A 56 -10.77 9.87 8.89
CA ASN A 56 -12.03 9.14 9.02
C ASN A 56 -12.29 8.26 7.80
N HIS A 57 -11.22 7.70 7.20
CA HIS A 57 -11.27 6.91 5.98
C HIS A 57 -10.48 5.62 6.18
N ASP A 58 -10.94 4.52 5.58
CA ASP A 58 -10.17 3.28 5.51
C ASP A 58 -9.38 3.25 4.21
N CYS A 59 -8.25 2.54 4.25
CA CYS A 59 -7.33 2.38 3.14
C CYS A 59 -6.95 0.91 3.08
N TYR A 60 -6.61 0.39 1.90
CA TYR A 60 -6.00 -0.91 1.81
C TYR A 60 -5.05 -0.95 0.63
N ILE A 61 -3.90 -1.61 0.78
CA ILE A 61 -3.04 -1.86 -0.36
C ILE A 61 -3.53 -3.19 -0.92
N LYS A 62 -4.00 -3.18 -2.17
CA LYS A 62 -4.31 -4.38 -2.91
C LYS A 62 -2.97 -4.83 -3.48
N ALA A 63 -2.53 -6.04 -3.15
CA ALA A 63 -1.33 -6.65 -3.68
C ALA A 63 -1.82 -7.85 -4.48
N VAL A 64 -2.03 -7.65 -5.77
CA VAL A 64 -2.70 -8.59 -6.67
C VAL A 64 -1.67 -9.53 -7.25
N SER A 65 -1.86 -10.85 -7.13
CA SER A 65 -1.00 -11.87 -7.71
C SER A 65 -1.37 -12.09 -9.20
N SER A 66 -1.46 -11.00 -9.96
CA SER A 66 -1.79 -11.00 -11.38
C SER A 66 -0.71 -11.69 -12.22
N GLY A 67 -1.07 -12.11 -13.43
CA GLY A 67 -0.16 -12.72 -14.38
C GLY A 67 0.17 -14.17 -14.00
N LYS A 68 1.41 -14.59 -14.30
CA LYS A 68 1.90 -15.95 -14.04
C LYS A 68 2.14 -16.16 -12.53
N ARG A 69 2.55 -17.38 -12.16
CA ARG A 69 2.86 -17.73 -10.77
C ARG A 69 4.13 -17.03 -10.24
N LYS A 70 4.96 -16.47 -11.13
CA LYS A 70 6.12 -15.65 -10.73
C LYS A 70 5.64 -14.46 -9.90
N GLU A 71 6.53 -13.91 -9.06
CA GLU A 71 6.22 -12.88 -8.07
C GLU A 71 6.09 -11.48 -8.69
N GLY A 72 5.25 -11.32 -9.72
CA GLY A 72 4.88 -10.06 -10.36
C GLY A 72 3.63 -9.46 -9.71
N ILE A 73 3.60 -9.38 -8.38
CA ILE A 73 2.44 -8.91 -7.62
C ILE A 73 2.29 -7.41 -7.91
N ILE A 74 1.10 -6.98 -8.32
CA ILE A 74 0.80 -5.58 -8.62
C ILE A 74 0.39 -4.96 -7.28
N HIS A 75 1.03 -3.87 -6.87
CA HIS A 75 0.68 -3.18 -5.63
C HIS A 75 -0.06 -1.88 -5.99
N THR A 76 -1.24 -1.69 -5.40
CA THR A 76 -2.05 -0.48 -5.56
C THR A 76 -2.59 -0.06 -4.21
N LEU A 77 -2.64 1.24 -3.93
CA LEU A 77 -3.32 1.73 -2.75
C LEU A 77 -4.77 2.01 -3.14
N ILE A 78 -5.72 1.53 -2.36
CA ILE A 78 -7.13 1.87 -2.44
C ILE A 78 -7.42 2.68 -1.18
N VAL A 79 -8.26 3.71 -1.27
CA VAL A 79 -8.71 4.51 -0.16
C VAL A 79 -10.20 4.79 -0.36
N ASP A 80 -11.00 4.54 0.67
CA ASP A 80 -12.47 4.64 0.62
C ASP A 80 -13.04 3.94 -0.62
N ASN A 81 -12.49 2.73 -0.91
CA ASN A 81 -12.79 1.86 -2.04
C ASN A 81 -12.47 2.42 -3.44
N ARG A 82 -11.82 3.59 -3.54
CA ARG A 82 -11.34 4.18 -4.78
C ARG A 82 -9.85 3.90 -4.93
N GLU A 83 -9.37 3.77 -6.18
CA GLU A 83 -8.02 3.34 -6.49
C GLU A 83 -7.10 4.55 -6.62
N ILE A 84 -5.89 4.45 -6.05
CA ILE A 84 -4.87 5.48 -5.97
C ILE A 84 -3.62 4.93 -6.70
N PRO A 85 -3.21 5.50 -7.85
CA PRO A 85 -2.03 5.06 -8.57
C PRO A 85 -0.74 5.52 -7.87
N GLU A 86 0.32 4.71 -7.96
CA GLU A 86 1.65 5.04 -7.43
C GLU A 86 2.22 6.28 -8.13
N ILE A 87 3.25 6.88 -7.52
CA ILE A 87 3.86 8.12 -7.98
C ILE A 87 4.57 7.95 -9.33
N ALA A 88 4.66 9.05 -10.08
CA ALA A 88 5.30 9.11 -11.40
C ALA A 88 6.34 10.24 -11.47
N SER A 89 6.88 10.59 -10.31
CA SER A 89 7.90 11.62 -10.13
C SER A 89 9.17 11.25 -10.90
N GLU A 1 26.33 -2.67 -2.65
CA GLU A 1 25.98 -2.74 -4.10
C GLU A 1 24.56 -2.22 -4.32
N ASP A 2 24.27 -1.63 -5.49
CA ASP A 2 22.97 -1.05 -5.80
C ASP A 2 21.88 -2.13 -5.90
N ARG A 3 20.69 -1.83 -5.38
CA ARG A 3 19.49 -2.68 -5.48
C ARG A 3 18.27 -1.79 -5.69
N SER A 4 17.22 -2.34 -6.28
CA SER A 4 15.93 -1.67 -6.43
C SER A 4 15.31 -1.38 -5.06
N LYS A 5 14.45 -0.35 -4.97
CA LYS A 5 13.68 -0.10 -3.76
C LYS A 5 12.57 -1.15 -3.71
N THR A 6 12.54 -1.95 -2.64
CA THR A 6 11.53 -2.99 -2.45
C THR A 6 10.21 -2.36 -2.01
N THR A 7 10.27 -1.38 -1.10
CA THR A 7 9.11 -0.73 -0.52
C THR A 7 8.40 0.17 -1.55
N ASN A 8 7.11 0.41 -1.33
CA ASN A 8 6.30 1.39 -2.06
C ASN A 8 5.85 2.41 -1.04
N THR A 9 5.90 3.69 -1.42
CA THR A 9 5.54 4.82 -0.58
C THR A 9 4.41 5.57 -1.28
N TRP A 10 3.52 6.19 -0.50
CA TRP A 10 2.42 7.00 -0.97
C TRP A 10 2.31 8.21 -0.06
N VAL A 11 1.80 9.30 -0.60
CA VAL A 11 1.42 10.50 0.14
C VAL A 11 -0.11 10.55 0.17
N LEU A 12 -0.68 10.85 1.33
CA LEU A 12 -2.10 11.15 1.48
C LEU A 12 -2.22 12.55 2.04
N HIS A 13 -2.82 13.45 1.28
CA HIS A 13 -3.20 14.76 1.78
C HIS A 13 -4.59 14.59 2.41
N MET A 14 -4.73 14.90 3.70
CA MET A 14 -5.92 14.61 4.48
C MET A 14 -5.97 15.59 5.65
N ASP A 15 -7.12 16.23 5.87
CA ASP A 15 -7.38 17.17 6.96
C ASP A 15 -6.31 18.27 7.07
N GLY A 16 -5.80 18.73 5.92
CA GLY A 16 -4.78 19.78 5.83
C GLY A 16 -3.37 19.31 6.21
N GLU A 17 -3.17 18.01 6.48
CA GLU A 17 -1.90 17.37 6.75
C GLU A 17 -1.51 16.49 5.55
N ASN A 18 -0.28 15.99 5.57
CA ASN A 18 0.29 15.15 4.52
C ASN A 18 0.93 13.96 5.23
N PHE A 19 0.36 12.77 5.04
CA PHE A 19 0.82 11.54 5.67
C PHE A 19 1.60 10.73 4.65
N ARG A 20 2.79 10.26 5.00
CA ARG A 20 3.53 9.29 4.19
C ARG A 20 3.22 7.90 4.67
N ILE A 21 2.76 7.06 3.76
CA ILE A 21 2.54 5.64 3.94
C ILE A 21 3.73 4.97 3.28
N VAL A 22 4.27 3.93 3.91
CA VAL A 22 5.25 3.05 3.31
C VAL A 22 4.80 1.63 3.61
N LEU A 23 4.65 0.80 2.59
CA LEU A 23 4.43 -0.64 2.76
C LEU A 23 5.79 -1.33 2.79
N GLU A 24 6.01 -2.18 3.79
CA GLU A 24 7.14 -3.09 3.86
C GLU A 24 6.67 -4.47 3.39
N LYS A 25 7.17 -4.92 2.23
CA LYS A 25 6.65 -6.12 1.56
C LYS A 25 7.08 -7.42 2.26
N ASP A 26 8.17 -7.37 3.04
CA ASP A 26 8.72 -8.57 3.69
C ASP A 26 7.71 -9.17 4.66
N ALA A 27 6.94 -8.32 5.34
CA ALA A 27 5.91 -8.69 6.31
C ALA A 27 4.51 -8.22 5.90
N MET A 28 4.38 -7.46 4.80
CA MET A 28 3.16 -6.76 4.41
C MET A 28 2.69 -5.87 5.58
N ASP A 29 3.65 -5.28 6.29
CA ASP A 29 3.43 -4.33 7.37
C ASP A 29 3.44 -2.94 6.76
N VAL A 30 2.67 -2.00 7.31
CA VAL A 30 2.48 -0.70 6.68
C VAL A 30 2.73 0.37 7.73
N TRP A 31 3.72 1.20 7.44
CA TRP A 31 4.10 2.38 8.19
C TRP A 31 3.24 3.55 7.71
N CYS A 32 2.67 4.34 8.60
CA CYS A 32 2.04 5.62 8.29
C CYS A 32 2.65 6.62 9.26
N ASN A 33 3.20 7.72 8.73
CA ASN A 33 3.82 8.80 9.52
C ASN A 33 4.89 8.26 10.49
N GLY A 34 5.65 7.25 10.05
CA GLY A 34 6.79 6.70 10.79
C GLY A 34 6.45 5.68 11.88
N LYS A 35 5.18 5.30 12.07
CA LYS A 35 4.75 4.23 13.00
C LYS A 35 4.00 3.18 12.20
N LYS A 36 4.06 1.89 12.58
CA LYS A 36 3.22 0.90 11.90
C LYS A 36 1.77 1.02 12.38
N LEU A 37 0.83 0.65 11.52
CA LEU A 37 -0.59 0.58 11.82
C LEU A 37 -1.10 -0.84 11.62
N GLU A 38 -2.32 -1.10 12.10
CA GLU A 38 -2.97 -2.39 12.02
C GLU A 38 -3.42 -2.69 10.59
N THR A 39 -3.41 -3.96 10.20
CA THR A 39 -3.76 -4.43 8.87
C THR A 39 -4.61 -5.70 8.97
N ALA A 40 -5.51 -5.86 8.00
CA ALA A 40 -6.27 -7.08 7.75
C ALA A 40 -5.99 -7.45 6.29
N GLY A 41 -6.00 -8.73 5.93
CA GLY A 41 -5.63 -9.19 4.59
C GLY A 41 -6.75 -10.05 4.07
N GLU A 42 -7.50 -9.56 3.09
CA GLU A 42 -8.46 -10.32 2.33
C GLU A 42 -7.86 -10.73 0.99
N PHE A 43 -8.32 -11.85 0.44
CA PHE A 43 -7.83 -12.39 -0.83
C PHE A 43 -9.01 -12.56 -1.78
N VAL A 44 -8.80 -12.23 -3.04
CA VAL A 44 -9.77 -12.36 -4.12
C VAL A 44 -9.13 -13.05 -5.32
N ASP A 45 -9.97 -13.45 -6.28
CA ASP A 45 -9.58 -14.07 -7.55
C ASP A 45 -9.06 -12.99 -8.53
N ASP A 46 -8.17 -12.15 -8.02
CA ASP A 46 -7.62 -10.95 -8.64
C ASP A 46 -6.30 -10.55 -7.96
N GLY A 47 -6.17 -10.78 -6.65
CA GLY A 47 -5.03 -10.39 -5.87
C GLY A 47 -5.38 -10.35 -4.39
N THR A 48 -4.67 -9.54 -3.63
CA THR A 48 -4.88 -9.38 -2.20
C THR A 48 -5.29 -7.94 -1.94
N GLU A 49 -6.07 -7.73 -0.90
CA GLU A 49 -6.49 -6.42 -0.42
C GLU A 49 -6.09 -6.35 1.06
N THR A 50 -5.05 -5.56 1.36
CA THR A 50 -4.63 -5.31 2.74
C THR A 50 -5.37 -4.07 3.21
N HIS A 51 -6.37 -4.21 4.08
CA HIS A 51 -7.24 -3.13 4.53
C HIS A 51 -6.69 -2.50 5.81
N PHE A 52 -6.89 -1.19 5.96
CA PHE A 52 -6.60 -0.40 7.16
C PHE A 52 -7.44 0.89 7.10
N SER A 53 -7.18 1.85 7.99
CA SER A 53 -7.88 3.13 8.05
C SER A 53 -6.93 4.20 8.62
N ILE A 54 -7.10 5.45 8.16
CA ILE A 54 -6.30 6.61 8.51
C ILE A 54 -7.31 7.76 8.62
N GLY A 55 -7.26 8.52 9.71
CA GLY A 55 -8.26 9.54 9.98
C GLY A 55 -9.66 8.90 9.99
N ASN A 56 -10.61 9.54 9.30
CA ASN A 56 -11.97 9.02 9.12
C ASN A 56 -12.16 8.36 7.74
N HIS A 57 -11.08 7.81 7.17
CA HIS A 57 -11.07 7.19 5.83
C HIS A 57 -10.56 5.76 5.96
N ASP A 58 -11.13 4.83 5.17
CA ASP A 58 -10.59 3.49 5.02
C ASP A 58 -9.62 3.48 3.83
N CYS A 59 -8.62 2.61 3.92
CA CYS A 59 -7.58 2.47 2.92
C CYS A 59 -7.38 0.98 2.67
N TYR A 60 -6.94 0.62 1.48
CA TYR A 60 -6.49 -0.73 1.24
C TYR A 60 -5.36 -0.72 0.22
N ILE A 61 -4.36 -1.58 0.40
CA ILE A 61 -3.36 -1.81 -0.62
C ILE A 61 -3.94 -2.92 -1.47
N LYS A 62 -4.12 -2.65 -2.76
CA LYS A 62 -4.48 -3.65 -3.76
C LYS A 62 -3.15 -4.21 -4.23
N ALA A 63 -2.90 -5.48 -3.96
CA ALA A 63 -1.73 -6.19 -4.42
C ALA A 63 -2.25 -7.14 -5.51
N VAL A 64 -2.22 -6.69 -6.76
CA VAL A 64 -2.87 -7.34 -7.89
C VAL A 64 -1.92 -8.36 -8.49
N SER A 65 -2.32 -9.61 -8.65
CA SER A 65 -1.54 -10.65 -9.29
C SER A 65 -1.65 -10.57 -10.82
N SER A 66 -1.43 -9.38 -11.37
CA SER A 66 -1.55 -9.09 -12.80
C SER A 66 -0.46 -9.80 -13.62
N GLY A 67 -0.72 -9.95 -14.93
CA GLY A 67 0.24 -10.49 -15.89
C GLY A 67 0.41 -12.00 -15.77
N LYS A 68 1.48 -12.52 -16.37
CA LYS A 68 1.83 -13.95 -16.35
C LYS A 68 2.16 -14.36 -14.92
N ARG A 69 1.99 -15.65 -14.59
CA ARG A 69 2.27 -16.20 -13.27
C ARG A 69 3.79 -16.30 -13.07
N LYS A 70 4.41 -15.18 -12.68
CA LYS A 70 5.84 -15.07 -12.36
C LYS A 70 6.07 -14.14 -11.15
N GLU A 71 5.04 -13.96 -10.32
CA GLU A 71 4.99 -13.07 -9.18
C GLU A 71 5.36 -11.62 -9.54
N GLY A 72 4.63 -11.06 -10.52
CA GLY A 72 4.70 -9.65 -10.91
C GLY A 72 3.55 -8.87 -10.27
N ILE A 73 3.39 -8.99 -8.94
CA ILE A 73 2.25 -8.42 -8.22
C ILE A 73 2.40 -6.89 -8.28
N ILE A 74 1.35 -6.17 -8.68
CA ILE A 74 1.31 -4.73 -8.74
C ILE A 74 0.78 -4.27 -7.39
N HIS A 75 1.49 -3.39 -6.68
CA HIS A 75 1.02 -2.84 -5.41
C HIS A 75 0.53 -1.41 -5.65
N THR A 76 -0.70 -1.12 -5.22
CA THR A 76 -1.31 0.20 -5.30
C THR A 76 -1.98 0.50 -3.96
N LEU A 77 -1.96 1.75 -3.52
CA LEU A 77 -2.76 2.17 -2.37
C LEU A 77 -4.08 2.72 -2.91
N ILE A 78 -5.19 2.27 -2.37
CA ILE A 78 -6.52 2.82 -2.59
C ILE A 78 -6.91 3.46 -1.25
N VAL A 79 -7.59 4.60 -1.29
CA VAL A 79 -8.18 5.24 -0.12
C VAL A 79 -9.58 5.72 -0.51
N ASP A 80 -10.56 5.43 0.35
CA ASP A 80 -11.98 5.73 0.15
C ASP A 80 -12.45 5.35 -1.27
N ASN A 81 -11.99 4.17 -1.72
CA ASN A 81 -12.25 3.55 -3.02
C ASN A 81 -11.70 4.30 -4.25
N ARG A 82 -10.75 5.24 -4.10
CA ARG A 82 -10.00 5.85 -5.19
C ARG A 82 -8.52 5.51 -5.09
N GLU A 83 -7.87 5.51 -6.25
CA GLU A 83 -6.49 5.04 -6.41
C GLU A 83 -5.50 6.17 -6.09
N ILE A 84 -4.40 5.82 -5.40
CA ILE A 84 -3.34 6.71 -4.96
C ILE A 84 -2.04 6.21 -5.62
N PRO A 85 -1.37 7.02 -6.46
CA PRO A 85 -0.14 6.61 -7.13
C PRO A 85 1.06 6.61 -6.16
N GLU A 86 1.96 5.64 -6.31
CA GLU A 86 3.17 5.50 -5.52
C GLU A 86 4.18 6.62 -5.85
N ILE A 87 5.18 6.76 -4.99
CA ILE A 87 6.33 7.63 -5.14
C ILE A 87 7.59 6.84 -4.77
N ALA A 88 8.74 7.37 -5.20
CA ALA A 88 10.07 6.85 -4.88
C ALA A 88 11.05 7.98 -4.49
N SER A 89 10.49 9.09 -4.02
CA SER A 89 11.19 10.33 -3.67
C SER A 89 10.67 10.79 -2.30
N GLU A 1 17.85 -11.24 8.18
CA GLU A 1 18.63 -11.52 6.94
C GLU A 1 18.63 -10.26 6.05
N ASP A 2 19.67 -10.07 5.24
CA ASP A 2 19.80 -8.94 4.32
C ASP A 2 18.79 -9.04 3.18
N ARG A 3 18.24 -7.90 2.74
CA ARG A 3 17.33 -7.81 1.60
C ARG A 3 17.65 -6.52 0.84
N SER A 4 17.53 -6.52 -0.48
CA SER A 4 17.58 -5.32 -1.31
C SER A 4 16.43 -4.38 -0.91
N LYS A 5 16.57 -3.07 -1.19
CA LYS A 5 15.50 -2.12 -0.89
C LYS A 5 14.33 -2.42 -1.84
N THR A 6 13.15 -2.69 -1.27
CA THR A 6 12.00 -3.20 -2.00
C THR A 6 10.75 -2.49 -1.44
N THR A 7 10.37 -1.38 -2.06
CA THR A 7 9.35 -0.47 -1.53
C THR A 7 8.46 0.09 -2.66
N ASN A 8 7.19 0.34 -2.34
CA ASN A 8 6.23 1.09 -3.17
C ASN A 8 5.95 2.36 -2.41
N THR A 9 5.91 3.52 -3.09
CA THR A 9 5.52 4.78 -2.47
C THR A 9 4.32 5.35 -3.21
N TRP A 10 3.42 5.96 -2.44
CA TRP A 10 2.24 6.66 -2.89
C TRP A 10 2.17 7.98 -2.14
N VAL A 11 1.50 8.96 -2.70
CA VAL A 11 1.20 10.21 -2.03
C VAL A 11 -0.31 10.41 -2.06
N LEU A 12 -0.87 10.79 -0.92
CA LEU A 12 -2.30 11.05 -0.74
C LEU A 12 -2.44 12.51 -0.35
N HIS A 13 -3.21 13.26 -1.10
CA HIS A 13 -3.60 14.61 -0.73
C HIS A 13 -4.97 14.50 -0.05
N MET A 14 -5.04 14.78 1.26
CA MET A 14 -6.24 14.64 2.06
C MET A 14 -6.25 15.75 3.12
N ASP A 15 -7.42 16.35 3.37
CA ASP A 15 -7.64 17.38 4.39
C ASP A 15 -6.60 18.52 4.33
N GLY A 16 -6.18 18.89 3.11
CA GLY A 16 -5.23 19.97 2.85
C GLY A 16 -3.77 19.57 3.09
N GLU A 17 -3.50 18.35 3.56
CA GLU A 17 -2.17 17.81 3.79
C GLU A 17 -1.78 16.85 2.66
N ASN A 18 -0.50 16.52 2.57
CA ASN A 18 0.03 15.48 1.70
C ASN A 18 0.71 14.45 2.59
N PHE A 19 0.29 13.18 2.45
CA PHE A 19 0.81 12.05 3.20
C PHE A 19 1.57 11.15 2.24
N ARG A 20 2.85 10.85 2.49
CA ARG A 20 3.58 9.84 1.75
C ARG A 20 3.30 8.51 2.43
N ILE A 21 2.79 7.53 1.68
CA ILE A 21 2.66 6.16 2.12
C ILE A 21 3.85 5.43 1.52
N VAL A 22 4.56 4.62 2.29
CA VAL A 22 5.58 3.72 1.79
C VAL A 22 5.26 2.34 2.33
N LEU A 23 5.05 1.37 1.45
CA LEU A 23 4.95 -0.04 1.81
C LEU A 23 6.36 -0.63 1.74
N GLU A 24 6.85 -1.19 2.84
CA GLU A 24 8.05 -2.01 2.87
C GLU A 24 7.60 -3.41 2.50
N LYS A 25 8.00 -3.91 1.33
CA LYS A 25 7.43 -5.15 0.80
C LYS A 25 7.95 -6.38 1.53
N ASP A 26 9.17 -6.33 2.06
CA ASP A 26 9.78 -7.47 2.74
C ASP A 26 8.99 -7.83 4.01
N ALA A 27 8.57 -6.81 4.76
CA ALA A 27 7.80 -6.96 5.99
C ALA A 27 6.29 -6.82 5.78
N MET A 28 5.85 -6.30 4.62
CA MET A 28 4.48 -5.89 4.35
C MET A 28 3.98 -4.93 5.44
N ASP A 29 4.86 -3.99 5.83
CA ASP A 29 4.59 -2.96 6.83
C ASP A 29 4.42 -1.62 6.11
N VAL A 30 3.55 -0.76 6.60
CA VAL A 30 3.19 0.48 5.94
C VAL A 30 3.61 1.67 6.82
N TRP A 31 4.47 2.52 6.26
CA TRP A 31 4.87 3.79 6.83
C TRP A 31 3.96 4.88 6.26
N CYS A 32 3.38 5.72 7.10
CA CYS A 32 2.69 6.94 6.69
C CYS A 32 3.53 8.09 7.26
N ASN A 33 4.07 8.94 6.39
CA ASN A 33 5.01 10.02 6.76
C ASN A 33 6.13 9.50 7.67
N GLY A 34 6.65 8.30 7.39
CA GLY A 34 7.77 7.68 8.10
C GLY A 34 7.40 6.99 9.41
N LYS A 35 6.18 7.15 9.93
CA LYS A 35 5.71 6.43 11.13
C LYS A 35 4.95 5.19 10.69
N LYS A 36 5.17 4.03 11.31
CA LYS A 36 4.36 2.86 11.01
C LYS A 36 2.98 3.01 11.64
N LEU A 37 1.94 2.47 11.00
CA LEU A 37 0.59 2.41 11.54
C LEU A 37 0.03 1.00 11.40
N GLU A 38 -1.08 0.73 12.07
CA GLU A 38 -1.65 -0.62 12.18
C GLU A 38 -2.25 -1.05 10.84
N THR A 39 -2.16 -2.34 10.56
CA THR A 39 -2.65 -2.99 9.34
C THR A 39 -3.34 -4.30 9.69
N ALA A 40 -4.31 -4.70 8.88
CA ALA A 40 -4.95 -6.02 8.92
C ALA A 40 -4.86 -6.59 7.51
N GLY A 41 -4.54 -7.88 7.37
CA GLY A 41 -4.32 -8.52 6.09
C GLY A 41 -5.52 -9.40 5.82
N GLU A 42 -6.44 -8.92 4.99
CA GLU A 42 -7.61 -9.66 4.58
C GLU A 42 -7.26 -10.43 3.30
N PHE A 43 -7.86 -11.60 3.09
CA PHE A 43 -7.64 -12.44 1.94
C PHE A 43 -8.98 -12.67 1.24
N VAL A 44 -9.04 -12.39 -0.06
CA VAL A 44 -10.22 -12.49 -0.88
C VAL A 44 -9.91 -13.36 -2.12
N ASP A 45 -10.95 -13.63 -2.93
CA ASP A 45 -10.88 -14.54 -4.07
C ASP A 45 -10.34 -13.82 -5.32
N ASP A 46 -9.27 -13.04 -5.11
CA ASP A 46 -8.68 -12.12 -6.08
C ASP A 46 -7.25 -11.74 -5.69
N GLY A 47 -6.95 -11.68 -4.39
CA GLY A 47 -5.66 -11.27 -3.86
C GLY A 47 -5.74 -11.02 -2.36
N THR A 48 -4.81 -10.23 -1.85
CA THR A 48 -4.77 -9.81 -0.45
C THR A 48 -5.19 -8.33 -0.42
N GLU A 49 -5.80 -7.89 0.66
CA GLU A 49 -6.16 -6.50 0.90
C GLU A 49 -5.65 -6.15 2.29
N THR A 50 -4.56 -5.39 2.36
CA THR A 50 -4.01 -4.94 3.63
C THR A 50 -4.73 -3.64 3.98
N HIS A 51 -5.72 -3.70 4.85
CA HIS A 51 -6.58 -2.59 5.23
C HIS A 51 -5.91 -1.75 6.32
N PHE A 52 -6.14 -0.44 6.30
CA PHE A 52 -5.79 0.52 7.35
C PHE A 52 -6.67 1.77 7.18
N SER A 53 -6.45 2.80 7.99
CA SER A 53 -7.23 4.04 7.97
C SER A 53 -6.37 5.21 8.44
N ILE A 54 -6.64 6.40 7.92
CA ILE A 54 -5.91 7.64 8.16
C ILE A 54 -6.96 8.74 8.22
N GLY A 55 -6.96 9.55 9.28
CA GLY A 55 -7.97 10.59 9.46
C GLY A 55 -9.37 9.96 9.46
N ASN A 56 -10.26 10.47 8.61
CA ASN A 56 -11.61 9.95 8.41
C ASN A 56 -11.72 9.11 7.11
N HIS A 57 -10.61 8.54 6.64
CA HIS A 57 -10.50 7.81 5.39
C HIS A 57 -10.02 6.39 5.67
N ASP A 58 -10.52 5.42 4.90
CA ASP A 58 -9.99 4.05 4.92
C ASP A 58 -9.17 3.81 3.65
N CYS A 59 -8.15 2.97 3.79
CA CYS A 59 -7.18 2.66 2.76
C CYS A 59 -6.96 1.16 2.74
N TYR A 60 -6.60 0.60 1.59
CA TYR A 60 -6.14 -0.78 1.55
C TYR A 60 -5.09 -0.93 0.46
N ILE A 61 -4.06 -1.71 0.69
CA ILE A 61 -3.13 -2.10 -0.36
C ILE A 61 -3.74 -3.37 -0.95
N LYS A 62 -4.15 -3.31 -2.22
CA LYS A 62 -4.56 -4.48 -2.98
C LYS A 62 -3.24 -5.11 -3.41
N ALA A 63 -3.03 -6.37 -3.07
CA ALA A 63 -1.93 -7.16 -3.56
C ALA A 63 -2.59 -8.25 -4.40
N VAL A 64 -2.73 -8.00 -5.69
CA VAL A 64 -3.51 -8.81 -6.60
C VAL A 64 -2.61 -9.90 -7.16
N SER A 65 -2.99 -11.16 -7.03
CA SER A 65 -2.20 -12.30 -7.52
C SER A 65 -2.45 -12.52 -9.03
N SER A 66 -2.40 -11.44 -9.82
CA SER A 66 -2.81 -11.42 -11.22
C SER A 66 -1.92 -12.29 -12.11
N GLY A 67 -0.60 -12.34 -11.84
CA GLY A 67 0.33 -13.18 -12.59
C GLY A 67 0.66 -12.64 -13.98
N LYS A 68 0.37 -11.36 -14.26
CA LYS A 68 0.56 -10.73 -15.59
C LYS A 68 1.83 -9.88 -15.65
N ARG A 69 2.71 -9.96 -14.66
CA ARG A 69 3.96 -9.19 -14.60
C ARG A 69 4.97 -9.97 -13.76
N LYS A 70 6.24 -9.58 -13.81
CA LYS A 70 7.29 -10.16 -12.96
C LYS A 70 6.87 -10.03 -11.48
N GLU A 71 7.29 -11.01 -10.68
CA GLU A 71 6.96 -11.18 -9.26
C GLU A 71 5.49 -11.56 -9.02
N GLY A 72 4.65 -11.64 -10.06
CA GLY A 72 3.30 -12.17 -10.04
C GLY A 72 2.27 -11.25 -9.41
N ILE A 73 2.52 -10.77 -8.19
CA ILE A 73 1.59 -9.94 -7.45
C ILE A 73 1.71 -8.50 -7.97
N ILE A 74 0.58 -7.82 -8.14
CA ILE A 74 0.50 -6.39 -8.44
C ILE A 74 0.15 -5.72 -7.11
N HIS A 75 0.98 -4.82 -6.58
CA HIS A 75 0.64 -4.04 -5.40
C HIS A 75 0.10 -2.69 -5.85
N THR A 76 -1.05 -2.28 -5.30
CA THR A 76 -1.66 -0.99 -5.55
C THR A 76 -2.22 -0.46 -4.23
N LEU A 77 -2.15 0.85 -4.00
CA LEU A 77 -2.84 1.46 -2.88
C LEU A 77 -4.21 1.90 -3.37
N ILE A 78 -5.26 1.56 -2.64
CA ILE A 78 -6.61 2.05 -2.81
C ILE A 78 -6.91 2.90 -1.58
N VAL A 79 -7.65 4.00 -1.73
CA VAL A 79 -8.13 4.85 -0.65
C VAL A 79 -9.55 5.27 -0.98
N ASP A 80 -10.48 5.16 -0.03
CA ASP A 80 -11.91 5.43 -0.23
C ASP A 80 -12.46 4.72 -1.48
N ASN A 81 -11.99 3.48 -1.71
CA ASN A 81 -12.26 2.63 -2.88
C ASN A 81 -11.80 3.19 -4.24
N ARG A 82 -11.02 4.28 -4.27
CA ARG A 82 -10.36 4.81 -5.46
C ARG A 82 -8.94 4.28 -5.53
N GLU A 83 -8.42 4.12 -6.74
CA GLU A 83 -7.10 3.57 -6.98
C GLU A 83 -6.06 4.70 -7.01
N ILE A 84 -4.91 4.48 -6.36
CA ILE A 84 -3.82 5.43 -6.19
C ILE A 84 -2.59 4.83 -6.91
N PRO A 85 -2.09 5.43 -8.00
CA PRO A 85 -0.92 4.95 -8.71
C PRO A 85 0.37 5.31 -7.96
N GLU A 86 1.40 4.46 -8.09
CA GLU A 86 2.73 4.69 -7.53
C GLU A 86 3.30 6.04 -8.01
N ILE A 87 4.22 6.58 -7.21
CA ILE A 87 4.95 7.78 -7.59
C ILE A 87 5.88 7.54 -8.78
N ALA A 88 6.24 8.62 -9.47
CA ALA A 88 7.26 8.66 -10.50
C ALA A 88 8.05 9.95 -10.29
N SER A 89 9.24 9.83 -9.68
CA SER A 89 10.14 10.96 -9.48
C SER A 89 10.65 11.48 -10.83
N GLU A 1 22.83 -14.62 -7.41
CA GLU A 1 21.72 -14.13 -6.56
C GLU A 1 22.24 -13.09 -5.55
N ASP A 2 21.37 -12.19 -5.08
CA ASP A 2 21.67 -11.17 -4.07
C ASP A 2 20.41 -10.88 -3.26
N ARG A 3 20.54 -10.24 -2.10
CA ARG A 3 19.41 -9.78 -1.32
C ARG A 3 18.95 -8.44 -1.89
N SER A 4 17.67 -8.34 -2.25
CA SER A 4 17.04 -7.13 -2.78
C SER A 4 15.64 -6.97 -2.18
N LYS A 5 15.15 -5.73 -2.10
CA LYS A 5 13.78 -5.39 -1.75
C LYS A 5 13.45 -4.01 -2.34
N THR A 6 12.15 -3.72 -2.46
CA THR A 6 11.63 -2.46 -2.98
C THR A 6 10.51 -1.97 -2.06
N THR A 7 10.21 -0.68 -2.07
CA THR A 7 9.18 -0.02 -1.28
C THR A 7 8.30 0.84 -2.20
N ASN A 8 7.08 1.16 -1.77
CA ASN A 8 6.12 2.03 -2.48
C ASN A 8 5.67 3.03 -1.44
N THR A 9 5.69 4.32 -1.78
CA THR A 9 5.36 5.39 -0.84
C THR A 9 4.22 6.22 -1.39
N TRP A 10 3.29 6.61 -0.52
CA TRP A 10 2.16 7.46 -0.82
C TRP A 10 2.07 8.50 0.27
N VAL A 11 1.52 9.67 -0.03
CA VAL A 11 1.16 10.66 0.95
C VAL A 11 -0.36 10.85 0.92
N LEU A 12 -0.96 10.99 2.09
CA LEU A 12 -2.36 11.34 2.26
C LEU A 12 -2.39 12.64 3.05
N HIS A 13 -3.18 13.60 2.60
CA HIS A 13 -3.47 14.81 3.36
C HIS A 13 -4.90 14.68 3.86
N MET A 14 -5.08 14.49 5.18
CA MET A 14 -6.37 14.21 5.80
C MET A 14 -6.40 14.85 7.19
N ASP A 15 -7.54 15.42 7.57
CA ASP A 15 -7.77 16.08 8.87
C ASP A 15 -6.69 17.13 9.20
N GLY A 16 -6.22 17.83 8.16
CA GLY A 16 -5.18 18.85 8.25
C GLY A 16 -3.76 18.27 8.40
N GLU A 17 -3.62 16.97 8.64
CA GLU A 17 -2.35 16.27 8.77
C GLU A 17 -1.87 15.76 7.41
N ASN A 18 -0.61 15.35 7.35
CA ASN A 18 -0.01 14.63 6.24
C ASN A 18 0.52 13.30 6.77
N PHE A 19 0.15 12.22 6.10
CA PHE A 19 0.53 10.86 6.44
C PHE A 19 1.32 10.28 5.28
N ARG A 20 2.59 9.94 5.47
CA ARG A 20 3.37 9.18 4.52
C ARG A 20 3.23 7.72 4.86
N ILE A 21 2.67 6.98 3.90
CA ILE A 21 2.50 5.55 3.95
C ILE A 21 3.68 5.01 3.17
N VAL A 22 4.37 4.01 3.70
CA VAL A 22 5.37 3.26 2.98
C VAL A 22 5.02 1.78 3.13
N LEU A 23 4.86 1.09 2.01
CA LEU A 23 4.74 -0.36 1.98
C LEU A 23 6.16 -0.91 1.86
N GLU A 24 6.55 -1.76 2.81
CA GLU A 24 7.76 -2.55 2.74
C GLU A 24 7.39 -3.85 2.03
N LYS A 25 7.86 -4.07 0.80
CA LYS A 25 7.42 -5.22 0.01
C LYS A 25 7.91 -6.54 0.62
N ASP A 26 9.04 -6.50 1.34
CA ASP A 26 9.73 -7.71 1.78
C ASP A 26 8.92 -8.51 2.79
N ALA A 27 8.08 -7.81 3.58
CA ALA A 27 7.17 -8.38 4.56
C ALA A 27 5.70 -8.00 4.30
N MET A 28 5.42 -7.16 3.29
CA MET A 28 4.13 -6.52 3.04
C MET A 28 3.62 -5.81 4.30
N ASP A 29 4.56 -5.19 5.04
CA ASP A 29 4.26 -4.42 6.25
C ASP A 29 4.07 -2.96 5.84
N VAL A 30 3.19 -2.23 6.52
CA VAL A 30 2.83 -0.88 6.15
C VAL A 30 3.22 0.08 7.28
N TRP A 31 4.19 0.96 6.97
CA TRP A 31 4.56 2.08 7.79
C TRP A 31 3.60 3.22 7.47
N CYS A 32 3.12 3.94 8.47
CA CYS A 32 2.36 5.18 8.30
C CYS A 32 2.96 6.16 9.31
N ASN A 33 3.62 7.21 8.83
CA ASN A 33 4.44 8.15 9.62
C ASN A 33 5.37 7.40 10.59
N GLY A 34 6.00 6.32 10.09
CA GLY A 34 6.96 5.51 10.82
C GLY A 34 6.35 4.49 11.80
N LYS A 35 5.04 4.57 12.11
CA LYS A 35 4.37 3.57 12.94
C LYS A 35 3.92 2.41 12.05
N LYS A 36 4.12 1.16 12.47
CA LYS A 36 3.59 0.03 11.71
C LYS A 36 2.10 -0.06 12.01
N LEU A 37 1.24 0.06 11.00
CA LEU A 37 -0.18 -0.14 11.19
C LEU A 37 -0.53 -1.61 11.30
N GLU A 38 -1.76 -1.83 11.75
CA GLU A 38 -2.44 -3.10 11.72
C GLU A 38 -2.89 -3.34 10.26
N THR A 39 -2.92 -4.59 9.83
CA THR A 39 -3.26 -4.98 8.46
C THR A 39 -4.04 -6.29 8.46
N ALA A 40 -4.90 -6.47 7.46
CA ALA A 40 -5.59 -7.71 7.14
C ALA A 40 -5.45 -7.87 5.63
N GLY A 41 -5.21 -9.08 5.13
CA GLY A 41 -4.91 -9.33 3.72
C GLY A 41 -6.00 -10.23 3.19
N GLU A 42 -6.90 -9.66 2.39
CA GLU A 42 -7.90 -10.41 1.66
C GLU A 42 -7.41 -10.68 0.25
N PHE A 43 -7.88 -11.77 -0.35
CA PHE A 43 -7.50 -12.17 -1.71
C PHE A 43 -8.76 -12.24 -2.57
N VAL A 44 -8.65 -11.77 -3.81
CA VAL A 44 -9.69 -11.80 -4.81
C VAL A 44 -9.13 -12.34 -6.13
N ASP A 45 -10.04 -12.68 -7.06
CA ASP A 45 -9.74 -13.16 -8.41
C ASP A 45 -9.19 -12.06 -9.33
N ASP A 46 -8.52 -11.08 -8.72
CA ASP A 46 -8.00 -9.85 -9.29
C ASP A 46 -6.64 -9.47 -8.68
N GLY A 47 -6.31 -9.97 -7.48
CA GLY A 47 -5.10 -9.60 -6.75
C GLY A 47 -5.35 -9.75 -5.25
N THR A 48 -4.58 -9.01 -4.46
CA THR A 48 -4.68 -9.00 -3.01
C THR A 48 -5.08 -7.59 -2.58
N GLU A 49 -5.78 -7.48 -1.47
CA GLU A 49 -6.22 -6.23 -0.88
C GLU A 49 -5.83 -6.24 0.59
N THR A 50 -4.81 -5.44 0.95
CA THR A 50 -4.33 -5.32 2.31
C THR A 50 -5.04 -4.11 2.93
N HIS A 51 -6.02 -4.35 3.80
CA HIS A 51 -6.89 -3.32 4.38
C HIS A 51 -6.29 -2.78 5.68
N PHE A 52 -6.51 -1.49 5.94
CA PHE A 52 -6.21 -0.80 7.20
C PHE A 52 -7.08 0.46 7.29
N SER A 53 -6.87 1.29 8.30
CA SER A 53 -7.56 2.57 8.48
C SER A 53 -6.60 3.58 9.11
N ILE A 54 -6.79 4.86 8.79
CA ILE A 54 -6.00 5.98 9.28
C ILE A 54 -7.04 7.02 9.66
N GLY A 55 -7.13 7.32 10.95
CA GLY A 55 -8.22 8.13 11.49
C GLY A 55 -9.54 7.41 11.20
N ASN A 56 -10.55 8.15 10.72
CA ASN A 56 -11.84 7.61 10.34
C ASN A 56 -11.82 6.94 8.95
N HIS A 57 -10.76 7.15 8.16
CA HIS A 57 -10.72 6.75 6.76
C HIS A 57 -10.20 5.33 6.65
N ASP A 58 -10.92 4.45 5.96
CA ASP A 58 -10.40 3.13 5.61
C ASP A 58 -9.57 3.22 4.34
N CYS A 59 -8.56 2.36 4.25
CA CYS A 59 -7.57 2.34 3.19
C CYS A 59 -7.30 0.88 2.82
N TYR A 60 -6.88 0.61 1.60
CA TYR A 60 -6.37 -0.70 1.26
C TYR A 60 -5.29 -0.58 0.20
N ILE A 61 -4.26 -1.41 0.27
CA ILE A 61 -3.29 -1.53 -0.79
C ILE A 61 -3.87 -2.60 -1.72
N LYS A 62 -4.15 -2.22 -2.96
CA LYS A 62 -4.51 -3.15 -4.02
C LYS A 62 -3.17 -3.62 -4.58
N ALA A 63 -2.88 -4.91 -4.49
CA ALA A 63 -1.74 -5.54 -5.09
C ALA A 63 -2.31 -6.38 -6.23
N VAL A 64 -2.40 -5.76 -7.41
CA VAL A 64 -3.11 -6.29 -8.56
C VAL A 64 -2.15 -7.13 -9.39
N SER A 65 -2.48 -8.38 -9.72
CA SER A 65 -1.66 -9.21 -10.59
C SER A 65 -1.96 -8.93 -12.08
N SER A 66 -1.85 -7.64 -12.46
CA SER A 66 -2.17 -7.16 -13.80
C SER A 66 -1.10 -7.60 -14.81
N GLY A 67 0.18 -7.64 -14.41
CA GLY A 67 1.27 -8.06 -15.27
C GLY A 67 1.31 -9.57 -15.42
N LYS A 68 1.57 -10.06 -16.64
CA LYS A 68 1.72 -11.50 -16.91
C LYS A 68 3.12 -11.99 -16.51
N ARG A 69 4.12 -11.10 -16.54
CA ARG A 69 5.49 -11.41 -16.14
C ARG A 69 5.53 -11.78 -14.66
N LYS A 70 6.54 -12.56 -14.24
CA LYS A 70 6.79 -12.87 -12.82
C LYS A 70 6.96 -11.55 -12.05
N GLU A 71 6.42 -11.51 -10.82
CA GLU A 71 6.40 -10.33 -9.96
C GLU A 71 5.72 -9.14 -10.67
N GLY A 72 4.66 -9.42 -11.45
CA GLY A 72 3.92 -8.45 -12.24
C GLY A 72 2.83 -7.72 -11.45
N ILE A 73 2.94 -7.71 -10.13
CA ILE A 73 2.03 -7.03 -9.24
C ILE A 73 2.16 -5.51 -9.42
N ILE A 74 1.02 -4.82 -9.46
CA ILE A 74 0.93 -3.37 -9.41
C ILE A 74 0.46 -3.09 -7.98
N HIS A 75 1.25 -2.39 -7.18
CA HIS A 75 0.82 -1.95 -5.86
C HIS A 75 0.23 -0.55 -5.99
N THR A 76 -0.99 -0.36 -5.49
CA THR A 76 -1.67 0.93 -5.45
C THR A 76 -2.25 1.11 -4.05
N LEU A 77 -2.26 2.33 -3.53
CA LEU A 77 -2.99 2.64 -2.30
C LEU A 77 -4.36 3.16 -2.73
N ILE A 78 -5.43 2.62 -2.16
CA ILE A 78 -6.77 3.12 -2.27
C ILE A 78 -7.12 3.66 -0.87
N VAL A 79 -7.86 4.76 -0.79
CA VAL A 79 -8.40 5.33 0.43
C VAL A 79 -9.82 5.77 0.16
N ASP A 80 -10.74 5.38 1.05
CA ASP A 80 -12.18 5.65 0.94
C ASP A 80 -12.71 5.37 -0.47
N ASN A 81 -12.23 4.24 -1.04
CA ASN A 81 -12.54 3.72 -2.38
C ASN A 81 -12.08 4.58 -3.57
N ARG A 82 -11.16 5.53 -3.38
CA ARG A 82 -10.49 6.27 -4.45
C ARG A 82 -8.99 5.95 -4.47
N GLU A 83 -8.40 6.06 -5.66
CA GLU A 83 -7.03 5.65 -5.93
C GLU A 83 -6.05 6.78 -5.58
N ILE A 84 -4.92 6.41 -4.98
CA ILE A 84 -3.85 7.31 -4.54
C ILE A 84 -2.59 6.91 -5.32
N PRO A 85 -2.00 7.80 -6.14
CA PRO A 85 -0.77 7.50 -6.88
C PRO A 85 0.46 7.56 -5.96
N GLU A 86 1.49 6.78 -6.27
CA GLU A 86 2.78 6.82 -5.58
C GLU A 86 3.37 8.24 -5.67
N ILE A 87 4.28 8.54 -4.74
CA ILE A 87 5.00 9.81 -4.70
C ILE A 87 5.82 10.03 -5.97
N ALA A 88 6.06 11.31 -6.28
CA ALA A 88 7.00 11.71 -7.31
C ALA A 88 8.37 11.86 -6.65
N SER A 89 9.15 10.79 -6.70
CA SER A 89 10.52 10.77 -6.21
C SER A 89 11.38 11.73 -7.06
N GLU A 1 25.42 -11.47 -0.11
CA GLU A 1 26.15 -10.24 0.30
C GLU A 1 25.16 -9.13 0.67
N ASP A 2 24.54 -8.47 -0.31
CA ASP A 2 23.56 -7.39 -0.10
C ASP A 2 22.55 -7.41 -1.26
N ARG A 3 21.30 -7.04 -0.99
CA ARG A 3 20.24 -6.89 -2.00
C ARG A 3 19.49 -5.60 -1.74
N SER A 4 18.99 -4.96 -2.80
CA SER A 4 18.22 -3.73 -2.71
C SER A 4 16.90 -3.97 -1.97
N LYS A 5 16.43 -2.97 -1.22
CA LYS A 5 15.10 -2.97 -0.63
C LYS A 5 14.09 -2.54 -1.71
N THR A 6 12.82 -2.89 -1.53
CA THR A 6 11.78 -2.61 -2.51
C THR A 6 10.56 -2.04 -1.76
N THR A 7 10.09 -0.87 -2.18
CA THR A 7 9.07 -0.08 -1.48
C THR A 7 8.21 0.66 -2.52
N ASN A 8 6.99 1.04 -2.13
CA ASN A 8 6.10 1.93 -2.88
C ASN A 8 5.75 3.04 -1.90
N THR A 9 5.84 4.30 -2.33
CA THR A 9 5.44 5.43 -1.52
C THR A 9 4.21 6.07 -2.16
N TRP A 10 3.29 6.54 -1.33
CA TRP A 10 2.13 7.33 -1.71
C TRP A 10 2.05 8.51 -0.76
N VAL A 11 1.30 9.52 -1.16
CA VAL A 11 0.98 10.66 -0.34
C VAL A 11 -0.54 10.84 -0.38
N LEU A 12 -1.15 11.07 0.77
CA LEU A 12 -2.59 11.28 0.90
C LEU A 12 -2.81 12.66 1.45
N HIS A 13 -3.46 13.53 0.70
CA HIS A 13 -3.93 14.81 1.20
C HIS A 13 -5.32 14.58 1.80
N MET A 14 -5.46 14.73 3.12
CA MET A 14 -6.69 14.47 3.85
C MET A 14 -6.79 15.47 5.00
N ASP A 15 -7.98 16.02 5.23
CA ASP A 15 -8.29 16.94 6.34
C ASP A 15 -7.27 18.09 6.49
N GLY A 16 -6.80 18.61 5.35
CA GLY A 16 -5.85 19.72 5.30
C GLY A 16 -4.39 19.33 5.59
N GLU A 17 -4.12 18.05 5.88
CA GLU A 17 -2.80 17.49 6.13
C GLU A 17 -2.36 16.66 4.93
N ASN A 18 -1.07 16.32 4.88
CA ASN A 18 -0.48 15.41 3.91
C ASN A 18 0.19 14.28 4.68
N PHE A 19 -0.25 13.05 4.42
CA PHE A 19 0.25 11.84 5.08
C PHE A 19 1.06 11.04 4.06
N ARG A 20 2.33 10.78 4.34
CA ARG A 20 3.10 9.84 3.54
C ARG A 20 2.73 8.43 3.95
N ILE A 21 2.73 7.54 2.97
CA ILE A 21 2.51 6.11 3.11
C ILE A 21 3.72 5.48 2.45
N VAL A 22 4.36 4.50 3.08
CA VAL A 22 5.38 3.70 2.43
C VAL A 22 5.04 2.25 2.76
N LEU A 23 4.82 1.44 1.73
CA LEU A 23 4.71 0.00 1.86
C LEU A 23 6.12 -0.55 1.79
N GLU A 24 6.54 -1.28 2.82
CA GLU A 24 7.75 -2.06 2.85
C GLU A 24 7.40 -3.45 2.33
N LYS A 25 7.91 -3.82 1.15
CA LYS A 25 7.53 -5.08 0.53
C LYS A 25 8.15 -6.27 1.26
N ASP A 26 9.22 -6.07 2.03
CA ASP A 26 9.93 -7.17 2.69
C ASP A 26 9.04 -7.90 3.70
N ALA A 27 8.16 -7.15 4.39
CA ALA A 27 7.22 -7.66 5.37
C ALA A 27 5.75 -7.34 5.02
N MET A 28 5.50 -6.65 3.90
CA MET A 28 4.20 -6.07 3.55
C MET A 28 3.66 -5.21 4.71
N ASP A 29 4.57 -4.46 5.34
CA ASP A 29 4.25 -3.59 6.47
C ASP A 29 4.07 -2.18 5.93
N VAL A 30 3.16 -1.39 6.52
CA VAL A 30 2.82 -0.07 6.03
C VAL A 30 3.26 0.98 7.04
N TRP A 31 4.20 1.83 6.64
CA TRP A 31 4.59 3.02 7.35
C TRP A 31 3.59 4.08 6.94
N CYS A 32 2.77 4.59 7.86
CA CYS A 32 1.89 5.72 7.60
C CYS A 32 2.34 6.85 8.52
N ASN A 33 2.58 8.05 7.98
CA ASN A 33 3.20 9.17 8.72
C ASN A 33 4.54 8.74 9.37
N GLY A 34 5.29 7.86 8.70
CA GLY A 34 6.59 7.36 9.16
C GLY A 34 6.53 6.38 10.33
N LYS A 35 5.34 5.89 10.70
CA LYS A 35 5.12 4.99 11.86
C LYS A 35 4.38 3.76 11.32
N LYS A 36 4.72 2.54 11.73
CA LYS A 36 3.93 1.40 11.27
C LYS A 36 2.60 1.35 12.02
N LEU A 37 1.54 0.90 11.35
CA LEU A 37 0.23 0.67 11.92
C LEU A 37 -0.33 -0.68 11.45
N GLU A 38 -1.41 -1.13 12.08
CA GLU A 38 -1.94 -2.47 11.89
C GLU A 38 -2.57 -2.63 10.50
N THR A 39 -2.48 -3.85 9.98
CA THR A 39 -2.95 -4.24 8.65
C THR A 39 -3.68 -5.60 8.76
N ALA A 40 -4.65 -5.82 7.87
CA ALA A 40 -5.31 -7.11 7.68
C ALA A 40 -5.24 -7.40 6.18
N GLY A 41 -4.99 -8.64 5.78
CA GLY A 41 -4.78 -9.02 4.40
C GLY A 41 -5.90 -9.96 4.01
N GLU A 42 -6.83 -9.47 3.19
CA GLU A 42 -7.87 -10.29 2.60
C GLU A 42 -7.46 -10.70 1.20
N PHE A 43 -7.93 -11.86 0.74
CA PHE A 43 -7.61 -12.39 -0.58
C PHE A 43 -8.90 -12.50 -1.41
N VAL A 44 -8.80 -12.15 -2.69
CA VAL A 44 -9.89 -12.20 -3.65
C VAL A 44 -9.40 -12.87 -4.94
N ASP A 45 -10.35 -13.21 -5.82
CA ASP A 45 -10.10 -13.76 -7.15
C ASP A 45 -9.67 -12.64 -8.13
N ASP A 46 -8.69 -11.86 -7.67
CA ASP A 46 -8.22 -10.61 -8.25
C ASP A 46 -6.80 -10.31 -7.73
N GLY A 47 -6.51 -10.65 -6.47
CA GLY A 47 -5.24 -10.36 -5.82
C GLY A 47 -5.45 -10.35 -4.31
N THR A 48 -4.63 -9.57 -3.61
CA THR A 48 -4.72 -9.40 -2.17
C THR A 48 -5.08 -7.94 -1.91
N GLU A 49 -5.82 -7.68 -0.84
CA GLU A 49 -6.20 -6.36 -0.40
C GLU A 49 -5.76 -6.23 1.06
N THR A 50 -4.71 -5.45 1.31
CA THR A 50 -4.20 -5.17 2.64
C THR A 50 -4.90 -3.92 3.15
N HIS A 51 -5.88 -4.08 4.04
CA HIS A 51 -6.71 -3.00 4.56
C HIS A 51 -6.05 -2.35 5.78
N PHE A 52 -6.27 -1.05 5.95
CA PHE A 52 -5.94 -0.26 7.13
C PHE A 52 -6.83 0.99 7.14
N SER A 53 -6.68 1.87 8.13
CA SER A 53 -7.41 3.12 8.23
C SER A 53 -6.52 4.18 8.87
N ILE A 54 -6.74 5.45 8.52
CA ILE A 54 -6.03 6.62 9.02
C ILE A 54 -7.15 7.58 9.39
N GLY A 55 -7.36 7.80 10.69
CA GLY A 55 -8.53 8.52 11.17
C GLY A 55 -9.79 7.81 10.69
N ASN A 56 -10.74 8.56 10.14
CA ASN A 56 -11.99 8.02 9.59
C ASN A 56 -11.80 7.37 8.22
N HIS A 57 -10.68 7.62 7.54
CA HIS A 57 -10.49 7.23 6.15
C HIS A 57 -9.97 5.80 6.11
N ASP A 58 -10.69 4.87 5.47
CA ASP A 58 -10.19 3.53 5.23
C ASP A 58 -9.39 3.48 3.93
N CYS A 59 -8.37 2.63 3.93
CA CYS A 59 -7.38 2.50 2.88
C CYS A 59 -7.14 1.01 2.64
N TYR A 60 -6.75 0.63 1.44
CA TYR A 60 -6.26 -0.71 1.20
C TYR A 60 -5.23 -0.71 0.10
N ILE A 61 -4.17 -1.51 0.23
CA ILE A 61 -3.24 -1.73 -0.86
C ILE A 61 -3.82 -2.90 -1.66
N LYS A 62 -4.13 -2.66 -2.93
CA LYS A 62 -4.58 -3.68 -3.87
C LYS A 62 -3.29 -4.22 -4.48
N ALA A 63 -2.86 -5.40 -4.04
CA ALA A 63 -1.78 -6.15 -4.63
C ALA A 63 -2.44 -7.07 -5.65
N VAL A 64 -2.60 -6.57 -6.87
CA VAL A 64 -3.39 -7.14 -7.94
C VAL A 64 -2.55 -8.14 -8.72
N SER A 65 -3.10 -9.32 -9.04
CA SER A 65 -2.40 -10.35 -9.81
C SER A 65 -2.59 -10.19 -11.33
N SER A 66 -2.80 -8.96 -11.80
CA SER A 66 -3.14 -8.65 -13.19
C SER A 66 -1.98 -8.98 -14.14
N GLY A 67 -0.74 -8.76 -13.69
CA GLY A 67 0.48 -9.07 -14.43
C GLY A 67 0.96 -10.49 -14.13
N LYS A 68 0.03 -11.44 -13.89
CA LYS A 68 0.27 -12.79 -13.36
C LYS A 68 0.69 -12.74 -11.89
N ARG A 69 0.80 -13.93 -11.27
CA ARG A 69 0.96 -14.11 -9.82
C ARG A 69 2.42 -13.82 -9.39
N LYS A 70 2.66 -13.92 -8.08
CA LYS A 70 3.95 -13.67 -7.41
C LYS A 70 4.51 -12.32 -7.85
N GLU A 71 5.69 -12.27 -8.46
CA GLU A 71 6.40 -11.02 -8.71
C GLU A 71 5.67 -10.14 -9.74
N GLY A 72 4.82 -10.75 -10.57
CA GLY A 72 4.01 -10.06 -11.56
C GLY A 72 2.90 -9.17 -10.98
N ILE A 73 2.70 -9.26 -9.67
CA ILE A 73 1.69 -8.54 -8.92
C ILE A 73 1.98 -7.04 -9.01
N ILE A 74 0.93 -6.27 -9.28
CA ILE A 74 0.95 -4.81 -9.28
C ILE A 74 0.54 -4.39 -7.86
N HIS A 75 1.18 -3.38 -7.28
CA HIS A 75 0.75 -2.82 -5.99
C HIS A 75 0.19 -1.42 -6.25
N THR A 76 -1.02 -1.14 -5.74
CA THR A 76 -1.66 0.16 -5.80
C THR A 76 -2.21 0.47 -4.42
N LEU A 77 -2.25 1.74 -4.02
CA LEU A 77 -2.96 2.15 -2.82
C LEU A 77 -4.32 2.66 -3.26
N ILE A 78 -5.39 2.19 -2.63
CA ILE A 78 -6.73 2.68 -2.76
C ILE A 78 -7.07 3.33 -1.40
N VAL A 79 -7.81 4.44 -1.40
CA VAL A 79 -8.32 5.11 -0.22
C VAL A 79 -9.72 5.58 -0.52
N ASP A 80 -10.68 5.33 0.38
CA ASP A 80 -12.10 5.64 0.17
C ASP A 80 -12.60 5.16 -1.20
N ASN A 81 -12.13 3.98 -1.62
CA ASN A 81 -12.39 3.34 -2.92
C ASN A 81 -11.85 4.10 -4.16
N ARG A 82 -11.06 5.17 -3.98
CA ARG A 82 -10.36 5.88 -5.04
C ARG A 82 -8.94 5.35 -5.16
N GLU A 83 -8.38 5.39 -6.36
CA GLU A 83 -7.06 4.89 -6.66
C GLU A 83 -6.03 6.00 -6.48
N ILE A 84 -4.89 5.67 -5.84
CA ILE A 84 -3.82 6.60 -5.46
C ILE A 84 -2.54 6.11 -6.18
N PRO A 85 -1.95 6.89 -7.10
CA PRO A 85 -0.73 6.51 -7.82
C PRO A 85 0.52 6.71 -6.94
N GLU A 86 1.51 5.81 -7.07
CA GLU A 86 2.75 5.89 -6.29
C GLU A 86 3.60 7.08 -6.74
N ILE A 87 4.56 7.46 -5.91
CA ILE A 87 5.61 8.42 -6.19
C ILE A 87 6.97 7.70 -6.21
N ALA A 88 7.92 8.28 -6.95
CA ALA A 88 9.29 7.79 -7.10
C ALA A 88 10.32 8.91 -6.87
N SER A 89 9.92 9.91 -6.08
CA SER A 89 10.72 11.07 -5.72
C SER A 89 11.97 10.62 -4.94
N GLU A 1 22.38 -6.71 8.56
CA GLU A 1 22.96 -7.01 7.23
C GLU A 1 22.36 -6.08 6.16
N ASP A 2 23.08 -5.87 5.06
CA ASP A 2 22.58 -5.08 3.92
C ASP A 2 21.47 -5.84 3.20
N ARG A 3 20.45 -5.13 2.69
CA ARG A 3 19.36 -5.69 1.91
C ARG A 3 18.91 -4.64 0.90
N SER A 4 18.55 -5.04 -0.31
CA SER A 4 18.04 -4.14 -1.34
C SER A 4 16.68 -3.57 -0.89
N LYS A 5 16.46 -2.26 -1.13
CA LYS A 5 15.19 -1.62 -0.85
C LYS A 5 14.19 -2.03 -1.93
N THR A 6 12.99 -2.44 -1.53
CA THR A 6 11.95 -2.94 -2.44
C THR A 6 10.63 -2.34 -1.96
N THR A 7 10.24 -1.19 -2.50
CA THR A 7 9.13 -0.42 -1.97
C THR A 7 8.22 0.20 -3.04
N ASN A 8 6.93 0.32 -2.70
CA ASN A 8 5.93 1.10 -3.44
C ASN A 8 5.62 2.28 -2.52
N THR A 9 5.64 3.50 -3.05
CA THR A 9 5.37 4.70 -2.26
C THR A 9 4.20 5.45 -2.86
N TRP A 10 3.38 6.01 -1.97
CA TRP A 10 2.25 6.86 -2.27
C TRP A 10 2.30 8.04 -1.30
N VAL A 11 1.64 9.14 -1.63
CA VAL A 11 1.43 10.24 -0.71
C VAL A 11 -0.06 10.58 -0.65
N LEU A 12 -0.55 10.91 0.54
CA LEU A 12 -1.92 11.29 0.80
C LEU A 12 -1.95 12.58 1.61
N HIS A 13 -2.78 13.54 1.25
CA HIS A 13 -2.97 14.77 2.00
C HIS A 13 -4.26 14.68 2.81
N MET A 14 -4.19 15.03 4.10
CA MET A 14 -5.35 15.21 4.96
C MET A 14 -5.14 16.45 5.81
N ASP A 15 -6.16 17.31 5.88
CA ASP A 15 -6.30 18.53 6.71
C ASP A 15 -5.20 19.59 6.53
N GLY A 16 -3.96 19.23 6.84
CA GLY A 16 -2.78 20.09 6.86
C GLY A 16 -1.48 19.29 6.92
N GLU A 17 -1.52 17.98 6.64
CA GLU A 17 -0.39 17.07 6.65
C GLU A 17 -0.37 16.29 5.35
N ASN A 18 0.79 15.75 5.01
CA ASN A 18 0.99 14.79 3.94
C ASN A 18 1.59 13.53 4.56
N PHE A 19 1.00 12.39 4.24
CA PHE A 19 1.41 11.09 4.74
C PHE A 19 2.03 10.32 3.59
N ARG A 20 3.35 10.11 3.64
CA ARG A 20 4.03 9.20 2.73
C ARG A 20 3.67 7.81 3.22
N ILE A 21 3.02 7.01 2.37
CA ILE A 21 2.80 5.60 2.61
C ILE A 21 3.91 4.91 1.87
N VAL A 22 4.61 3.98 2.49
CA VAL A 22 5.58 3.14 1.84
C VAL A 22 5.24 1.70 2.23
N LEU A 23 4.88 0.88 1.25
CA LEU A 23 4.74 -0.55 1.44
C LEU A 23 6.12 -1.15 1.20
N GLU A 24 6.68 -1.86 2.18
CA GLU A 24 7.86 -2.67 2.03
C GLU A 24 7.40 -4.00 1.43
N LYS A 25 7.79 -4.28 0.19
CA LYS A 25 7.25 -5.40 -0.57
C LYS A 25 7.75 -6.75 -0.04
N ASP A 26 8.93 -6.78 0.58
CA ASP A 26 9.51 -8.03 1.07
C ASP A 26 8.79 -8.51 2.33
N ALA A 27 8.56 -7.59 3.27
CA ALA A 27 7.93 -7.87 4.55
C ALA A 27 6.41 -7.74 4.52
N MET A 28 5.86 -7.06 3.50
CA MET A 28 4.46 -6.64 3.42
C MET A 28 4.06 -5.79 4.64
N ASP A 29 5.03 -5.07 5.22
CA ASP A 29 4.80 -4.06 6.24
C ASP A 29 4.56 -2.73 5.54
N VAL A 30 3.71 -1.87 6.11
CA VAL A 30 3.45 -0.56 5.55
C VAL A 30 3.88 0.49 6.58
N TRP A 31 4.85 1.30 6.17
CA TRP A 31 5.30 2.48 6.88
C TRP A 31 4.40 3.65 6.47
N CYS A 32 3.92 4.44 7.44
CA CYS A 32 3.25 5.71 7.22
C CYS A 32 4.11 6.77 7.91
N ASN A 33 4.68 7.69 7.12
CA ASN A 33 5.66 8.68 7.58
C ASN A 33 6.76 8.03 8.45
N GLY A 34 7.23 6.85 8.00
CA GLY A 34 8.32 6.11 8.65
C GLY A 34 7.90 5.28 9.88
N LYS A 35 6.70 5.46 10.41
CA LYS A 35 6.18 4.65 11.54
C LYS A 35 5.45 3.45 10.97
N LYS A 36 5.62 2.25 11.54
CA LYS A 36 4.86 1.09 11.12
C LYS A 36 3.40 1.29 11.52
N LEU A 37 2.46 0.79 10.72
CA LEU A 37 1.04 0.70 11.08
C LEU A 37 0.54 -0.72 10.91
N GLU A 38 -0.62 -0.99 11.51
CA GLU A 38 -1.26 -2.30 11.52
C GLU A 38 -1.91 -2.59 10.17
N THR A 39 -1.94 -3.86 9.78
CA THR A 39 -2.49 -4.31 8.50
C THR A 39 -3.25 -5.62 8.70
N ALA A 40 -4.29 -5.83 7.89
CA ALA A 40 -5.02 -7.09 7.75
C ALA A 40 -5.10 -7.37 6.25
N GLY A 41 -4.93 -8.61 5.82
CA GLY A 41 -4.88 -8.98 4.42
C GLY A 41 -6.08 -9.85 4.14
N GLU A 42 -7.06 -9.31 3.41
CA GLU A 42 -8.18 -10.08 2.90
C GLU A 42 -7.85 -10.52 1.48
N PHE A 43 -8.38 -11.69 1.09
CA PHE A 43 -8.14 -12.28 -0.22
C PHE A 43 -9.46 -12.36 -0.98
N VAL A 44 -9.43 -12.02 -2.26
CA VAL A 44 -10.55 -12.07 -3.18
C VAL A 44 -10.16 -12.85 -4.43
N ASP A 45 -11.17 -13.19 -5.24
CA ASP A 45 -11.02 -13.88 -6.53
C ASP A 45 -10.56 -12.89 -7.61
N ASP A 46 -9.52 -12.11 -7.27
CA ASP A 46 -8.99 -10.98 -8.01
C ASP A 46 -7.55 -10.68 -7.56
N GLY A 47 -7.25 -10.87 -6.27
CA GLY A 47 -5.96 -10.53 -5.68
C GLY A 47 -6.11 -10.43 -4.16
N THR A 48 -5.34 -9.53 -3.55
CA THR A 48 -5.34 -9.29 -2.12
C THR A 48 -5.73 -7.84 -1.88
N GLU A 49 -6.31 -7.55 -0.73
CA GLU A 49 -6.63 -6.23 -0.24
C GLU A 49 -6.08 -6.12 1.19
N THR A 50 -5.00 -5.36 1.36
CA THR A 50 -4.36 -5.14 2.65
C THR A 50 -4.95 -3.87 3.24
N HIS A 51 -5.85 -3.99 4.21
CA HIS A 51 -6.61 -2.88 4.79
C HIS A 51 -5.87 -2.26 5.98
N PHE A 52 -6.06 -0.96 6.17
CA PHE A 52 -5.65 -0.18 7.34
C PHE A 52 -6.49 1.11 7.38
N SER A 53 -6.26 2.00 8.35
CA SER A 53 -7.03 3.24 8.54
C SER A 53 -6.10 4.36 9.02
N ILE A 54 -6.38 5.60 8.62
CA ILE A 54 -5.61 6.80 8.92
C ILE A 54 -6.63 7.91 9.14
N GLY A 55 -6.50 8.70 10.21
CA GLY A 55 -7.47 9.74 10.52
C GLY A 55 -8.85 9.12 10.69
N ASN A 56 -9.85 9.64 9.97
CA ASN A 56 -11.21 9.09 9.91
C ASN A 56 -11.47 8.47 8.52
N HIS A 57 -10.45 7.84 7.93
CA HIS A 57 -10.49 7.28 6.58
C HIS A 57 -9.94 5.86 6.62
N ASP A 58 -10.47 4.97 5.78
CA ASP A 58 -9.90 3.64 5.57
C ASP A 58 -9.07 3.66 4.29
N CYS A 59 -8.04 2.82 4.27
CA CYS A 59 -7.12 2.66 3.17
C CYS A 59 -6.95 1.17 2.90
N TYR A 60 -6.65 0.79 1.67
CA TYR A 60 -6.25 -0.58 1.40
C TYR A 60 -5.28 -0.62 0.24
N ILE A 61 -4.26 -1.46 0.30
CA ILE A 61 -3.42 -1.72 -0.86
C ILE A 61 -4.12 -2.86 -1.59
N LYS A 62 -4.56 -2.60 -2.81
CA LYS A 62 -5.07 -3.63 -3.70
C LYS A 62 -3.85 -4.20 -4.39
N ALA A 63 -3.69 -5.52 -4.35
CA ALA A 63 -2.56 -6.22 -4.92
C ALA A 63 -3.16 -7.25 -5.88
N VAL A 64 -3.22 -6.91 -7.17
CA VAL A 64 -3.95 -7.66 -8.18
C VAL A 64 -3.03 -8.69 -8.81
N SER A 65 -3.38 -9.96 -8.82
CA SER A 65 -2.63 -11.04 -9.48
C SER A 65 -2.90 -11.05 -11.00
N SER A 66 -2.79 -9.88 -11.64
CA SER A 66 -2.97 -9.69 -13.06
C SER A 66 -1.89 -10.41 -13.88
N GLY A 67 -2.17 -10.65 -15.17
CA GLY A 67 -1.23 -11.27 -16.09
C GLY A 67 -1.12 -12.78 -15.85
N LYS A 68 0.07 -13.34 -16.11
CA LYS A 68 0.35 -14.77 -15.95
C LYS A 68 0.41 -15.15 -14.47
N ARG A 69 0.51 -16.45 -14.19
CA ARG A 69 0.63 -16.96 -12.81
C ARG A 69 1.96 -16.57 -12.16
N LYS A 70 3.02 -16.33 -12.95
CA LYS A 70 4.29 -15.80 -12.45
C LYS A 70 4.03 -14.45 -11.79
N GLU A 71 4.79 -14.15 -10.74
CA GLU A 71 4.59 -12.99 -9.90
C GLU A 71 4.79 -11.68 -10.70
N GLY A 72 3.67 -10.99 -10.97
CA GLY A 72 3.61 -9.66 -11.57
C GLY A 72 2.42 -8.90 -10.95
N ILE A 73 2.29 -9.01 -9.62
CA ILE A 73 1.13 -8.54 -8.88
C ILE A 73 1.16 -7.01 -8.93
N ILE A 74 0.05 -6.37 -9.31
CA ILE A 74 -0.05 -4.93 -9.47
C ILE A 74 -0.46 -4.38 -8.11
N HIS A 75 0.42 -3.63 -7.46
CA HIS A 75 0.13 -3.02 -6.16
C HIS A 75 -0.35 -1.59 -6.39
N THR A 76 -1.49 -1.23 -5.79
CA THR A 76 -2.04 0.12 -5.84
C THR A 76 -2.56 0.47 -4.44
N LEU A 77 -2.36 1.69 -3.97
CA LEU A 77 -3.00 2.15 -2.76
C LEU A 77 -4.38 2.68 -3.14
N ILE A 78 -5.40 2.29 -2.40
CA ILE A 78 -6.72 2.84 -2.44
C ILE A 78 -6.92 3.54 -1.09
N VAL A 79 -7.60 4.69 -1.06
CA VAL A 79 -8.00 5.40 0.14
C VAL A 79 -9.42 5.88 -0.06
N ASP A 80 -10.31 5.62 0.90
CA ASP A 80 -11.74 5.95 0.81
C ASP A 80 -12.36 5.45 -0.50
N ASN A 81 -11.95 4.25 -0.94
CA ASN A 81 -12.31 3.60 -2.20
C ASN A 81 -11.84 4.33 -3.48
N ARG A 82 -11.06 5.43 -3.37
CA ARG A 82 -10.43 6.10 -4.50
C ARG A 82 -9.06 5.51 -4.73
N GLU A 83 -8.64 5.47 -5.98
CA GLU A 83 -7.38 4.86 -6.38
C GLU A 83 -6.27 5.92 -6.38
N ILE A 84 -5.12 5.57 -5.79
CA ILE A 84 -3.97 6.43 -5.58
C ILE A 84 -2.80 5.82 -6.37
N PRO A 85 -2.31 6.46 -7.45
CA PRO A 85 -1.16 5.99 -8.20
C PRO A 85 0.14 6.23 -7.42
N GLU A 86 1.16 5.39 -7.68
CA GLU A 86 2.50 5.52 -7.11
C GLU A 86 3.08 6.91 -7.37
N ILE A 87 4.04 7.30 -6.53
CA ILE A 87 4.79 8.55 -6.69
C ILE A 87 5.56 8.57 -8.02
N ALA A 88 5.84 9.78 -8.51
CA ALA A 88 6.73 10.04 -9.62
C ALA A 88 7.57 11.26 -9.25
N SER A 89 8.83 11.01 -8.87
CA SER A 89 9.79 12.06 -8.55
C SER A 89 10.11 12.87 -9.81
#